data_3GWP
#
_entry.id   3GWP
#
_cell.length_a   78.740
_cell.length_b   108.948
_cell.length_c   207.642
_cell.angle_alpha   90.000
_cell.angle_beta   90.000
_cell.angle_gamma   90.000
#
_symmetry.space_group_name_H-M   'P 21 21 21'
#
_entity_poly.entity_id   1
_entity_poly.type   'polypeptide(L)'
_entity_poly.pdbx_seq_one_letter_code
;G(MSE)LESTKQFLKKYNINDRVLKLYETA(MSE)NDIQNQFKILDDIREFNQLKVLNAFQEERISEAHFTNSSGYGYGD
IGRDSLDAVYARVFNTESALVRPHFVNGTHALGAALFGNLRPGNT(MSE)LSVCGEPYDTLHDVIGITENSN(MSE)GSL
KEFGINYKQVDLKEDGKPNLEEIEKVLKEDESITLVHIQRSTGYGWRRALLIEDIKSIVDCVKNIRKDIICFVDNCYGEF
(MSE)DTKEPTDVGADLIAGSLI(LLP)NIGGGIAPTGGYLAGTKDCIEKTSYRLTVPGIGGECGSTFGVVRS(MSE)YQ
GLFLAPHIS(MSE)EALKGAILCSRI(MSE)ELAGFEV(MSE)PKYDEKRSDIIQSIKFNDKDKLIEFCKGIQTGSPIDS
FVSCEPWD(MSE)PGYTDQVI(MSE)AAGAFIQGSSIELSADAPIREPYIAYLQGGLTFDHAKIGILIALSRIVK
;
_entity_poly.pdbx_strand_id   A,B,C,D
#
# COMPACT_ATOMS: atom_id res chain seq x y z
N GLY A 1 -24.82 34.12 -6.12
CA GLY A 1 -25.87 33.04 -6.18
C GLY A 1 -25.55 31.98 -7.21
N MSE A 2 -26.45 31.00 -7.35
CA MSE A 2 -26.27 29.89 -8.29
C MSE A 2 -26.29 30.37 -9.77
O MSE A 2 -27.15 31.17 -10.16
CB MSE A 2 -27.35 28.82 -8.06
CG MSE A 2 -27.22 27.56 -8.94
SE MSE A 2 -28.49 26.15 -8.50
CE MSE A 2 -27.97 25.74 -6.68
N LEU A 3 -25.35 29.86 -10.56
CA LEU A 3 -25.23 30.22 -11.98
C LEU A 3 -26.27 29.51 -12.83
N GLU A 4 -26.60 30.08 -13.99
CA GLU A 4 -27.57 29.45 -14.94
C GLU A 4 -27.12 28.08 -15.38
N SER A 5 -25.81 27.93 -15.58
CA SER A 5 -25.23 26.65 -15.98
C SER A 5 -25.47 25.61 -14.90
N THR A 6 -25.18 25.99 -13.65
CA THR A 6 -25.36 25.10 -12.50
C THR A 6 -26.77 24.59 -12.41
N LYS A 7 -27.76 25.49 -12.46
CA LYS A 7 -29.17 25.07 -12.40
C LYS A 7 -29.64 24.37 -13.67
N GLN A 8 -29.03 24.71 -14.81
CA GLN A 8 -29.36 24.01 -16.06
C GLN A 8 -28.79 22.57 -15.99
N PHE A 9 -27.68 22.41 -15.26
CA PHE A 9 -27.07 21.08 -15.06
C PHE A 9 -27.95 20.28 -14.11
N LEU A 10 -28.39 20.91 -13.01
CA LEU A 10 -29.28 20.27 -12.02
C LEU A 10 -30.60 19.77 -12.63
N LYS A 11 -31.07 20.42 -13.70
CA LYS A 11 -32.29 19.97 -14.39
C LYS A 11 -32.12 18.59 -15.05
N LYS A 12 -30.86 18.21 -15.35
CA LYS A 12 -30.57 16.87 -15.88
C LYS A 12 -30.85 15.79 -14.79
N TYR A 13 -30.78 16.20 -13.51
CA TYR A 13 -31.08 15.32 -12.38
C TYR A 13 -32.56 15.42 -11.92
N ASN A 14 -33.41 15.98 -12.79
CA ASN A 14 -34.86 16.11 -12.52
C ASN A 14 -35.17 17.06 -11.33
N ILE A 15 -34.34 18.06 -11.13
CA ILE A 15 -34.52 19.03 -10.05
C ILE A 15 -35.44 20.17 -10.53
N ASN A 16 -36.64 20.22 -9.95
CA ASN A 16 -37.68 21.20 -10.33
C ASN A 16 -37.49 22.60 -9.71
N ASP A 17 -38.22 23.58 -10.27
CA ASP A 17 -38.17 24.98 -9.80
C ASP A 17 -38.65 25.15 -8.35
N ARG A 18 -39.64 24.35 -7.94
CA ARG A 18 -40.15 24.40 -6.57
C ARG A 18 -39.05 24.06 -5.56
N VAL A 19 -38.38 22.92 -5.79
CA VAL A 19 -37.27 22.45 -4.93
C VAL A 19 -36.12 23.43 -4.94
N LEU A 20 -35.78 23.91 -6.13
CA LEU A 20 -34.68 24.85 -6.30
C LEU A 20 -34.98 26.21 -5.65
N LYS A 21 -36.24 26.65 -5.70
CA LYS A 21 -36.67 27.89 -5.05
C LYS A 21 -36.70 27.69 -3.54
N LEU A 22 -37.07 26.47 -3.13
CA LEU A 22 -37.14 26.11 -1.70
C LEU A 22 -35.71 26.08 -1.12
N TYR A 23 -34.75 25.64 -1.94
CA TYR A 23 -33.32 25.64 -1.57
C TYR A 23 -32.78 27.06 -1.35
N GLU A 24 -33.08 27.97 -2.28
CA GLU A 24 -32.65 29.38 -2.18
C GLU A 24 -33.07 30.04 -0.86
N THR A 25 -34.31 29.77 -0.44
CA THR A 25 -34.82 30.31 0.83
C THR A 25 -34.07 29.71 2.00
N ALA A 26 -33.95 28.38 1.99
CA ALA A 26 -33.26 27.65 3.06
C ALA A 26 -31.80 28.11 3.22
N MSE A 27 -31.13 28.30 2.08
CA MSE A 27 -29.73 28.72 2.03
C MSE A 27 -29.56 30.14 2.62
O MSE A 27 -28.56 30.44 3.29
CB MSE A 27 -29.24 28.66 0.57
CG MSE A 27 -27.73 28.73 0.36
SE MSE A 27 -26.78 27.19 1.08
CE MSE A 27 -26.51 27.79 2.91
N ASN A 28 -30.54 31.00 2.35
CA ASN A 28 -30.56 32.37 2.87
C ASN A 28 -30.72 32.41 4.40
N ASP A 29 -31.64 31.59 4.91
CA ASP A 29 -31.93 31.54 6.36
C ASP A 29 -30.79 31.02 7.23
N ILE A 30 -30.11 29.96 6.77
CA ILE A 30 -29.00 29.34 7.54
C ILE A 30 -27.62 30.06 7.45
N GLN A 31 -27.56 31.23 6.80
CA GLN A 31 -26.30 31.99 6.64
C GLN A 31 -25.59 32.25 7.97
N ASN A 32 -26.30 32.86 8.92
CA ASN A 32 -25.74 33.20 10.26
C ASN A 32 -25.25 31.98 11.03
N GLN A 33 -25.95 30.85 10.89
CA GLN A 33 -25.58 29.62 11.56
C GLN A 33 -24.23 29.10 11.02
N PHE A 34 -24.04 29.20 9.71
CA PHE A 34 -22.78 28.79 9.03
C PHE A 34 -21.58 29.62 9.52
N LYS A 35 -21.83 30.92 9.80
CA LYS A 35 -20.78 31.80 10.31
C LYS A 35 -20.35 31.38 11.74
N ILE A 36 -21.30 30.85 12.52
CA ILE A 36 -21.01 30.34 13.87
C ILE A 36 -20.13 29.08 13.78
N LEU A 37 -20.33 28.28 12.73
CA LEU A 37 -19.52 27.06 12.49
C LEU A 37 -18.11 27.40 12.01
N ASP A 38 -17.99 28.44 11.16
CA ASP A 38 -16.69 28.88 10.61
C ASP A 38 -15.71 29.38 11.66
N ASP A 39 -16.20 30.09 12.68
CA ASP A 39 -15.30 30.58 13.76
C ASP A 39 -14.98 29.51 14.82
N ILE A 40 -15.72 28.38 14.80
CA ILE A 40 -15.42 27.22 15.68
C ILE A 40 -14.38 26.34 14.97
N ARG A 41 -14.57 26.16 13.65
CA ARG A 41 -13.65 25.39 12.79
C ARG A 41 -12.23 26.00 12.82
N GLU A 42 -12.18 27.33 12.77
CA GLU A 42 -10.94 28.11 12.78
C GLU A 42 -10.07 27.71 13.96
N PHE A 43 -10.68 27.71 15.15
CA PHE A 43 -10.00 27.33 16.39
C PHE A 43 -9.53 25.88 16.34
N ASN A 44 -10.38 24.99 15.83
CA ASN A 44 -10.04 23.56 15.73
C ASN A 44 -8.89 23.28 14.77
N GLN A 45 -8.80 24.03 13.66
CA GLN A 45 -7.70 23.87 12.72
C GLN A 45 -6.39 24.29 13.40
N LEU A 46 -6.46 25.38 14.17
CA LEU A 46 -5.31 25.91 14.92
C LEU A 46 -4.90 24.96 16.05
N LYS A 47 -5.89 24.35 16.70
CA LYS A 47 -5.65 23.39 17.78
C LYS A 47 -4.89 22.19 17.25
N VAL A 48 -5.37 21.65 16.12
CA VAL A 48 -4.72 20.49 15.48
C VAL A 48 -3.35 20.86 14.93
N LEU A 49 -3.29 21.97 14.17
CA LEU A 49 -2.02 22.46 13.59
C LEU A 49 -0.94 22.57 14.65
N ASN A 50 -1.31 23.11 15.82
CA ASN A 50 -0.40 23.26 16.94
C ASN A 50 0.10 21.89 17.44
N ALA A 51 -0.83 20.93 17.59
CA ALA A 51 -0.50 19.57 18.05
C ALA A 51 0.62 18.95 17.22
N PHE A 52 0.50 19.05 15.89
CA PHE A 52 1.54 18.57 14.97
C PHE A 52 2.86 19.27 15.25
N GLN A 53 2.79 20.59 15.36
CA GLN A 53 3.97 21.42 15.59
C GLN A 53 4.62 21.17 16.97
N GLU A 54 3.80 21.03 18.00
CA GLU A 54 4.31 20.74 19.35
C GLU A 54 5.02 19.39 19.37
N GLU A 55 4.43 18.39 18.69
CA GLU A 55 5.04 17.06 18.58
C GLU A 55 6.20 16.98 17.58
N ARG A 56 6.43 18.08 16.83
CA ARG A 56 7.59 18.19 15.95
C ARG A 56 7.53 17.13 14.82
N ILE A 57 6.34 16.98 14.24
CA ILE A 57 6.06 16.01 13.17
C ILE A 57 6.83 16.34 11.90
N SER A 58 7.24 15.30 11.17
CA SER A 58 8.07 15.45 9.97
C SER A 58 7.82 14.31 8.97
N GLU A 59 8.52 14.40 7.83
CA GLU A 59 8.48 13.34 6.81
C GLU A 59 8.91 11.95 7.33
N ALA A 60 9.72 11.93 8.40
CA ALA A 60 10.18 10.68 9.01
C ALA A 60 9.06 9.95 9.81
N HIS A 61 8.00 10.68 10.18
CA HIS A 61 6.87 10.09 10.92
C HIS A 61 5.86 9.32 10.04
N PHE A 62 6.05 9.35 8.71
CA PHE A 62 5.21 8.59 7.80
C PHE A 62 5.89 7.25 7.57
N THR A 63 5.93 6.47 8.65
CA THR A 63 6.61 5.20 8.66
C THR A 63 5.86 4.09 7.96
N ASN A 64 6.60 3.05 7.61
CA ASN A 64 6.06 1.85 6.99
C ASN A 64 6.68 0.69 7.78
N SER A 65 6.15 0.48 8.98
CA SER A 65 6.62 -0.57 9.88
C SER A 65 6.11 -1.94 9.47
N SER A 66 6.65 -2.98 10.11
CA SER A 66 6.27 -4.36 9.85
C SER A 66 6.52 -5.24 11.07
N GLY A 67 6.02 -6.47 11.02
CA GLY A 67 6.17 -7.45 12.10
C GLY A 67 5.61 -6.92 13.41
N TYR A 68 6.44 -6.90 14.45
CA TYR A 68 6.05 -6.38 15.75
C TYR A 68 5.84 -4.88 15.62
N GLY A 69 6.86 -4.21 15.09
CA GLY A 69 6.83 -2.78 14.88
C GLY A 69 7.30 -1.98 16.08
N TYR A 70 8.34 -2.47 16.76
CA TYR A 70 8.90 -1.77 17.92
C TYR A 70 9.56 -0.48 17.42
N GLY A 71 9.48 0.57 18.23
CA GLY A 71 10.09 1.87 17.89
C GLY A 71 9.46 2.58 16.69
N ASP A 72 8.18 2.28 16.41
CA ASP A 72 7.47 2.91 15.31
C ASP A 72 7.11 4.33 15.74
N ILE A 73 8.03 5.26 15.47
CA ILE A 73 7.87 6.69 15.85
C ILE A 73 6.58 7.34 15.31
N GLY A 74 6.15 6.93 14.11
CA GLY A 74 4.93 7.47 13.50
C GLY A 74 3.68 7.13 14.28
N ARG A 75 3.63 5.89 14.78
CA ARG A 75 2.51 5.40 15.58
C ARG A 75 2.47 6.08 16.97
N ASP A 76 3.65 6.29 17.55
CA ASP A 76 3.77 6.88 18.89
C ASP A 76 3.50 8.39 18.86
N SER A 77 4.03 9.08 17.84
CA SER A 77 3.80 10.53 17.70
C SER A 77 2.35 10.83 17.30
N LEU A 78 1.70 9.88 16.61
CA LEU A 78 0.29 10.05 16.26
C LEU A 78 -0.55 10.07 17.54
N ASP A 79 -0.26 9.15 18.46
CA ASP A 79 -0.97 9.10 19.76
C ASP A 79 -0.74 10.39 20.52
N ALA A 80 0.53 10.81 20.58
CA ALA A 80 0.90 12.03 21.27
C ALA A 80 0.22 13.27 20.66
N VAL A 81 0.02 13.27 19.33
CA VAL A 81 -0.67 14.38 18.66
C VAL A 81 -2.13 14.40 19.11
N TYR A 82 -2.79 13.24 19.08
CA TYR A 82 -4.19 13.11 19.54
C TYR A 82 -4.33 13.56 20.99
N ALA A 83 -3.37 13.15 21.84
CA ALA A 83 -3.36 13.52 23.26
C ALA A 83 -3.36 15.04 23.42
N ARG A 84 -2.54 15.72 22.61
CA ARG A 84 -2.47 17.19 22.64
C ARG A 84 -3.75 17.84 22.10
N VAL A 85 -4.38 17.20 21.12
CA VAL A 85 -5.64 17.70 20.56
C VAL A 85 -6.73 17.63 21.65
N PHE A 86 -6.87 16.46 22.27
CA PHE A 86 -7.87 16.24 23.33
C PHE A 86 -7.38 16.62 24.75
N ASN A 87 -6.18 17.21 24.86
CA ASN A 87 -5.61 17.63 26.16
C ASN A 87 -5.67 16.51 27.20
N THR A 88 -5.22 15.32 26.81
CA THR A 88 -5.22 14.14 27.69
C THR A 88 -3.79 13.68 27.91
N GLU A 89 -3.60 12.84 28.94
CA GLU A 89 -2.28 12.31 29.27
C GLU A 89 -1.76 11.41 28.17
N SER A 90 -2.57 10.42 27.82
CA SER A 90 -2.21 9.42 26.83
C SER A 90 -3.27 9.29 25.74
N ALA A 91 -2.95 8.48 24.74
CA ALA A 91 -3.86 8.21 23.63
C ALA A 91 -3.49 6.88 22.97
N LEU A 92 -4.46 6.32 22.25
CA LEU A 92 -4.29 5.05 21.56
C LEU A 92 -5.06 5.07 20.26
N VAL A 93 -4.38 5.52 19.20
CA VAL A 93 -4.95 5.63 17.86
C VAL A 93 -4.34 4.54 17.00
N ARG A 94 -5.14 3.52 16.66
CA ARG A 94 -4.68 2.36 15.88
C ARG A 94 -5.58 2.05 14.68
N PRO A 95 -4.98 1.56 13.58
CA PRO A 95 -5.80 1.10 12.46
C PRO A 95 -6.39 -0.30 12.76
N HIS A 96 -5.83 -0.98 13.77
CA HIS A 96 -6.23 -2.34 14.19
C HIS A 96 -7.68 -2.45 14.66
N PHE A 97 -8.26 -1.34 15.12
CA PHE A 97 -9.65 -1.33 15.54
C PHE A 97 -10.51 -1.51 14.30
N VAL A 98 -11.30 -2.59 14.29
CA VAL A 98 -12.19 -2.88 13.16
C VAL A 98 -13.21 -1.77 12.94
N ASN A 99 -13.72 -1.19 14.04
CA ASN A 99 -14.68 -0.08 13.98
C ASN A 99 -14.79 0.69 15.31
N GLY A 100 -15.69 1.68 15.38
CA GLY A 100 -15.93 2.46 16.59
C GLY A 100 -16.45 1.62 17.76
N THR A 101 -17.28 0.62 17.46
CA THR A 101 -17.82 -0.28 18.50
C THR A 101 -16.68 -1.03 19.19
N HIS A 102 -15.71 -1.49 18.41
CA HIS A 102 -14.53 -2.21 18.94
C HIS A 102 -13.66 -1.29 19.82
N ALA A 103 -13.65 0.01 19.50
CA ALA A 103 -12.92 0.99 20.31
C ALA A 103 -13.63 1.13 21.66
N LEU A 104 -14.95 1.27 21.61
CA LEU A 104 -15.77 1.40 22.83
C LEU A 104 -15.68 0.14 23.68
N GLY A 105 -15.81 -1.02 23.04
CA GLY A 105 -15.73 -2.30 23.74
C GLY A 105 -14.40 -2.50 24.44
N ALA A 106 -13.31 -2.11 23.78
CA ALA A 106 -11.97 -2.22 24.36
C ALA A 106 -11.83 -1.39 25.63
N ALA A 107 -12.44 -0.20 25.63
CA ALA A 107 -12.42 0.70 26.77
C ALA A 107 -13.16 0.12 27.97
N LEU A 108 -14.30 -0.52 27.71
CA LEU A 108 -15.13 -1.11 28.77
C LEU A 108 -14.49 -2.37 29.39
N PHE A 109 -14.16 -3.36 28.55
CA PHE A 109 -13.47 -4.57 29.04
C PHE A 109 -12.14 -4.24 29.70
N GLY A 110 -11.46 -3.21 29.18
CA GLY A 110 -10.17 -2.78 29.70
C GLY A 110 -10.22 -2.18 31.09
N ASN A 111 -11.25 -1.38 31.38
CA ASN A 111 -11.37 -0.69 32.71
C ASN A 111 -12.31 -1.33 33.75
N LEU A 112 -13.11 -2.32 33.35
CA LEU A 112 -14.04 -3.01 34.28
C LEU A 112 -13.55 -4.44 34.59
N ARG A 113 -13.70 -4.85 35.85
CA ARG A 113 -13.29 -6.19 36.33
C ARG A 113 -14.49 -6.91 36.95
N PRO A 114 -14.40 -8.24 37.17
CA PRO A 114 -15.53 -8.96 37.79
C PRO A 114 -15.92 -8.32 39.13
N GLY A 115 -17.22 -8.09 39.32
CA GLY A 115 -17.73 -7.46 40.54
C GLY A 115 -18.08 -5.99 40.37
N ASN A 116 -17.43 -5.32 39.40
CA ASN A 116 -17.70 -3.90 39.12
C ASN A 116 -19.02 -3.70 38.36
N THR A 117 -19.67 -2.56 38.60
CA THR A 117 -20.92 -2.20 37.93
C THR A 117 -20.67 -1.02 36.96
N MSE A 118 -21.40 -1.04 35.85
CA MSE A 118 -21.32 -0.01 34.81
C MSE A 118 -22.62 0.77 34.83
O MSE A 118 -23.67 0.21 35.11
CB MSE A 118 -21.14 -0.70 33.46
CG MSE A 118 -20.96 0.21 32.29
SE MSE A 118 -21.00 -0.79 30.66
CE MSE A 118 -20.78 0.68 29.43
N LEU A 119 -22.55 2.07 34.49
CA LEU A 119 -23.75 2.92 34.49
C LEU A 119 -23.82 3.86 33.26
N SER A 120 -24.88 3.72 32.46
CA SER A 120 -25.10 4.60 31.32
C SER A 120 -26.07 5.68 31.75
N VAL A 121 -25.63 6.93 31.70
CA VAL A 121 -26.46 8.06 32.13
C VAL A 121 -27.27 8.70 30.98
N CYS A 122 -27.02 8.26 29.73
CA CYS A 122 -27.75 8.77 28.55
C CYS A 122 -28.80 7.75 28.05
N GLY A 123 -29.34 6.96 28.97
CA GLY A 123 -30.34 5.95 28.64
C GLY A 123 -29.75 4.72 27.99
N GLU A 124 -30.55 4.09 27.13
CA GLU A 124 -30.17 2.88 26.43
C GLU A 124 -29.09 3.23 25.40
N PRO A 125 -27.92 2.55 25.49
CA PRO A 125 -26.82 2.87 24.58
C PRO A 125 -27.02 2.42 23.12
N TYR A 126 -26.01 2.74 22.29
CA TYR A 126 -25.98 2.42 20.85
C TYR A 126 -26.24 0.92 20.57
N ASP A 127 -27.43 0.62 20.04
CA ASP A 127 -27.90 -0.77 19.71
C ASP A 127 -26.83 -1.94 19.64
N THR A 128 -25.72 -1.74 18.91
CA THR A 128 -24.68 -2.80 18.79
C THR A 128 -23.84 -2.97 20.07
N LEU A 129 -23.88 -1.99 20.96
CA LEU A 129 -23.15 -2.04 22.23
C LEU A 129 -23.85 -2.96 23.27
N HIS A 130 -25.07 -3.40 22.99
CA HIS A 130 -25.83 -4.29 23.91
C HIS A 130 -25.18 -5.65 24.09
N ASP A 131 -24.82 -6.30 22.98
CA ASP A 131 -24.19 -7.63 23.02
C ASP A 131 -22.82 -7.60 23.70
N VAL A 132 -22.11 -6.47 23.56
CA VAL A 132 -20.82 -6.28 24.19
C VAL A 132 -20.99 -6.26 25.71
N ILE A 133 -21.96 -5.47 26.18
CA ILE A 133 -22.25 -5.36 27.62
C ILE A 133 -22.97 -6.62 28.13
N GLY A 134 -23.93 -7.11 27.33
CA GLY A 134 -24.72 -8.29 27.69
C GLY A 134 -25.95 -7.88 28.47
N ILE A 135 -26.64 -6.86 27.96
CA ILE A 135 -27.83 -6.31 28.61
C ILE A 135 -29.00 -7.29 28.57
N THR A 136 -29.47 -7.61 27.36
CA THR A 136 -30.62 -8.52 27.18
C THR A 136 -30.19 -9.96 26.83
N GLU A 137 -29.76 -10.18 25.58
CA GLU A 137 -29.37 -11.51 25.12
C GLU A 137 -27.93 -11.82 25.52
N ASN A 138 -27.72 -13.01 26.11
CA ASN A 138 -26.37 -13.48 26.53
C ASN A 138 -26.00 -14.88 26.00
N SER A 139 -25.69 -14.96 24.71
CA SER A 139 -25.18 -16.18 24.11
C SER A 139 -23.75 -16.25 24.62
N ASN A 140 -23.18 -17.44 24.74
CA ASN A 140 -21.82 -17.58 25.30
C ASN A 140 -20.71 -16.95 24.40
N MSE A 141 -20.81 -15.64 24.16
CA MSE A 141 -19.86 -14.89 23.34
C MSE A 141 -18.78 -14.21 24.20
O MSE A 141 -17.70 -13.88 23.69
CB MSE A 141 -20.58 -13.82 22.51
CG MSE A 141 -21.55 -14.37 21.47
SE MSE A 141 -22.18 -12.98 20.23
CE MSE A 141 -23.30 -14.08 19.06
N GLY A 142 -19.09 -13.99 25.48
CA GLY A 142 -18.15 -13.37 26.42
C GLY A 142 -18.45 -11.91 26.66
N SER A 143 -19.70 -11.59 27.01
CA SER A 143 -20.11 -10.22 27.28
C SER A 143 -19.60 -9.80 28.66
N LEU A 144 -19.72 -8.50 28.96
CA LEU A 144 -19.27 -7.96 30.24
C LEU A 144 -19.96 -8.67 31.41
N LYS A 145 -21.27 -8.89 31.30
CA LYS A 145 -22.01 -9.61 32.34
C LYS A 145 -21.46 -11.03 32.48
N GLU A 146 -21.09 -11.67 31.37
CA GLU A 146 -20.53 -13.04 31.41
C GLU A 146 -19.13 -13.12 32.07
N PHE A 147 -18.45 -11.98 32.20
CA PHE A 147 -17.17 -11.90 32.92
C PHE A 147 -17.38 -11.20 34.30
N GLY A 148 -18.59 -11.35 34.86
CA GLY A 148 -18.93 -10.79 36.17
C GLY A 148 -19.03 -9.27 36.28
N ILE A 149 -19.14 -8.58 35.14
CA ILE A 149 -19.25 -7.10 35.14
C ILE A 149 -20.73 -6.71 34.99
N ASN A 150 -21.27 -6.05 36.02
CA ASN A 150 -22.69 -5.65 36.04
C ASN A 150 -22.99 -4.39 35.24
N TYR A 151 -24.27 -4.19 34.96
CA TYR A 151 -24.76 -3.02 34.21
C TYR A 151 -26.02 -2.42 34.83
N LYS A 152 -26.09 -1.09 34.83
CA LYS A 152 -27.27 -0.35 35.29
C LYS A 152 -27.51 0.80 34.33
N GLN A 153 -28.69 1.40 34.38
CA GLN A 153 -29.05 2.46 33.44
C GLN A 153 -29.93 3.55 34.04
N VAL A 154 -29.68 4.79 33.60
CA VAL A 154 -30.45 5.96 34.01
C VAL A 154 -30.78 6.75 32.74
N ASP A 155 -32.07 6.84 32.41
CA ASP A 155 -32.51 7.53 31.20
C ASP A 155 -32.45 9.04 31.37
N LEU A 156 -32.48 9.74 30.24
CA LEU A 156 -32.51 11.19 30.22
C LEU A 156 -33.91 11.62 30.61
N LYS A 157 -34.07 12.89 30.96
CA LYS A 157 -35.37 13.42 31.32
C LYS A 157 -36.22 13.62 30.05
N GLU A 158 -37.50 13.95 30.24
CA GLU A 158 -38.40 14.18 29.11
C GLU A 158 -37.90 15.30 28.18
N ASP A 159 -37.28 16.33 28.77
CA ASP A 159 -36.73 17.46 27.99
C ASP A 159 -35.47 17.12 27.17
N GLY A 160 -34.83 15.96 27.45
CA GLY A 160 -33.61 15.54 26.72
C GLY A 160 -32.32 15.69 27.51
N LYS A 161 -32.34 16.51 28.56
CA LYS A 161 -31.17 16.72 29.42
C LYS A 161 -31.00 15.52 30.38
N PRO A 162 -29.76 15.34 30.94
CA PRO A 162 -29.50 14.22 31.84
C PRO A 162 -30.16 14.36 33.21
N ASN A 163 -30.68 13.25 33.72
CA ASN A 163 -31.34 13.22 35.02
C ASN A 163 -30.27 13.13 36.13
N LEU A 164 -29.78 14.29 36.55
CA LEU A 164 -28.72 14.36 37.56
C LEU A 164 -29.13 13.85 38.95
N GLU A 165 -30.37 14.11 39.35
CA GLU A 165 -30.86 13.65 40.68
C GLU A 165 -30.81 12.11 40.82
N GLU A 166 -31.28 11.38 39.81
CA GLU A 166 -31.23 9.91 39.81
C GLU A 166 -29.79 9.40 39.77
N ILE A 167 -28.98 10.01 38.92
CA ILE A 167 -27.56 9.65 38.77
C ILE A 167 -26.87 9.65 40.14
N GLU A 168 -27.13 10.68 40.94
CA GLU A 168 -26.56 10.77 42.29
C GLU A 168 -27.01 9.61 43.17
N LYS A 169 -28.31 9.43 43.27
CA LYS A 169 -28.91 8.38 44.10
C LYS A 169 -28.39 6.99 43.70
N VAL A 170 -28.40 6.70 42.39
CA VAL A 170 -27.93 5.40 41.87
C VAL A 170 -26.46 5.11 42.25
N LEU A 171 -25.61 6.12 42.15
CA LEU A 171 -24.18 5.98 42.51
C LEU A 171 -24.00 5.79 44.02
N LYS A 172 -24.73 6.56 44.83
CA LYS A 172 -24.63 6.43 46.29
C LYS A 172 -25.11 5.07 46.77
N GLU A 173 -26.23 4.59 46.24
CA GLU A 173 -26.82 3.29 46.62
C GLU A 173 -26.01 2.05 46.21
N ASP A 174 -25.22 2.16 45.14
CA ASP A 174 -24.40 1.05 44.66
C ASP A 174 -22.95 1.53 44.51
N GLU A 175 -22.12 1.20 45.51
CA GLU A 175 -20.69 1.58 45.51
C GLU A 175 -19.83 0.75 44.55
N SER A 176 -20.39 -0.31 43.97
CA SER A 176 -19.67 -1.13 42.99
C SER A 176 -19.51 -0.42 41.62
N ILE A 177 -20.29 0.66 41.40
CA ILE A 177 -20.22 1.42 40.16
C ILE A 177 -18.87 2.14 40.07
N THR A 178 -18.01 1.65 39.17
CA THR A 178 -16.68 2.24 38.96
C THR A 178 -16.54 2.96 37.62
N LEU A 179 -17.54 2.80 36.72
CA LEU A 179 -17.50 3.43 35.38
C LEU A 179 -18.85 4.04 35.02
N VAL A 180 -18.80 5.22 34.38
CA VAL A 180 -20.01 5.93 33.93
C VAL A 180 -19.94 6.16 32.42
N HIS A 181 -20.74 5.41 31.67
CA HIS A 181 -20.80 5.53 30.22
C HIS A 181 -21.65 6.74 29.84
N ILE A 182 -21.19 7.49 28.84
CA ILE A 182 -21.90 8.68 28.34
C ILE A 182 -21.86 8.75 26.82
N GLN A 183 -22.99 8.51 26.16
CA GLN A 183 -23.03 8.62 24.70
C GLN A 183 -23.28 10.08 24.34
N ARG A 184 -22.43 10.64 23.47
CA ARG A 184 -22.56 12.05 23.05
C ARG A 184 -23.58 12.22 21.94
N SER A 185 -23.47 11.39 20.90
CA SER A 185 -24.37 11.46 19.76
C SER A 185 -25.78 11.14 20.22
N THR A 186 -26.77 11.80 19.61
CA THR A 186 -28.17 11.59 19.96
C THR A 186 -28.62 10.17 19.59
N GLY A 187 -28.01 9.62 18.52
CA GLY A 187 -28.32 8.27 18.06
C GLY A 187 -29.53 8.29 17.16
N TYR A 188 -30.58 7.60 17.59
CA TYR A 188 -31.84 7.52 16.84
C TYR A 188 -33.06 8.05 17.63
N GLY A 189 -32.79 8.71 18.76
CA GLY A 189 -33.85 9.27 19.60
C GLY A 189 -34.25 10.66 19.12
N TRP A 190 -35.56 10.92 19.08
CA TRP A 190 -36.09 12.20 18.67
C TRP A 190 -36.02 13.14 19.88
N ARG A 191 -34.81 13.65 20.16
CA ARG A 191 -34.56 14.54 21.31
C ARG A 191 -33.40 15.51 21.05
N ARG A 192 -33.31 16.55 21.87
CA ARG A 192 -32.26 17.56 21.75
C ARG A 192 -30.87 16.94 22.00
N ALA A 193 -29.86 17.49 21.33
CA ALA A 193 -28.48 16.98 21.43
C ALA A 193 -27.87 17.24 22.82
N LEU A 194 -26.93 16.37 23.20
CA LEU A 194 -26.22 16.48 24.47
C LEU A 194 -24.95 17.30 24.22
N LEU A 195 -24.93 18.54 24.70
CA LEU A 195 -23.82 19.46 24.49
C LEU A 195 -22.68 19.23 25.49
N ILE A 196 -21.50 19.78 25.18
CA ILE A 196 -20.31 19.70 26.08
C ILE A 196 -20.65 20.30 27.45
N GLU A 197 -21.51 21.32 27.42
CA GLU A 197 -22.04 21.98 28.62
C GLU A 197 -22.78 20.94 29.48
N ASP A 198 -23.61 20.13 28.82
CA ASP A 198 -24.40 19.08 29.50
C ASP A 198 -23.49 17.91 29.94
N ILE A 199 -22.46 17.61 29.13
CA ILE A 199 -21.49 16.56 29.47
C ILE A 199 -20.70 16.94 30.73
N LYS A 200 -20.37 18.24 30.86
CA LYS A 200 -19.67 18.76 32.04
C LYS A 200 -20.51 18.53 33.30
N SER A 201 -21.81 18.82 33.19
CA SER A 201 -22.75 18.64 34.30
C SER A 201 -22.79 17.19 34.79
N ILE A 202 -22.68 16.23 33.86
CA ILE A 202 -22.65 14.80 34.21
C ILE A 202 -21.34 14.47 34.94
N VAL A 203 -20.23 14.99 34.43
CA VAL A 203 -18.91 14.73 35.03
C VAL A 203 -18.84 15.31 36.44
N ASP A 204 -19.11 16.61 36.56
CA ASP A 204 -19.09 17.30 37.88
C ASP A 204 -19.96 16.58 38.90
N CYS A 205 -21.11 16.09 38.44
CA CYS A 205 -22.07 15.38 39.28
C CYS A 205 -21.52 14.05 39.81
N VAL A 206 -21.13 13.15 38.90
CA VAL A 206 -20.60 11.83 39.31
C VAL A 206 -19.28 11.91 40.07
N LYS A 207 -18.46 12.92 39.75
CA LYS A 207 -17.15 13.08 40.39
C LYS A 207 -17.30 13.56 41.84
N ASN A 208 -18.35 14.34 42.11
CA ASN A 208 -18.62 14.88 43.45
C ASN A 208 -18.95 13.79 44.47
N ILE A 209 -19.71 12.78 44.02
CA ILE A 209 -20.08 11.64 44.89
C ILE A 209 -18.88 10.76 45.14
N ARG A 210 -18.15 10.43 44.09
CA ARG A 210 -16.99 9.59 44.21
C ARG A 210 -16.01 9.86 43.02
N LYS A 211 -14.96 10.66 43.29
CA LYS A 211 -13.95 11.07 42.29
C LYS A 211 -13.20 9.90 41.63
N ASP A 212 -13.22 8.76 42.30
CA ASP A 212 -12.60 7.54 41.81
C ASP A 212 -13.28 7.00 40.51
N ILE A 213 -14.55 7.37 40.27
CA ILE A 213 -15.32 6.88 39.12
C ILE A 213 -14.79 7.39 37.77
N ILE A 214 -14.57 6.45 36.84
CA ILE A 214 -14.04 6.79 35.50
C ILE A 214 -15.15 7.22 34.52
N CYS A 215 -15.13 8.50 34.13
CA CYS A 215 -16.13 9.05 33.18
C CYS A 215 -15.74 8.74 31.73
N PHE A 216 -16.41 7.75 31.14
CA PHE A 216 -16.15 7.35 29.75
C PHE A 216 -17.21 7.93 28.83
N VAL A 217 -16.78 8.55 27.74
CA VAL A 217 -17.70 9.19 26.78
C VAL A 217 -17.53 8.69 25.34
N ASP A 218 -18.56 8.02 24.80
CA ASP A 218 -18.56 7.59 23.39
C ASP A 218 -18.65 8.86 22.55
N ASN A 219 -17.51 9.30 22.05
CA ASN A 219 -17.36 10.56 21.32
C ASN A 219 -17.61 10.49 19.79
N CYS A 220 -18.26 9.42 19.30
CA CYS A 220 -18.55 9.30 17.86
C CYS A 220 -19.42 10.44 17.36
N TYR A 221 -19.02 11.01 16.21
CA TYR A 221 -19.70 12.16 15.56
C TYR A 221 -19.49 13.54 16.23
N GLY A 222 -18.98 13.56 17.46
CA GLY A 222 -18.78 14.82 18.17
C GLY A 222 -17.42 15.47 17.98
N GLU A 223 -16.55 14.87 17.16
CA GLU A 223 -15.20 15.41 16.98
C GLU A 223 -15.24 16.72 16.22
N PHE A 224 -14.64 17.75 16.82
CA PHE A 224 -14.56 19.10 16.23
C PHE A 224 -15.93 19.75 15.97
N MSE A 225 -16.92 19.31 16.74
CA MSE A 225 -18.28 19.81 16.62
C MSE A 225 -18.40 21.09 17.49
O MSE A 225 -19.30 21.91 17.28
CB MSE A 225 -19.24 18.72 17.12
CG MSE A 225 -20.61 18.63 16.42
SE MSE A 225 -20.53 18.41 14.45
CE MSE A 225 -18.99 17.25 14.32
N ASP A 226 -17.46 21.26 18.43
CA ASP A 226 -17.38 22.40 19.32
C ASP A 226 -15.88 22.70 19.53
N THR A 227 -15.55 23.86 20.11
CA THR A 227 -14.15 24.22 20.39
C THR A 227 -13.56 23.31 21.47
N LYS A 228 -14.34 23.02 22.51
CA LYS A 228 -13.92 22.13 23.58
C LYS A 228 -14.43 20.70 23.30
N GLU A 229 -13.68 19.70 23.77
CA GLU A 229 -14.03 18.28 23.60
C GLU A 229 -14.40 17.70 24.99
N PRO A 230 -15.02 16.48 25.03
CA PRO A 230 -15.42 15.90 26.33
C PRO A 230 -14.29 15.81 27.38
N THR A 231 -13.06 15.58 26.92
CA THR A 231 -11.89 15.52 27.82
C THR A 231 -11.57 16.88 28.47
N ASP A 232 -11.94 17.99 27.81
CA ASP A 232 -11.73 19.34 28.37
C ASP A 232 -12.72 19.69 29.49
N VAL A 233 -13.82 18.93 29.58
CA VAL A 233 -14.83 19.13 30.64
C VAL A 233 -14.81 18.01 31.73
N GLY A 234 -13.66 17.32 31.87
CA GLY A 234 -13.47 16.30 32.91
C GLY A 234 -13.61 14.83 32.54
N ALA A 235 -13.67 14.50 31.25
CA ALA A 235 -13.79 13.11 30.83
C ALA A 235 -12.46 12.37 31.01
N ASP A 236 -12.49 11.29 31.80
CA ASP A 236 -11.29 10.48 32.06
C ASP A 236 -10.87 9.68 30.84
N LEU A 237 -11.83 9.33 29.97
CA LEU A 237 -11.54 8.55 28.76
C LEU A 237 -12.62 8.76 27.71
N ILE A 238 -12.24 8.70 26.44
CA ILE A 238 -13.20 8.81 25.32
C ILE A 238 -12.82 7.84 24.20
N ALA A 239 -13.76 7.56 23.29
CA ALA A 239 -13.52 6.65 22.17
C ALA A 239 -14.34 7.05 20.94
N GLY A 240 -13.80 6.77 19.75
CA GLY A 240 -14.48 7.08 18.50
C GLY A 240 -13.96 6.27 17.32
N SER A 241 -14.50 6.55 16.12
CA SER A 241 -14.14 5.84 14.88
C SER A 241 -13.40 6.74 13.88
N LEU A 242 -12.31 6.22 13.30
CA LEU A 242 -11.51 6.97 12.32
C LEU A 242 -12.19 7.07 10.94
N ILE A 243 -13.19 6.23 10.64
CA ILE A 243 -13.93 6.35 9.35
C ILE A 243 -15.15 7.30 9.48
N1 LLP A 244 -21.63 4.82 19.15
C2 LLP A 244 -22.29 5.76 18.40
C2' LLP A 244 -23.24 6.72 19.07
C3 LLP A 244 -22.10 5.81 17.02
O3 LLP A 244 -22.69 6.65 16.35
C4 LLP A 244 -21.20 4.90 16.40
C4' LLP A 244 -20.94 4.90 14.91
C5 LLP A 244 -20.54 3.96 17.19
C6 LLP A 244 -20.75 3.91 18.56
C5' LLP A 244 -19.60 3.00 16.56
OP4 LLP A 244 -20.11 1.88 15.81
P LLP A 244 -19.53 1.53 14.36
OP1 LLP A 244 -19.42 0.06 14.37
OP2 LLP A 244 -18.22 2.23 14.28
OP3 LLP A 244 -20.57 2.09 13.44
N LLP A 244 -15.28 7.95 10.65
CA LLP A 244 -16.31 8.96 10.87
CB LLP A 244 -17.04 8.71 12.20
CG LLP A 244 -17.78 7.38 12.23
CD LLP A 244 -18.68 7.29 13.44
CE LLP A 244 -19.52 6.02 13.42
NZ LLP A 244 -20.58 6.11 14.46
C LLP A 244 -15.64 10.35 10.78
O LLP A 244 -14.85 10.58 9.86
N ASN A 245 -15.89 11.24 11.75
CA ASN A 245 -15.37 12.63 11.68
C ASN A 245 -13.86 12.82 11.72
N ILE A 246 -13.23 12.19 12.71
CA ILE A 246 -11.79 12.40 12.98
C ILE A 246 -10.79 11.93 11.89
N GLY A 247 -11.24 11.17 10.91
CA GLY A 247 -10.37 10.74 9.81
C GLY A 247 -10.43 11.65 8.59
N GLY A 248 -11.27 12.70 8.65
CA GLY A 248 -11.45 13.67 7.55
C GLY A 248 -11.80 13.06 6.19
N GLY A 249 -12.47 11.90 6.21
CA GLY A 249 -12.82 11.20 4.98
C GLY A 249 -11.61 10.54 4.27
N ILE A 250 -10.43 10.55 4.92
CA ILE A 250 -9.20 10.00 4.35
C ILE A 250 -8.75 8.71 5.06
N ALA A 251 -8.84 8.70 6.40
CA ALA A 251 -8.46 7.53 7.20
C ALA A 251 -9.18 6.29 6.66
N PRO A 252 -8.41 5.24 6.26
CA PRO A 252 -9.02 4.02 5.68
C PRO A 252 -9.79 3.18 6.67
N THR A 253 -9.28 3.07 7.90
CA THR A 253 -9.93 2.28 8.94
C THR A 253 -9.33 2.67 10.28
N GLY A 254 -9.78 2.01 11.36
CA GLY A 254 -9.24 2.24 12.70
C GLY A 254 -10.18 2.85 13.69
N GLY A 255 -9.61 3.29 14.80
CA GLY A 255 -10.35 3.91 15.89
C GLY A 255 -9.38 4.56 16.86
N TYR A 256 -9.88 5.46 17.70
CA TYR A 256 -9.02 6.16 18.65
C TYR A 256 -9.56 6.11 20.06
N LEU A 257 -8.68 6.40 21.00
CA LEU A 257 -9.00 6.47 22.41
C LEU A 257 -8.09 7.53 23.01
N ALA A 258 -8.68 8.45 23.78
CA ALA A 258 -7.93 9.53 24.42
C ALA A 258 -8.38 9.65 25.87
N GLY A 259 -7.42 9.80 26.78
CA GLY A 259 -7.73 9.89 28.20
C GLY A 259 -6.51 9.70 29.08
N THR A 260 -6.74 9.38 30.35
CA THR A 260 -5.67 9.20 31.33
C THR A 260 -4.77 8.00 30.98
N LYS A 261 -3.50 8.08 31.40
CA LYS A 261 -2.52 7.03 31.12
C LYS A 261 -2.94 5.68 31.68
N ASP A 262 -3.58 5.69 32.85
CA ASP A 262 -4.07 4.47 33.47
C ASP A 262 -5.21 3.85 32.63
N CYS A 263 -6.08 4.70 32.08
CA CYS A 263 -7.21 4.24 31.25
C CYS A 263 -6.75 3.72 29.89
N ILE A 264 -5.89 4.48 29.22
CA ILE A 264 -5.39 4.11 27.89
C ILE A 264 -4.54 2.84 27.92
N GLU A 265 -3.71 2.68 28.96
CA GLU A 265 -2.89 1.46 29.12
C GLU A 265 -3.77 0.23 29.36
N LYS A 266 -4.72 0.35 30.29
CA LYS A 266 -5.66 -0.74 30.57
C LYS A 266 -6.45 -1.19 29.31
N THR A 267 -6.83 -0.22 28.47
CA THR A 267 -7.60 -0.49 27.25
C THR A 267 -6.77 -1.23 26.20
N SER A 268 -5.50 -0.84 26.05
CA SER A 268 -4.61 -1.47 25.07
C SER A 268 -4.38 -2.95 25.35
N TYR A 269 -4.45 -3.33 26.62
CA TYR A 269 -4.30 -4.74 27.00
C TYR A 269 -5.53 -5.58 26.55
N ARG A 270 -6.68 -4.94 26.40
CA ARG A 270 -7.87 -5.63 25.85
C ARG A 270 -7.71 -5.74 24.33
N LEU A 271 -7.30 -4.64 23.70
CA LEU A 271 -7.04 -4.60 22.25
C LEU A 271 -6.07 -5.73 21.87
N THR A 272 -4.96 -5.82 22.62
CA THR A 272 -3.95 -6.87 22.44
C THR A 272 -4.14 -7.93 23.56
N VAL A 273 -3.23 -7.98 24.54
CA VAL A 273 -3.29 -8.92 25.67
C VAL A 273 -2.43 -8.31 26.76
N PRO A 274 -2.67 -8.67 28.05
CA PRO A 274 -1.82 -8.14 29.11
C PRO A 274 -0.34 -8.48 28.88
N GLY A 275 0.56 -7.54 29.17
CA GLY A 275 2.01 -7.73 28.99
C GLY A 275 2.54 -7.06 27.74
N ILE A 276 1.76 -7.12 26.66
CA ILE A 276 2.12 -6.48 25.40
C ILE A 276 1.51 -5.10 25.32
N GLY A 277 0.18 -5.04 25.31
CA GLY A 277 -0.55 -3.76 25.21
C GLY A 277 -0.31 -3.15 23.84
N GLY A 278 -0.06 -1.84 23.81
CA GLY A 278 0.22 -1.11 22.55
C GLY A 278 1.68 -1.15 22.10
N GLU A 279 2.54 -1.81 22.89
CA GLU A 279 3.98 -1.92 22.60
C GLU A 279 4.28 -2.57 21.22
N CYS A 280 3.37 -3.46 20.75
CA CYS A 280 3.50 -4.10 19.42
C CYS A 280 2.31 -3.70 18.55
N GLY A 281 2.53 -3.68 17.24
CA GLY A 281 1.49 -3.30 16.28
C GLY A 281 2.03 -2.48 15.12
N SER A 282 2.08 -3.10 13.94
CA SER A 282 2.54 -2.43 12.72
C SER A 282 1.39 -1.62 12.17
N THR A 283 1.69 -0.44 11.62
CA THR A 283 0.66 0.46 11.08
C THR A 283 0.35 0.28 9.56
N PHE A 284 0.90 -0.78 8.95
CA PHE A 284 0.63 -1.13 7.51
C PHE A 284 0.91 -0.02 6.48
N GLY A 285 1.76 0.95 6.83
CA GLY A 285 2.06 2.07 5.94
C GLY A 285 0.89 3.02 5.69
N VAL A 286 -0.12 3.02 6.57
CA VAL A 286 -1.31 3.88 6.43
C VAL A 286 -1.34 4.98 7.51
N VAL A 287 -0.20 5.20 8.18
CA VAL A 287 -0.13 6.22 9.23
C VAL A 287 -0.23 7.64 8.65
N ARG A 288 0.21 7.83 7.40
CA ARG A 288 0.14 9.15 6.75
C ARG A 288 -1.33 9.58 6.58
N SER A 289 -2.17 8.66 6.11
CA SER A 289 -3.60 8.94 5.92
C SER A 289 -4.28 9.30 7.24
N MSE A 290 -3.79 8.71 8.34
CA MSE A 290 -4.33 8.98 9.67
C MSE A 290 -3.92 10.38 10.14
O MSE A 290 -4.74 11.11 10.71
CB MSE A 290 -3.89 7.90 10.66
CG MSE A 290 -4.49 6.53 10.32
SE MSE A 290 -3.84 5.04 11.39
CE MSE A 290 -4.44 5.65 13.16
N TYR A 291 -2.65 10.76 9.91
CA TYR A 291 -2.18 12.12 10.23
C TYR A 291 -2.95 13.13 9.39
N GLN A 292 -2.89 12.93 8.08
CA GLN A 292 -3.54 13.81 7.11
C GLN A 292 -5.05 13.92 7.35
N GLY A 293 -5.68 12.81 7.74
CA GLY A 293 -7.11 12.79 8.04
C GLY A 293 -7.46 13.64 9.25
N LEU A 294 -6.61 13.58 10.27
CA LEU A 294 -6.78 14.38 11.49
C LEU A 294 -6.69 15.87 11.16
N PHE A 295 -5.74 16.22 10.29
CA PHE A 295 -5.53 17.62 9.90
C PHE A 295 -6.71 18.19 9.10
N LEU A 296 -7.39 17.33 8.32
CA LEU A 296 -8.58 17.75 7.56
C LEU A 296 -9.88 17.59 8.35
N ALA A 297 -9.85 16.84 9.46
CA ALA A 297 -11.05 16.57 10.29
C ALA A 297 -11.83 17.83 10.72
N PRO A 298 -11.16 18.85 11.30
CA PRO A 298 -11.87 20.10 11.67
C PRO A 298 -12.64 20.75 10.52
N HIS A 299 -12.05 20.72 9.32
CA HIS A 299 -12.68 21.29 8.14
C HIS A 299 -13.79 20.39 7.60
N ILE A 300 -13.45 19.13 7.34
CA ILE A 300 -14.41 18.14 6.78
C ILE A 300 -15.64 17.91 7.67
N SER A 301 -15.45 17.95 8.98
CA SER A 301 -16.56 17.77 9.92
C SER A 301 -17.66 18.82 9.70
N MSE A 302 -17.26 20.07 9.50
CA MSE A 302 -18.22 21.15 9.28
C MSE A 302 -18.84 21.15 7.89
O MSE A 302 -19.88 21.77 7.68
CB MSE A 302 -17.59 22.52 9.57
CG MSE A 302 -17.16 22.73 11.01
SE MSE A 302 -18.56 22.33 12.30
CE MSE A 302 -17.72 23.02 13.91
N GLU A 303 -18.21 20.49 6.91
CA GLU A 303 -18.80 20.35 5.58
C GLU A 303 -20.03 19.46 5.69
N ALA A 304 -19.92 18.39 6.48
CA ALA A 304 -21.04 17.46 6.71
C ALA A 304 -22.12 18.15 7.55
N LEU A 305 -21.69 18.83 8.62
CA LEU A 305 -22.62 19.53 9.52
C LEU A 305 -23.42 20.59 8.76
N LYS A 306 -22.75 21.35 7.89
CA LYS A 306 -23.43 22.36 7.07
C LYS A 306 -24.51 21.70 6.17
N GLY A 307 -24.20 20.52 5.63
CA GLY A 307 -25.14 19.76 4.83
C GLY A 307 -26.33 19.32 5.67
N ALA A 308 -26.07 19.02 6.95
CA ALA A 308 -27.12 18.63 7.90
C ALA A 308 -28.01 19.83 8.22
N ILE A 309 -27.39 20.99 8.42
CA ILE A 309 -28.13 22.24 8.69
C ILE A 309 -29.00 22.59 7.48
N LEU A 310 -28.43 22.49 6.29
CA LEU A 310 -29.17 22.75 5.05
C LEU A 310 -30.31 21.77 4.89
N CYS A 311 -30.06 20.50 5.23
CA CYS A 311 -31.08 19.47 5.15
C CYS A 311 -32.22 19.79 6.11
N SER A 312 -31.88 20.11 7.35
CA SER A 312 -32.88 20.43 8.38
C SER A 312 -33.78 21.60 7.98
N ARG A 313 -33.22 22.61 7.32
CA ARG A 313 -34.02 23.80 6.96
C ARG A 313 -34.87 23.63 5.72
N ILE A 314 -34.30 23.09 4.64
CA ILE A 314 -35.04 22.91 3.39
C ILE A 314 -36.17 21.88 3.54
N MSE A 315 -35.96 20.88 4.41
CA MSE A 315 -36.95 19.84 4.62
C MSE A 315 -38.08 20.37 5.52
O MSE A 315 -39.22 19.93 5.42
CB MSE A 315 -36.30 18.62 5.25
CG MSE A 315 -36.84 17.35 4.72
SE MSE A 315 -36.34 17.11 2.86
CE MSE A 315 -34.40 16.99 3.06
N GLU A 316 -37.73 21.30 6.42
CA GLU A 316 -38.71 21.96 7.29
C GLU A 316 -39.66 22.80 6.44
N LEU A 317 -39.08 23.57 5.51
CA LEU A 317 -39.86 24.40 4.60
C LEU A 317 -40.67 23.54 3.63
N ALA A 318 -40.19 22.33 3.35
CA ALA A 318 -40.90 21.38 2.48
C ALA A 318 -42.12 20.73 3.18
N GLY A 319 -42.32 21.03 4.48
CA GLY A 319 -43.48 20.55 5.24
C GLY A 319 -43.23 19.34 6.13
N PHE A 320 -41.96 18.91 6.26
CA PHE A 320 -41.60 17.74 7.07
C PHE A 320 -41.01 18.16 8.41
N GLU A 321 -41.31 17.42 9.47
CA GLU A 321 -40.75 17.69 10.78
C GLU A 321 -39.32 17.22 10.77
N VAL A 322 -38.45 17.95 11.47
CA VAL A 322 -37.02 17.64 11.49
C VAL A 322 -36.49 17.68 12.91
N MSE A 323 -35.33 17.06 13.10
CA MSE A 323 -34.68 16.98 14.41
C MSE A 323 -33.20 16.60 14.20
O MSE A 323 -32.92 15.54 13.64
CB MSE A 323 -35.40 15.93 15.26
CG MSE A 323 -34.79 15.66 16.66
SE MSE A 323 -34.78 17.20 17.84
CE MSE A 323 -36.70 17.61 17.86
N PRO A 324 -32.25 17.48 14.61
CA PRO A 324 -32.42 18.81 15.21
C PRO A 324 -32.90 19.88 14.23
N LYS A 325 -33.25 21.05 14.78
CA LYS A 325 -33.68 22.19 13.97
C LYS A 325 -32.43 22.86 13.41
N TYR A 326 -32.62 23.72 12.41
CA TYR A 326 -31.50 24.39 11.73
C TYR A 326 -30.74 25.34 12.67
N ASP A 327 -31.46 25.99 13.59
CA ASP A 327 -30.87 27.00 14.50
C ASP A 327 -30.45 26.49 15.90
N GLU A 328 -30.46 25.17 16.11
CA GLU A 328 -30.10 24.58 17.41
C GLU A 328 -28.63 24.20 17.49
N LYS A 329 -28.08 24.26 18.72
CA LYS A 329 -26.68 23.88 18.97
C LYS A 329 -26.60 22.35 18.87
N ARG A 330 -25.67 21.86 18.06
CA ARG A 330 -25.55 20.43 17.75
C ARG A 330 -24.42 19.67 18.46
N SER A 331 -24.66 18.37 18.68
CA SER A 331 -23.68 17.46 19.31
C SER A 331 -23.11 16.43 18.32
N ASP A 332 -23.70 16.34 17.12
CA ASP A 332 -23.23 15.41 16.09
C ASP A 332 -23.62 15.91 14.69
N ILE A 333 -23.15 15.20 13.67
CA ILE A 333 -23.44 15.57 12.27
C ILE A 333 -24.71 14.87 11.72
N ILE A 334 -25.40 14.09 12.57
CA ILE A 334 -26.60 13.35 12.16
C ILE A 334 -27.84 14.24 12.13
N GLN A 335 -28.62 14.12 11.06
CA GLN A 335 -29.86 14.87 10.87
C GLN A 335 -31.00 13.90 10.58
N SER A 336 -32.04 13.92 11.43
CA SER A 336 -33.21 13.03 11.26
C SER A 336 -34.40 13.78 10.64
N ILE A 337 -35.15 13.07 9.79
CA ILE A 337 -36.30 13.66 9.08
C ILE A 337 -37.54 12.76 9.15
N LYS A 338 -38.64 13.28 9.72
CA LYS A 338 -39.89 12.52 9.86
C LYS A 338 -40.78 12.70 8.60
N PHE A 339 -41.01 11.59 7.87
CA PHE A 339 -41.78 11.62 6.61
C PHE A 339 -43.27 11.21 6.73
N ASN A 340 -43.62 10.38 7.73
CA ASN A 340 -45.01 9.87 7.91
C ASN A 340 -45.57 9.17 6.65
N ASP A 341 -44.68 8.54 5.89
CA ASP A 341 -45.07 7.84 4.67
C ASP A 341 -43.93 6.92 4.27
N LYS A 342 -44.26 5.65 3.98
CA LYS A 342 -43.25 4.67 3.59
C LYS A 342 -42.57 5.05 2.28
N ASP A 343 -43.37 5.41 1.26
CA ASP A 343 -42.83 5.79 -0.05
C ASP A 343 -41.89 6.98 0.01
N LYS A 344 -42.33 8.08 0.64
CA LYS A 344 -41.48 9.29 0.77
C LYS A 344 -40.11 9.02 1.43
N LEU A 345 -40.08 8.11 2.41
CA LEU A 345 -38.82 7.72 3.07
C LEU A 345 -37.93 6.95 2.10
N ILE A 346 -38.52 5.96 1.41
CA ILE A 346 -37.79 5.12 0.44
C ILE A 346 -37.22 5.95 -0.72
N GLU A 347 -38.07 6.78 -1.33
CA GLU A 347 -37.65 7.65 -2.46
C GLU A 347 -36.53 8.60 -2.10
N PHE A 348 -36.53 9.09 -0.86
CA PHE A 348 -35.50 9.98 -0.37
C PHE A 348 -34.16 9.25 -0.32
N CYS A 349 -34.15 8.04 0.22
CA CYS A 349 -32.92 7.22 0.33
C CYS A 349 -32.38 6.83 -1.04
N LYS A 350 -33.30 6.49 -1.97
CA LYS A 350 -32.92 6.15 -3.35
C LYS A 350 -32.23 7.33 -4.05
N GLY A 351 -32.72 8.54 -3.78
CA GLY A 351 -32.14 9.76 -4.34
C GLY A 351 -30.75 10.07 -3.81
N ILE A 352 -30.53 9.81 -2.51
CA ILE A 352 -29.21 10.02 -1.90
C ILE A 352 -28.22 9.05 -2.52
N GLN A 353 -28.65 7.80 -2.69
CA GLN A 353 -27.81 6.78 -3.31
C GLN A 353 -27.47 7.22 -4.74
N THR A 354 -28.45 7.81 -5.43
CA THR A 354 -28.26 8.36 -6.79
C THR A 354 -27.22 9.48 -6.81
N GLY A 355 -27.24 10.32 -5.76
CA GLY A 355 -26.29 11.44 -5.64
C GLY A 355 -24.90 11.08 -5.13
N SER A 356 -24.65 9.79 -4.86
CA SER A 356 -23.34 9.32 -4.38
C SER A 356 -22.36 9.19 -5.54
N PRO A 357 -21.05 9.40 -5.28
CA PRO A 357 -20.04 9.24 -6.33
C PRO A 357 -19.77 7.77 -6.66
N ILE A 358 -19.84 6.92 -5.64
CA ILE A 358 -19.62 5.48 -5.79
C ILE A 358 -20.96 4.77 -5.63
N ASP A 359 -21.14 3.66 -6.36
CA ASP A 359 -22.38 2.86 -6.32
C ASP A 359 -23.64 3.73 -6.55
N SER A 360 -23.56 4.64 -7.50
CA SER A 360 -24.68 5.51 -7.85
C SER A 360 -25.81 4.70 -8.45
N PHE A 361 -25.43 3.81 -9.36
CA PHE A 361 -26.33 2.87 -10.06
C PHE A 361 -26.99 1.83 -9.13
N VAL A 362 -26.35 1.54 -7.99
CA VAL A 362 -26.87 0.54 -7.04
C VAL A 362 -28.18 0.99 -6.44
N SER A 363 -29.29 0.42 -6.93
CA SER A 363 -30.63 0.78 -6.44
C SER A 363 -30.90 0.13 -5.06
N CYS A 364 -30.91 0.97 -4.02
CA CYS A 364 -31.16 0.51 -2.65
C CYS A 364 -32.64 0.29 -2.45
N GLU A 365 -32.97 -0.75 -1.68
CA GLU A 365 -34.34 -1.13 -1.40
C GLU A 365 -34.39 -1.71 0.03
N PRO A 366 -35.61 -1.94 0.57
CA PRO A 366 -35.72 -2.52 1.92
C PRO A 366 -35.07 -3.90 2.07
N TRP A 367 -34.50 -4.16 3.25
CA TRP A 367 -33.85 -5.43 3.54
C TRP A 367 -33.80 -5.61 5.05
N ASP A 368 -33.93 -6.85 5.52
CA ASP A 368 -33.95 -7.16 6.98
C ASP A 368 -32.59 -7.63 7.53
N MSE A 369 -32.40 -7.42 8.84
CA MSE A 369 -31.16 -7.79 9.54
C MSE A 369 -31.46 -8.33 10.94
O MSE A 369 -30.56 -8.62 11.72
CB MSE A 369 -30.22 -6.58 9.62
CG MSE A 369 -30.80 -5.36 10.39
SE MSE A 369 -29.55 -3.83 10.46
CE MSE A 369 -30.59 -2.61 11.61
N THR A 373 -34.75 -6.76 13.68
CA THR A 373 -36.13 -6.53 14.18
C THR A 373 -37.12 -6.43 13.01
N ASP A 374 -36.85 -5.49 12.11
CA ASP A 374 -37.68 -5.26 10.92
C ASP A 374 -36.80 -4.71 9.78
N GLN A 375 -37.37 -4.57 8.58
CA GLN A 375 -36.61 -4.10 7.41
C GLN A 375 -36.02 -2.70 7.54
N VAL A 376 -34.94 -2.47 6.81
CA VAL A 376 -34.23 -1.18 6.79
C VAL A 376 -33.75 -0.86 5.37
N ILE A 377 -33.76 0.42 5.02
CA ILE A 377 -33.26 0.86 3.70
C ILE A 377 -32.09 1.80 3.96
N MSE A 378 -31.00 1.58 3.20
CA MSE A 378 -29.77 2.34 3.39
C MSE A 378 -29.20 2.91 2.12
O MSE A 378 -29.09 2.21 1.10
CB MSE A 378 -28.73 1.45 4.02
CG MSE A 378 -29.15 0.83 5.32
SE MSE A 378 -27.68 -0.11 6.10
CE MSE A 378 -26.47 1.40 6.43
N ALA A 379 -28.79 4.18 2.18
CA ALA A 379 -28.14 4.86 1.10
C ALA A 379 -26.68 4.95 1.49
N ALA A 380 -25.84 4.18 0.80
CA ALA A 380 -24.40 4.14 1.07
C ALA A 380 -23.61 4.03 -0.24
N GLY A 381 -22.70 4.98 -0.45
CA GLY A 381 -21.85 5.03 -1.65
C GLY A 381 -20.64 5.90 -1.34
N ALA A 382 -19.64 5.29 -0.72
CA ALA A 382 -18.44 5.99 -0.27
C ALA A 382 -17.15 5.39 -0.78
N PHE A 383 -16.08 6.18 -0.72
CA PHE A 383 -14.73 5.73 -1.10
C PHE A 383 -14.22 4.76 -0.02
N ILE A 384 -14.37 5.17 1.25
CA ILE A 384 -14.02 4.33 2.39
C ILE A 384 -15.32 3.61 2.79
N GLN A 385 -15.31 2.27 2.79
CA GLN A 385 -16.53 1.49 3.05
C GLN A 385 -17.20 1.79 4.39
N GLY A 386 -18.46 2.23 4.34
CA GLY A 386 -19.23 2.54 5.53
C GLY A 386 -18.78 3.79 6.28
N SER A 387 -18.09 4.69 5.59
CA SER A 387 -17.63 5.92 6.20
C SER A 387 -18.83 6.84 6.42
N SER A 388 -19.10 7.17 7.68
CA SER A 388 -20.24 8.01 8.05
C SER A 388 -20.03 9.49 7.72
N ILE A 389 -18.78 9.90 7.52
CA ILE A 389 -18.47 11.30 7.19
C ILE A 389 -18.81 11.61 5.73
N GLU A 390 -18.88 10.58 4.88
CA GLU A 390 -19.27 10.74 3.47
C GLU A 390 -20.79 10.70 3.44
N LEU A 391 -21.40 11.37 2.45
CA LEU A 391 -22.87 11.44 2.33
C LEU A 391 -23.48 10.04 2.35
N SER A 392 -24.41 9.83 3.28
CA SER A 392 -25.05 8.55 3.45
C SER A 392 -26.32 8.72 4.26
N ALA A 393 -27.19 7.71 4.20
CA ALA A 393 -28.44 7.73 4.93
C ALA A 393 -28.95 6.32 5.21
N ASP A 394 -29.63 6.17 6.34
CA ASP A 394 -30.23 4.89 6.75
C ASP A 394 -31.55 5.18 7.41
N ALA A 395 -32.45 4.20 7.42
CA ALA A 395 -33.77 4.38 8.02
C ALA A 395 -34.50 3.06 8.20
N PRO A 396 -34.94 2.75 9.45
CA PRO A 396 -35.71 1.53 9.64
C PRO A 396 -37.14 1.75 9.16
N ILE A 397 -37.70 0.77 8.47
CA ILE A 397 -39.06 0.88 7.90
C ILE A 397 -40.16 0.57 8.92
N ARG A 398 -40.62 1.62 9.60
CA ARG A 398 -41.73 1.55 10.55
C ARG A 398 -42.19 2.97 10.84
N GLU A 399 -43.42 3.13 11.32
CA GLU A 399 -43.98 4.47 11.62
C GLU A 399 -43.19 5.15 12.76
N PRO A 400 -43.05 6.50 12.70
CA PRO A 400 -43.54 7.45 11.68
C PRO A 400 -42.60 7.64 10.46
N TYR A 401 -41.77 6.62 10.17
CA TYR A 401 -40.83 6.63 9.01
C TYR A 401 -39.84 7.79 9.07
N ILE A 402 -38.81 7.63 9.90
CA ILE A 402 -37.78 8.64 10.10
C ILE A 402 -36.49 8.24 9.39
N ALA A 403 -35.93 9.17 8.61
CA ALA A 403 -34.67 8.94 7.90
C ALA A 403 -33.58 9.63 8.68
N TYR A 404 -32.36 9.09 8.60
CA TYR A 404 -31.20 9.64 9.30
C TYR A 404 -30.08 9.88 8.30
N LEU A 405 -29.92 11.13 7.87
CA LEU A 405 -28.89 11.54 6.91
C LEU A 405 -27.65 12.04 7.65
N GLN A 406 -26.46 11.65 7.16
CA GLN A 406 -25.19 12.10 7.74
C GLN A 406 -24.16 12.25 6.65
N GLY A 407 -23.11 13.00 6.95
CA GLY A 407 -21.96 13.14 6.07
C GLY A 407 -22.07 13.97 4.82
N GLY A 408 -20.91 14.25 4.24
CA GLY A 408 -20.76 15.05 3.04
C GLY A 408 -19.36 15.64 3.05
N LEU A 409 -18.43 14.98 2.33
CA LEU A 409 -17.01 15.42 2.26
C LEU A 409 -16.90 16.93 2.02
N THR A 410 -17.70 17.44 1.09
CA THR A 410 -17.77 18.86 0.80
C THR A 410 -19.25 19.22 0.85
N PHE A 411 -19.54 20.43 1.34
CA PHE A 411 -20.93 20.91 1.44
C PHE A 411 -21.66 20.88 0.10
N ASP A 412 -20.94 21.21 -0.98
CA ASP A 412 -21.52 21.21 -2.33
C ASP A 412 -22.08 19.83 -2.68
N HIS A 413 -21.33 18.78 -2.39
CA HIS A 413 -21.82 17.41 -2.66
C HIS A 413 -23.03 17.06 -1.81
N ALA A 414 -22.99 17.46 -0.54
CA ALA A 414 -24.09 17.22 0.38
C ALA A 414 -25.38 17.79 -0.18
N LYS A 415 -25.36 19.07 -0.58
CA LYS A 415 -26.56 19.72 -1.11
C LYS A 415 -27.01 19.16 -2.48
N ILE A 416 -26.06 18.63 -3.26
CA ILE A 416 -26.40 17.99 -4.55
C ILE A 416 -27.18 16.69 -4.30
N GLY A 417 -26.84 15.97 -3.24
CA GLY A 417 -27.56 14.75 -2.86
C GLY A 417 -28.95 15.06 -2.30
N ILE A 418 -29.03 16.12 -1.50
CA ILE A 418 -30.30 16.53 -0.88
C ILE A 418 -31.31 17.01 -1.93
N LEU A 419 -30.86 17.89 -2.84
CA LEU A 419 -31.73 18.39 -3.92
C LEU A 419 -32.22 17.27 -4.84
N ILE A 420 -31.34 16.30 -5.12
CA ILE A 420 -31.73 15.13 -5.93
C ILE A 420 -32.78 14.29 -5.19
N ALA A 421 -32.58 14.10 -3.88
CA ALA A 421 -33.51 13.30 -3.05
C ALA A 421 -34.86 13.99 -2.86
N LEU A 422 -34.83 15.27 -2.48
CA LEU A 422 -36.06 16.05 -2.23
C LEU A 422 -36.91 16.24 -3.50
N SER A 423 -36.25 16.27 -4.66
CA SER A 423 -36.95 16.44 -5.95
C SER A 423 -37.80 15.21 -6.34
N ARG A 424 -37.50 14.05 -5.76
CA ARG A 424 -38.28 12.83 -5.98
C ARG A 424 -39.53 12.78 -5.09
N ILE A 425 -39.56 13.64 -4.05
CA ILE A 425 -40.68 13.68 -3.09
C ILE A 425 -41.64 14.86 -3.28
N VAL A 426 -41.10 16.06 -3.52
CA VAL A 426 -41.93 17.29 -3.61
C VAL A 426 -41.99 17.96 -5.00
N LYS A 427 -43.22 18.33 -5.39
CA LYS A 427 -43.55 19.04 -6.66
C LYS A 427 -42.72 18.59 -7.87
N GLY B 1 -17.51 36.10 13.40
CA GLY B 1 -16.21 36.73 13.77
C GLY B 1 -15.34 35.79 14.55
N MSE B 2 -14.03 36.04 14.53
CA MSE B 2 -13.05 35.22 15.24
C MSE B 2 -13.35 35.17 16.75
O MSE B 2 -13.69 36.19 17.34
CB MSE B 2 -11.63 35.77 14.99
CG MSE B 2 -10.48 34.97 15.61
SE MSE B 2 -8.74 35.78 15.21
CE MSE B 2 -8.77 35.55 13.26
N LEU B 3 -13.25 33.98 17.34
CA LEU B 3 -13.49 33.79 18.77
C LEU B 3 -12.37 34.41 19.62
N GLU B 4 -12.71 34.79 20.85
CA GLU B 4 -11.73 35.37 21.78
C GLU B 4 -10.63 34.36 22.12
N SER B 5 -11.00 33.08 22.22
CA SER B 5 -10.03 32.00 22.51
C SER B 5 -9.09 31.70 21.33
N THR B 6 -9.53 32.01 20.10
CA THR B 6 -8.71 31.80 18.90
C THR B 6 -7.58 32.80 18.83
N LYS B 7 -7.92 34.10 18.90
CA LYS B 7 -6.89 35.16 18.85
C LYS B 7 -5.96 35.15 20.07
N GLN B 8 -6.42 34.57 21.17
CA GLN B 8 -5.58 34.42 22.36
C GLN B 8 -4.55 33.29 22.08
N PHE B 9 -5.01 32.24 21.40
CA PHE B 9 -4.16 31.09 20.98
C PHE B 9 -3.13 31.59 19.95
N LEU B 10 -3.59 32.38 18.97
CA LEU B 10 -2.70 32.93 17.93
C LEU B 10 -1.55 33.79 18.47
N LYS B 11 -1.75 34.41 19.64
CA LYS B 11 -0.68 35.20 20.29
C LYS B 11 0.56 34.32 20.61
N LYS B 12 0.33 33.01 20.78
CA LYS B 12 1.43 32.06 21.01
C LYS B 12 2.38 32.00 19.81
N TYR B 13 1.88 32.38 18.62
CA TYR B 13 2.70 32.46 17.38
C TYR B 13 3.17 33.90 17.10
N ASN B 14 3.20 34.75 18.13
CA ASN B 14 3.60 36.16 18.02
C ASN B 14 2.74 36.97 17.04
N ILE B 15 1.44 36.64 16.96
CA ILE B 15 0.50 37.37 16.10
C ILE B 15 -0.01 38.58 16.89
N ASN B 16 0.26 39.77 16.37
CA ASN B 16 -0.12 41.04 17.02
C ASN B 16 -1.44 41.60 16.53
N ASP B 17 -1.98 42.56 17.30
CA ASP B 17 -3.26 43.21 16.97
C ASP B 17 -3.20 44.01 15.67
N ARG B 18 -2.01 44.56 15.37
CA ARG B 18 -1.82 45.35 14.13
C ARG B 18 -2.08 44.48 12.91
N VAL B 19 -1.51 43.28 12.91
CA VAL B 19 -1.72 42.31 11.84
C VAL B 19 -3.14 41.74 11.89
N LEU B 20 -3.65 41.55 13.11
CA LEU B 20 -4.98 40.98 13.32
C LEU B 20 -6.11 41.92 12.86
N LYS B 21 -5.95 43.25 13.04
CA LYS B 21 -6.97 44.21 12.56
C LYS B 21 -6.83 44.38 11.05
N LEU B 22 -5.57 44.31 10.58
CA LEU B 22 -5.27 44.40 9.17
C LEU B 22 -5.91 43.19 8.46
N TYR B 23 -5.99 42.06 9.17
CA TYR B 23 -6.68 40.84 8.68
C TYR B 23 -8.20 41.04 8.58
N GLU B 24 -8.80 41.64 9.61
CA GLU B 24 -10.27 41.87 9.63
C GLU B 24 -10.77 42.81 8.51
N THR B 25 -9.92 43.74 8.09
CA THR B 25 -10.26 44.66 7.00
C THR B 25 -10.20 43.92 5.65
N ALA B 26 -9.15 43.12 5.48
CA ALA B 26 -8.96 42.33 4.25
C ALA B 26 -10.03 41.25 4.11
N MSE B 27 -10.39 40.64 5.23
CA MSE B 27 -11.38 39.57 5.26
C MSE B 27 -12.76 40.09 4.84
O MSE B 27 -13.52 39.38 4.16
CB MSE B 27 -11.46 38.99 6.69
CG MSE B 27 -12.16 37.66 6.83
SE MSE B 27 -11.27 36.22 5.87
CE MSE B 27 -12.15 36.42 4.14
N ASN B 28 -13.07 41.33 5.21
CA ASN B 28 -14.33 41.95 4.85
C ASN B 28 -14.41 42.31 3.36
N ASP B 29 -13.31 42.88 2.83
CA ASP B 29 -13.22 43.30 1.40
C ASP B 29 -13.35 42.15 0.41
N ILE B 30 -12.86 40.97 0.77
CA ILE B 30 -12.89 39.80 -0.14
C ILE B 30 -14.14 38.90 -0.01
N GLN B 31 -15.13 39.31 0.80
CA GLN B 31 -16.36 38.51 0.97
C GLN B 31 -17.07 38.29 -0.37
N ASN B 32 -17.19 39.37 -1.16
CA ASN B 32 -17.85 39.29 -2.49
C ASN B 32 -17.13 38.36 -3.46
N GLN B 33 -15.79 38.41 -3.47
CA GLN B 33 -15.00 37.58 -4.38
C GLN B 33 -15.10 36.08 -3.97
N PHE B 34 -15.17 35.83 -2.67
CA PHE B 34 -15.34 34.46 -2.13
C PHE B 34 -16.69 33.86 -2.57
N LYS B 35 -17.71 34.71 -2.69
CA LYS B 35 -19.04 34.29 -3.13
C LYS B 35 -18.99 33.84 -4.61
N ILE B 36 -18.16 34.52 -5.42
CA ILE B 36 -17.99 34.17 -6.85
C ILE B 36 -17.30 32.80 -7.02
N LEU B 37 -16.30 32.53 -6.17
CA LEU B 37 -15.62 31.23 -6.20
C LEU B 37 -16.56 30.09 -5.81
N ASP B 38 -17.38 30.32 -4.78
CA ASP B 38 -18.33 29.30 -4.27
C ASP B 38 -19.29 28.75 -5.34
N ASP B 39 -19.89 29.63 -6.12
CA ASP B 39 -20.83 29.18 -7.16
C ASP B 39 -20.09 28.57 -8.41
N ILE B 40 -18.81 28.89 -8.57
CA ILE B 40 -17.98 28.27 -9.63
C ILE B 40 -17.60 26.86 -9.16
N ARG B 41 -17.26 26.77 -7.87
CA ARG B 41 -16.95 25.51 -7.21
C ARG B 41 -18.17 24.59 -7.27
N GLU B 42 -19.34 25.17 -7.01
CA GLU B 42 -20.63 24.45 -7.03
C GLU B 42 -20.84 23.71 -8.36
N PHE B 43 -20.50 24.37 -9.47
CA PHE B 43 -20.63 23.75 -10.79
C PHE B 43 -19.61 22.64 -10.96
N ASN B 44 -18.34 22.94 -10.66
CA ASN B 44 -17.24 21.95 -10.79
C ASN B 44 -17.42 20.70 -9.93
N GLN B 45 -18.07 20.83 -8.78
CA GLN B 45 -18.35 19.68 -7.94
C GLN B 45 -19.37 18.79 -8.68
N LEU B 46 -20.41 19.42 -9.23
CA LEU B 46 -21.45 18.71 -9.99
C LEU B 46 -20.91 18.16 -11.32
N LYS B 47 -19.90 18.86 -11.88
CA LYS B 47 -19.26 18.44 -13.12
C LYS B 47 -18.45 17.15 -12.87
N VAL B 48 -17.79 17.08 -11.72
CA VAL B 48 -17.00 15.89 -11.35
C VAL B 48 -17.92 14.75 -10.93
N LEU B 49 -18.94 15.05 -10.09
CA LEU B 49 -19.90 14.03 -9.63
C LEU B 49 -20.55 13.32 -10.82
N ASN B 50 -20.97 14.10 -11.82
CA ASN B 50 -21.59 13.55 -13.02
C ASN B 50 -20.63 12.61 -13.78
N ALA B 51 -19.34 12.96 -13.78
CA ALA B 51 -18.31 12.14 -14.44
C ALA B 51 -18.22 10.75 -13.81
N PHE B 52 -18.29 10.69 -12.48
CA PHE B 52 -18.29 9.40 -11.75
C PHE B 52 -19.53 8.60 -12.05
N GLN B 53 -20.67 9.26 -11.96
CA GLN B 53 -21.97 8.61 -12.15
C GLN B 53 -22.16 8.03 -13.56
N GLU B 54 -21.78 8.80 -14.58
CA GLU B 54 -21.90 8.35 -15.98
C GLU B 54 -21.04 7.10 -16.26
N GLU B 55 -19.89 6.98 -15.54
CA GLU B 55 -19.00 5.80 -15.68
C GLU B 55 -19.34 4.65 -14.69
N ARG B 56 -20.44 4.80 -13.94
CA ARG B 56 -20.86 3.78 -12.96
C ARG B 56 -19.71 3.32 -12.05
N ILE B 57 -19.00 4.28 -11.48
CA ILE B 57 -17.87 3.98 -10.60
C ILE B 57 -18.38 3.29 -9.31
N SER B 58 -17.66 2.24 -8.91
CA SER B 58 -18.03 1.43 -7.76
C SER B 58 -16.80 1.04 -6.96
N GLU B 59 -17.03 0.32 -5.87
CA GLU B 59 -15.94 -0.20 -5.06
C GLU B 59 -15.09 -1.22 -5.88
N ALA B 60 -15.71 -1.78 -6.93
CA ALA B 60 -15.02 -2.68 -7.85
C ALA B 60 -13.92 -1.94 -8.63
N HIS B 61 -14.11 -0.63 -8.85
CA HIS B 61 -13.11 0.19 -9.56
C HIS B 61 -11.89 0.56 -8.69
N PHE B 62 -11.96 0.34 -7.37
CA PHE B 62 -10.78 0.57 -6.53
C PHE B 62 -9.95 -0.69 -6.65
N THR B 63 -9.20 -0.79 -7.74
CA THR B 63 -8.41 -1.99 -8.02
C THR B 63 -7.05 -1.97 -7.33
N ASN B 64 -6.37 -3.11 -7.40
CA ASN B 64 -5.04 -3.30 -6.87
C ASN B 64 -4.30 -4.20 -7.85
N SER B 65 -4.14 -3.70 -9.06
CA SER B 65 -3.49 -4.44 -10.14
C SER B 65 -2.01 -4.67 -9.88
N SER B 66 -1.44 -5.64 -10.60
CA SER B 66 -0.03 -5.99 -10.48
C SER B 66 0.56 -6.34 -11.83
N GLY B 67 1.87 -6.51 -11.87
CA GLY B 67 2.60 -6.86 -13.10
C GLY B 67 2.31 -5.96 -14.27
N TYR B 68 1.70 -6.53 -15.32
CA TYR B 68 1.34 -5.75 -16.52
C TYR B 68 0.20 -4.84 -16.20
N GLY B 69 -0.86 -5.41 -15.67
CA GLY B 69 -2.06 -4.67 -15.32
C GLY B 69 -3.08 -4.69 -16.43
N TYR B 70 -3.14 -5.79 -17.20
CA TYR B 70 -4.13 -5.91 -18.27
C TYR B 70 -5.55 -5.89 -17.70
N GLY B 71 -6.40 -5.03 -18.25
CA GLY B 71 -7.79 -4.94 -17.80
C GLY B 71 -7.98 -4.31 -16.43
N ASP B 72 -7.11 -3.36 -16.07
CA ASP B 72 -7.22 -2.65 -14.81
C ASP B 72 -8.40 -1.69 -14.96
N ILE B 73 -9.58 -2.15 -14.54
CA ILE B 73 -10.82 -1.34 -14.64
C ILE B 73 -10.74 0.01 -13.92
N GLY B 74 -10.01 0.05 -12.80
CA GLY B 74 -9.84 1.30 -12.04
C GLY B 74 -9.10 2.33 -12.86
N ARG B 75 -7.96 1.92 -13.40
CA ARG B 75 -7.12 2.76 -14.25
C ARG B 75 -7.91 3.25 -15.48
N ASP B 76 -8.53 2.31 -16.20
CA ASP B 76 -9.28 2.62 -17.43
C ASP B 76 -10.49 3.50 -17.19
N SER B 77 -11.27 3.22 -16.14
CA SER B 77 -12.45 4.04 -15.83
C SER B 77 -12.06 5.42 -15.27
N LEU B 78 -10.89 5.51 -14.60
CA LEU B 78 -10.41 6.80 -14.10
C LEU B 78 -10.04 7.70 -15.29
N ASP B 79 -9.46 7.10 -16.34
CA ASP B 79 -9.14 7.83 -17.57
C ASP B 79 -10.44 8.33 -18.19
N ALA B 80 -11.45 7.46 -18.21
CA ALA B 80 -12.79 7.77 -18.73
C ALA B 80 -13.45 8.92 -17.95
N VAL B 81 -13.31 8.91 -16.63
CA VAL B 81 -13.88 9.97 -15.77
C VAL B 81 -13.19 11.33 -16.07
N TYR B 82 -11.86 11.32 -16.18
CA TYR B 82 -11.10 12.53 -16.55
C TYR B 82 -11.55 13.06 -17.90
N ALA B 83 -11.77 12.15 -18.85
CA ALA B 83 -12.25 12.49 -20.19
C ALA B 83 -13.59 13.24 -20.12
N ARG B 84 -14.49 12.74 -19.27
CA ARG B 84 -15.77 13.37 -19.07
C ARG B 84 -15.63 14.74 -18.40
N VAL B 85 -14.86 14.79 -17.31
CA VAL B 85 -14.65 16.05 -16.57
C VAL B 85 -14.15 17.15 -17.52
N PHE B 86 -13.09 16.86 -18.28
CA PHE B 86 -12.50 17.81 -19.24
C PHE B 86 -13.18 17.83 -20.63
N ASN B 87 -14.26 17.05 -20.81
CA ASN B 87 -15.01 16.98 -22.09
C ASN B 87 -14.11 16.71 -23.30
N THR B 88 -13.22 15.73 -23.17
CA THR B 88 -12.29 15.35 -24.24
C THR B 88 -12.58 13.93 -24.70
N GLU B 89 -12.02 13.56 -25.85
CA GLU B 89 -12.23 12.21 -26.41
C GLU B 89 -11.63 11.16 -25.51
N SER B 90 -10.36 11.35 -25.14
CA SER B 90 -9.63 10.40 -24.32
C SER B 90 -8.84 11.11 -23.21
N ALA B 91 -8.22 10.31 -22.33
CA ALA B 91 -7.41 10.83 -21.22
C ALA B 91 -6.38 9.78 -20.79
N LEU B 92 -5.30 10.25 -20.16
CA LEU B 92 -4.21 9.39 -19.72
C LEU B 92 -3.75 9.82 -18.33
N VAL B 93 -4.38 9.23 -17.31
CA VAL B 93 -4.04 9.53 -15.92
C VAL B 93 -3.29 8.34 -15.34
N ARG B 94 -2.02 8.56 -14.99
CA ARG B 94 -1.17 7.50 -14.44
C ARG B 94 -0.36 7.96 -13.26
N PRO B 95 -0.09 7.04 -12.30
CA PRO B 95 0.77 7.34 -11.17
C PRO B 95 2.26 7.26 -11.57
N HIS B 96 2.54 6.84 -12.81
CA HIS B 96 3.91 6.66 -13.32
C HIS B 96 4.60 7.97 -13.70
N PHE B 97 3.83 9.05 -13.91
CA PHE B 97 4.42 10.36 -14.19
C PHE B 97 5.08 10.87 -12.90
N VAL B 98 6.42 10.88 -12.88
CA VAL B 98 7.18 11.32 -11.68
C VAL B 98 6.78 12.73 -11.19
N ASN B 99 6.41 13.61 -12.14
CA ASN B 99 5.96 14.96 -11.82
C ASN B 99 5.23 15.59 -13.02
N GLY B 100 4.82 16.86 -12.89
CA GLY B 100 4.15 17.58 -13.98
C GLY B 100 5.00 17.72 -15.24
N THR B 101 6.31 17.86 -15.05
CA THR B 101 7.25 18.00 -16.16
C THR B 101 7.24 16.73 -17.05
N HIS B 102 7.16 15.55 -16.41
CA HIS B 102 7.10 14.26 -17.12
C HIS B 102 5.88 14.28 -18.05
N ALA B 103 4.73 14.67 -17.49
CA ALA B 103 3.47 14.74 -18.25
C ALA B 103 3.57 15.66 -19.45
N LEU B 104 4.11 16.86 -19.22
CA LEU B 104 4.26 17.85 -20.30
C LEU B 104 5.24 17.37 -21.37
N GLY B 105 6.33 16.73 -20.95
CA GLY B 105 7.31 16.19 -21.87
C GLY B 105 6.73 15.08 -22.71
N ALA B 106 6.06 14.13 -22.03
CA ALA B 106 5.39 13.00 -22.68
C ALA B 106 4.51 13.44 -23.87
N ALA B 107 3.80 14.54 -23.70
CA ALA B 107 2.95 15.10 -24.75
C ALA B 107 3.79 15.65 -25.91
N LEU B 108 4.86 16.39 -25.58
CA LEU B 108 5.73 17.00 -26.60
C LEU B 108 6.45 15.97 -27.45
N PHE B 109 7.19 15.07 -26.81
CA PHE B 109 7.91 13.99 -27.54
C PHE B 109 6.94 13.08 -28.28
N GLY B 110 5.80 12.80 -27.67
CA GLY B 110 4.78 11.95 -28.26
C GLY B 110 4.13 12.56 -29.51
N ASN B 111 4.04 13.90 -29.56
CA ASN B 111 3.39 14.59 -30.69
C ASN B 111 4.33 15.40 -31.62
N LEU B 112 5.64 15.24 -31.47
CA LEU B 112 6.62 15.95 -32.33
C LEU B 112 7.63 14.98 -32.96
N ARG B 113 7.78 15.09 -34.28
CA ARG B 113 8.69 14.25 -35.05
C ARG B 113 9.78 15.12 -35.67
N PRO B 114 10.92 14.50 -36.08
CA PRO B 114 12.02 15.26 -36.71
C PRO B 114 11.55 16.17 -37.84
N GLY B 115 11.94 17.45 -37.77
CA GLY B 115 11.54 18.44 -38.76
C GLY B 115 10.42 19.37 -38.28
N ASN B 116 9.60 18.89 -37.33
CA ASN B 116 8.51 19.69 -36.78
C ASN B 116 9.02 20.77 -35.84
N THR B 117 8.41 21.95 -35.94
CA THR B 117 8.77 23.06 -35.08
C THR B 117 7.70 23.21 -34.00
N MSE B 118 8.13 23.71 -32.85
CA MSE B 118 7.28 23.93 -31.70
C MSE B 118 7.17 25.44 -31.48
O MSE B 118 8.09 26.17 -31.86
CB MSE B 118 7.95 23.25 -30.50
CG MSE B 118 7.25 23.38 -29.20
SE MSE B 118 8.35 22.59 -27.86
CE MSE B 118 7.26 23.01 -26.30
N LEU B 119 6.08 25.92 -30.88
CA LEU B 119 5.93 27.37 -30.66
C LEU B 119 5.23 27.74 -29.34
N SER B 120 6.00 28.31 -28.39
CA SER B 120 5.43 28.77 -27.12
C SER B 120 4.90 30.18 -27.32
N VAL B 121 3.58 30.35 -27.19
CA VAL B 121 2.93 31.66 -27.40
C VAL B 121 2.81 32.52 -26.13
N CYS B 122 3.22 32.00 -24.98
CA CYS B 122 3.19 32.76 -23.71
C CYS B 122 4.62 33.08 -23.25
N GLY B 123 5.51 33.28 -24.21
CA GLY B 123 6.90 33.58 -23.93
C GLY B 123 7.69 32.36 -23.50
N GLU B 124 8.71 32.61 -22.69
CA GLU B 124 9.59 31.57 -22.19
C GLU B 124 8.87 30.66 -21.16
N PRO B 125 8.82 29.33 -21.43
CA PRO B 125 8.16 28.43 -20.47
C PRO B 125 8.99 28.30 -19.19
N TYR B 126 8.37 27.74 -18.14
CA TYR B 126 9.04 27.62 -16.82
C TYR B 126 10.37 26.81 -16.89
N ASP B 127 11.32 27.22 -16.04
CA ASP B 127 12.72 26.70 -16.00
C ASP B 127 13.00 25.20 -16.25
N THR B 128 12.30 24.31 -15.54
CA THR B 128 12.58 22.85 -15.66
C THR B 128 12.05 22.17 -16.96
N LEU B 129 11.58 22.98 -17.93
CA LEU B 129 11.12 22.47 -19.23
C LEU B 129 12.12 22.83 -20.36
N HIS B 130 13.12 23.68 -20.04
CA HIS B 130 14.15 24.08 -21.00
C HIS B 130 15.00 22.91 -21.49
N ASP B 131 15.42 22.05 -20.55
CA ASP B 131 16.23 20.87 -20.89
C ASP B 131 15.45 19.85 -21.74
N VAL B 132 14.15 19.75 -21.50
CA VAL B 132 13.28 18.84 -22.28
C VAL B 132 13.20 19.30 -23.75
N ILE B 133 13.10 20.61 -23.97
CA ILE B 133 13.06 21.18 -25.31
C ILE B 133 14.46 21.29 -25.91
N GLY B 134 15.42 21.68 -25.08
CA GLY B 134 16.81 21.87 -25.50
C GLY B 134 17.04 23.32 -25.92
N ILE B 135 16.61 24.23 -25.05
CA ILE B 135 16.74 25.67 -25.29
C ILE B 135 18.07 26.23 -24.77
N THR B 136 18.43 25.83 -23.55
CA THR B 136 19.64 26.34 -22.91
C THR B 136 20.91 25.52 -23.22
N GLU B 137 21.13 24.41 -22.51
CA GLU B 137 22.38 23.61 -22.67
C GLU B 137 22.34 22.52 -23.76
N ASN B 138 21.34 21.65 -23.73
CA ASN B 138 21.25 20.50 -24.68
C ASN B 138 22.57 19.71 -24.67
N SER B 139 22.83 19.03 -23.55
CA SER B 139 24.09 18.29 -23.35
C SER B 139 23.97 16.76 -23.54
N ASN B 140 23.45 16.34 -24.69
CA ASN B 140 23.31 14.91 -25.07
C ASN B 140 22.40 14.08 -24.10
N MSE B 141 21.37 14.74 -23.54
CA MSE B 141 20.40 14.05 -22.65
C MSE B 141 19.20 13.50 -23.44
O MSE B 141 18.46 12.65 -22.93
CB MSE B 141 19.89 15.00 -21.56
CG MSE B 141 20.93 15.36 -20.51
SE MSE B 141 20.16 16.37 -19.01
CE MSE B 141 21.75 16.44 -17.88
N GLY B 142 19.00 13.99 -24.67
CA GLY B 142 17.90 13.55 -25.53
C GLY B 142 16.78 14.57 -25.57
N SER B 143 17.14 15.83 -25.82
CA SER B 143 16.16 16.91 -25.90
C SER B 143 15.48 16.92 -27.24
N LEU B 144 14.43 17.72 -27.37
CA LEU B 144 13.69 17.86 -28.62
C LEU B 144 14.63 18.35 -29.77
N LYS B 145 15.56 19.26 -29.45
CA LYS B 145 16.52 19.77 -30.45
C LYS B 145 17.47 18.65 -30.93
N GLU B 146 17.81 17.73 -30.03
CA GLU B 146 18.68 16.60 -30.36
C GLU B 146 17.99 15.50 -31.20
N PHE B 147 16.66 15.54 -31.28
CA PHE B 147 15.87 14.61 -32.12
C PHE B 147 15.31 15.32 -33.37
N GLY B 148 15.93 16.43 -33.76
CA GLY B 148 15.52 17.17 -34.95
C GLY B 148 14.22 17.93 -34.83
N ILE B 149 13.77 18.22 -33.60
CA ILE B 149 12.54 18.98 -33.36
C ILE B 149 12.92 20.38 -32.94
N ASN B 150 12.53 21.37 -33.73
CA ASN B 150 12.89 22.76 -33.45
C ASN B 150 11.90 23.45 -32.51
N TYR B 151 12.37 24.54 -31.90
CA TYR B 151 11.59 25.36 -30.97
C TYR B 151 11.56 26.83 -31.42
N LYS B 152 10.38 27.44 -31.36
CA LYS B 152 10.19 28.84 -31.74
C LYS B 152 9.50 29.48 -30.54
N GLN B 153 9.35 30.81 -30.53
CA GLN B 153 8.74 31.50 -29.38
C GLN B 153 8.18 32.88 -29.71
N VAL B 154 7.06 33.22 -29.06
CA VAL B 154 6.41 34.51 -29.20
C VAL B 154 5.98 35.00 -27.81
N ASP B 155 6.61 36.08 -27.33
CA ASP B 155 6.28 36.64 -25.98
C ASP B 155 4.92 37.29 -25.94
N LEU B 156 4.41 37.47 -24.72
CA LEU B 156 3.14 38.14 -24.50
C LEU B 156 3.35 39.64 -24.65
N LYS B 157 2.26 40.36 -24.90
CA LYS B 157 2.32 41.82 -25.05
C LYS B 157 2.53 42.46 -23.68
N GLU B 158 2.73 43.78 -23.67
CA GLU B 158 2.95 44.55 -22.44
C GLU B 158 1.81 44.38 -21.43
N ASP B 159 0.57 44.39 -21.94
CA ASP B 159 -0.64 44.24 -21.08
C ASP B 159 -0.82 42.83 -20.46
N GLY B 160 -0.13 41.82 -21.01
CA GLY B 160 -0.23 40.45 -20.50
C GLY B 160 -0.96 39.50 -21.43
N LYS B 161 -1.89 40.02 -22.24
CA LYS B 161 -2.64 39.19 -23.20
C LYS B 161 -1.73 38.76 -24.40
N PRO B 162 -2.07 37.64 -25.07
CA PRO B 162 -1.24 37.14 -26.17
C PRO B 162 -1.15 38.05 -27.40
N ASN B 163 0.03 38.08 -28.03
CA ASN B 163 0.27 38.89 -29.22
C ASN B 163 -0.19 38.11 -30.45
N LEU B 164 -1.51 38.07 -30.65
CA LEU B 164 -2.12 37.31 -31.76
C LEU B 164 -1.62 37.72 -33.15
N GLU B 165 -1.29 39.00 -33.33
CA GLU B 165 -0.75 39.47 -34.61
C GLU B 165 0.54 38.75 -34.95
N GLU B 166 1.47 38.72 -33.99
CA GLU B 166 2.78 38.06 -34.18
C GLU B 166 2.68 36.54 -34.29
N ILE B 167 1.68 35.95 -33.61
CA ILE B 167 1.44 34.50 -33.69
C ILE B 167 1.09 34.10 -35.12
N GLU B 168 0.24 34.89 -35.77
CA GLU B 168 -0.15 34.64 -37.16
C GLU B 168 1.06 34.73 -38.10
N LYS B 169 1.84 35.79 -37.95
CA LYS B 169 3.02 36.01 -38.81
C LYS B 169 4.06 34.86 -38.67
N VAL B 170 4.24 34.36 -37.46
CA VAL B 170 5.17 33.25 -37.19
C VAL B 170 4.66 31.93 -37.79
N LEU B 171 3.36 31.69 -37.69
CA LEU B 171 2.76 30.47 -38.26
C LEU B 171 2.75 30.52 -39.79
N LYS B 172 2.38 31.66 -40.35
CA LYS B 172 2.35 31.85 -41.80
C LYS B 172 3.75 31.72 -42.42
N GLU B 173 4.76 32.30 -41.77
CA GLU B 173 6.15 32.26 -42.26
C GLU B 173 6.86 30.90 -42.10
N ASP B 174 6.32 30.01 -41.26
CA ASP B 174 6.93 28.69 -41.01
C ASP B 174 5.86 27.57 -40.95
N GLU B 175 5.74 26.84 -42.06
CA GLU B 175 4.75 25.74 -42.17
C GLU B 175 5.12 24.46 -41.39
N SER B 176 6.37 24.37 -40.94
CA SER B 176 6.84 23.21 -40.17
C SER B 176 6.21 23.13 -38.78
N ILE B 177 5.71 24.27 -38.27
CA ILE B 177 5.09 24.32 -36.95
C ILE B 177 3.82 23.47 -36.92
N THR B 178 3.89 22.36 -36.19
CA THR B 178 2.76 21.44 -36.05
C THR B 178 2.12 21.49 -34.64
N LEU B 179 2.81 22.09 -33.66
CA LEU B 179 2.29 22.17 -32.29
C LEU B 179 2.59 23.53 -31.66
N VAL B 180 1.58 24.06 -30.95
CA VAL B 180 1.69 25.36 -30.26
C VAL B 180 1.54 25.12 -28.75
N HIS B 181 2.49 25.63 -27.97
CA HIS B 181 2.51 25.48 -26.51
C HIS B 181 1.91 26.71 -25.81
N ILE B 182 1.01 26.47 -24.85
CA ILE B 182 0.36 27.55 -24.10
C ILE B 182 0.45 27.25 -22.60
N GLN B 183 1.19 28.08 -21.86
CA GLN B 183 1.30 27.94 -20.41
C GLN B 183 0.26 28.84 -19.76
N ARG B 184 -0.72 28.23 -19.07
CA ARG B 184 -1.80 28.98 -18.40
CA ARG B 184 -1.79 29.01 -18.43
C ARG B 184 -1.31 29.72 -17.16
N SER B 185 -0.54 29.02 -16.32
CA SER B 185 -0.03 29.59 -15.07
C SER B 185 1.01 30.69 -15.31
N THR B 186 1.00 31.70 -14.44
CA THR B 186 1.92 32.84 -14.52
C THR B 186 3.37 32.45 -14.19
N GLY B 187 3.56 31.78 -13.06
CA GLY B 187 4.89 31.35 -12.63
C GLY B 187 5.71 32.52 -12.08
N TYR B 188 6.97 32.61 -12.51
CA TYR B 188 7.89 33.68 -12.09
C TYR B 188 7.77 34.90 -13.02
N GLY B 189 6.56 35.49 -13.07
CA GLY B 189 6.28 36.65 -13.92
C GLY B 189 5.33 37.63 -13.25
N TRP B 190 5.47 38.91 -13.59
CA TRP B 190 4.64 39.96 -13.02
C TRP B 190 3.67 40.47 -14.09
N ARG B 191 2.67 39.66 -14.40
CA ARG B 191 1.68 39.99 -15.43
C ARG B 191 0.29 39.51 -15.03
N ARG B 192 -0.72 39.97 -15.78
CA ARG B 192 -2.11 39.56 -15.55
C ARG B 192 -2.27 38.08 -15.93
N ALA B 193 -3.14 37.37 -15.23
CA ALA B 193 -3.38 35.93 -15.47
C ALA B 193 -3.99 35.66 -16.86
N LEU B 194 -3.63 34.51 -17.44
CA LEU B 194 -4.14 34.11 -18.74
C LEU B 194 -5.42 33.28 -18.53
N LEU B 195 -6.57 33.91 -18.78
CA LEU B 195 -7.87 33.28 -18.55
C LEU B 195 -8.28 32.37 -19.72
N ILE B 196 -9.38 31.63 -19.52
CA ILE B 196 -9.95 30.73 -20.57
C ILE B 196 -10.32 31.55 -21.80
N GLU B 197 -10.93 32.70 -21.57
CA GLU B 197 -11.31 33.66 -22.59
C GLU B 197 -10.11 33.98 -23.50
N ASP B 198 -8.94 34.18 -22.87
CA ASP B 198 -7.69 34.47 -23.60
C ASP B 198 -7.17 33.23 -24.33
N ILE B 199 -7.31 32.04 -23.71
CA ILE B 199 -6.89 30.78 -24.34
C ILE B 199 -7.71 30.50 -25.61
N LYS B 200 -9.01 30.79 -25.56
CA LYS B 200 -9.89 30.61 -26.72
C LYS B 200 -9.39 31.45 -27.91
N SER B 201 -8.88 32.65 -27.62
CA SER B 201 -8.34 33.52 -28.67
C SER B 201 -7.13 32.88 -29.32
N ILE B 202 -6.24 32.32 -28.50
CA ILE B 202 -5.02 31.67 -29.01
C ILE B 202 -5.35 30.47 -29.92
N VAL B 203 -6.30 29.64 -29.49
CA VAL B 203 -6.71 28.48 -30.28
C VAL B 203 -7.36 28.93 -31.57
N ASP B 204 -8.49 29.64 -31.47
CA ASP B 204 -9.21 30.16 -32.65
C ASP B 204 -8.26 30.80 -33.67
N CYS B 205 -7.29 31.57 -33.18
CA CYS B 205 -6.29 32.25 -34.01
C CYS B 205 -5.37 31.28 -34.78
N VAL B 206 -4.76 30.35 -34.05
CA VAL B 206 -3.85 29.37 -34.68
C VAL B 206 -4.58 28.31 -35.51
N LYS B 207 -5.79 27.94 -35.07
CA LYS B 207 -6.59 26.92 -35.76
C LYS B 207 -7.17 27.51 -37.07
N ASN B 208 -7.33 28.84 -37.11
CA ASN B 208 -7.82 29.56 -38.31
C ASN B 208 -6.77 29.55 -39.44
N ILE B 209 -5.50 29.67 -39.07
CA ILE B 209 -4.41 29.62 -40.05
C ILE B 209 -4.18 28.21 -40.58
N ARG B 210 -4.18 27.23 -39.67
CA ARG B 210 -4.00 25.83 -40.07
C ARG B 210 -4.60 24.89 -38.99
N LYS B 211 -5.73 24.26 -39.34
CA LYS B 211 -6.49 23.37 -38.43
C LYS B 211 -5.72 22.14 -37.90
N ASP B 212 -4.77 21.62 -38.69
CA ASP B 212 -3.98 20.44 -38.26
C ASP B 212 -2.96 20.70 -37.12
N ILE B 213 -2.78 21.97 -36.73
CA ILE B 213 -1.86 22.32 -35.62
C ILE B 213 -2.45 21.87 -34.27
N ILE B 214 -1.63 21.28 -33.41
CA ILE B 214 -2.07 20.83 -32.10
C ILE B 214 -1.86 21.94 -31.06
N CYS B 215 -2.94 22.35 -30.40
CA CYS B 215 -2.88 23.38 -29.37
C CYS B 215 -2.71 22.74 -28.00
N PHE B 216 -1.46 22.54 -27.60
CA PHE B 216 -1.13 21.94 -26.31
C PHE B 216 -1.14 23.00 -25.21
N VAL B 217 -1.80 22.70 -24.09
CA VAL B 217 -1.94 23.65 -22.98
C VAL B 217 -1.45 23.10 -21.64
N ASP B 218 -0.42 23.72 -21.07
CA ASP B 218 0.09 23.35 -19.73
C ASP B 218 -1.00 23.82 -18.77
N ASN B 219 -1.72 22.86 -18.21
CA ASN B 219 -2.85 23.15 -17.35
C ASN B 219 -2.52 23.12 -15.85
N CYS B 220 -1.23 23.14 -15.49
CA CYS B 220 -0.82 23.13 -14.07
C CYS B 220 -1.34 24.34 -13.32
N TYR B 221 -1.77 24.10 -12.08
CA TYR B 221 -2.33 25.13 -11.17
C TYR B 221 -3.68 25.73 -11.57
N GLY B 222 -4.21 25.34 -12.74
CA GLY B 222 -5.47 25.92 -13.23
C GLY B 222 -6.69 25.03 -13.19
N GLU B 223 -6.57 23.84 -12.62
CA GLU B 223 -7.71 22.91 -12.59
C GLU B 223 -8.82 23.43 -11.65
N PHE B 224 -10.05 23.48 -12.18
CA PHE B 224 -11.24 23.93 -11.44
C PHE B 224 -11.13 25.38 -10.92
N MSE B 225 -10.45 26.22 -11.70
CA MSE B 225 -10.29 27.62 -11.36
C MSE B 225 -11.49 28.41 -11.99
O MSE B 225 -11.83 29.50 -11.54
CB MSE B 225 -8.96 28.13 -11.90
CG MSE B 225 -8.26 29.18 -11.06
SE MSE B 225 -7.79 28.57 -9.25
CE MSE B 225 -7.14 26.83 -9.66
N ASP B 226 -12.08 27.81 -13.02
CA ASP B 226 -13.22 28.35 -13.74
C ASP B 226 -14.12 27.16 -14.08
N THR B 227 -15.40 27.41 -14.38
CA THR B 227 -16.32 26.31 -14.75
C THR B 227 -15.85 25.59 -16.02
N LYS B 228 -15.24 26.34 -16.94
CA LYS B 228 -14.67 25.76 -18.16
C LYS B 228 -13.17 25.50 -17.99
N GLU B 229 -12.65 24.61 -18.85
CA GLU B 229 -11.24 24.22 -18.87
C GLU B 229 -10.73 24.52 -20.29
N PRO B 230 -9.40 24.47 -20.52
CA PRO B 230 -8.87 24.73 -21.87
C PRO B 230 -9.48 23.81 -22.94
N THR B 231 -9.77 22.57 -22.56
CA THR B 231 -10.37 21.58 -23.45
C THR B 231 -11.82 21.96 -23.89
N ASP B 232 -12.47 22.86 -23.14
CA ASP B 232 -13.80 23.36 -23.49
C ASP B 232 -13.73 24.53 -24.50
N VAL B 233 -12.53 25.08 -24.73
CA VAL B 233 -12.34 26.16 -25.72
C VAL B 233 -11.46 25.73 -26.90
N GLY B 234 -11.52 24.44 -27.24
CA GLY B 234 -10.81 23.88 -28.41
C GLY B 234 -9.40 23.32 -28.27
N ALA B 235 -8.88 23.22 -27.04
CA ALA B 235 -7.52 22.71 -26.85
C ALA B 235 -7.44 21.22 -27.23
N ASP B 236 -6.51 20.88 -28.12
CA ASP B 236 -6.31 19.50 -28.59
C ASP B 236 -5.71 18.57 -27.54
N LEU B 237 -4.99 19.12 -26.57
CA LEU B 237 -4.34 18.31 -25.52
C LEU B 237 -3.94 19.19 -24.35
N ILE B 238 -4.11 18.67 -23.12
CA ILE B 238 -3.69 19.39 -21.91
C ILE B 238 -2.94 18.41 -20.99
N ALA B 239 -2.13 18.95 -20.07
CA ALA B 239 -1.35 18.12 -19.14
C ALA B 239 -1.13 18.82 -17.83
N GLY B 240 -1.05 18.04 -16.75
CA GLY B 240 -0.81 18.58 -15.40
C GLY B 240 -0.31 17.52 -14.41
N SER B 241 -0.07 17.96 -13.17
CA SER B 241 0.45 17.12 -12.09
C SER B 241 -0.64 16.75 -11.09
N LEU B 242 -0.59 15.52 -10.57
CA LEU B 242 -1.57 15.07 -9.57
C LEU B 242 -1.23 15.53 -8.14
N ILE B 243 0.00 16.02 -7.87
CA ILE B 243 0.31 16.56 -6.52
C ILE B 243 -0.04 18.06 -6.40
N1 LLP B 244 4.34 23.89 -15.61
C2 LLP B 244 3.88 24.92 -14.81
C2' LLP B 244 3.47 26.23 -15.40
C3 LLP B 244 3.81 24.73 -13.43
O3 LLP B 244 3.41 25.65 -12.73
C4 LLP B 244 4.21 23.50 -12.85
C4' LLP B 244 4.11 23.24 -11.35
C5 LLP B 244 4.65 22.49 -13.69
C6 LLP B 244 4.70 22.69 -15.07
C5' LLP B 244 5.06 21.17 -13.12
OP4 LLP B 244 6.13 21.11 -12.16
P LLP B 244 6.55 19.67 -11.59
OP1 LLP B 244 7.68 19.94 -10.70
OP2 LLP B 244 6.88 18.88 -12.80
OP3 LLP B 244 5.32 19.18 -10.90
N LLP B 244 -0.77 18.58 -7.40
CA LLP B 244 -1.28 19.93 -7.41
CB LLP B 244 -0.73 20.69 -8.60
CG LLP B 244 0.79 20.80 -8.64
CD LLP B 244 1.19 21.69 -9.78
CE LLP B 244 2.70 21.95 -9.89
NZ LLP B 244 2.87 22.75 -11.14
C LLP B 244 -2.82 19.83 -7.49
O LLP B 244 -3.37 18.73 -7.44
N ASN B 245 -3.49 20.98 -7.59
CA ASN B 245 -4.99 21.10 -7.67
C ASN B 245 -5.84 19.82 -7.85
N ILE B 246 -5.70 19.16 -9.00
CA ILE B 246 -6.58 18.00 -9.36
C ILE B 246 -6.45 16.75 -8.46
N GLY B 247 -5.34 16.62 -7.75
CA GLY B 247 -5.16 15.51 -6.81
C GLY B 247 -5.89 15.74 -5.50
N GLY B 248 -6.38 16.97 -5.28
CA GLY B 248 -7.14 17.32 -4.08
C GLY B 248 -6.42 17.12 -2.76
N GLY B 249 -5.08 17.17 -2.78
CA GLY B 249 -4.29 16.97 -1.55
C GLY B 249 -4.11 15.53 -1.09
N ILE B 250 -4.84 14.59 -1.72
CA ILE B 250 -4.78 13.16 -1.37
C ILE B 250 -3.85 12.39 -2.31
N ALA B 251 -3.95 12.68 -3.62
CA ALA B 251 -3.14 12.00 -4.67
C ALA B 251 -1.66 11.88 -4.25
N PRO B 252 -1.15 10.63 -4.16
CA PRO B 252 0.25 10.41 -3.71
C PRO B 252 1.33 10.87 -4.68
N THR B 253 1.06 10.71 -5.97
CA THR B 253 1.99 11.10 -7.02
C THR B 253 1.25 11.00 -8.37
N GLY B 254 1.98 11.08 -9.47
CA GLY B 254 1.38 10.95 -10.80
C GLY B 254 1.05 12.25 -11.49
N GLY B 255 0.56 12.11 -12.72
CA GLY B 255 0.18 13.25 -13.56
C GLY B 255 -0.95 12.81 -14.46
N TYR B 256 -1.51 13.76 -15.22
CA TYR B 256 -2.61 13.47 -16.13
C TYR B 256 -2.46 14.16 -17.45
N LEU B 257 -3.24 13.70 -18.41
CA LEU B 257 -3.31 14.24 -19.74
C LEU B 257 -4.73 14.03 -20.24
N ALA B 258 -5.23 14.97 -21.03
CA ALA B 258 -6.59 14.91 -21.58
C ALA B 258 -6.65 15.58 -22.92
N GLY B 259 -7.25 14.93 -23.91
CA GLY B 259 -7.37 15.48 -25.25
C GLY B 259 -7.95 14.50 -26.23
N THR B 260 -7.59 14.67 -27.50
CA THR B 260 -8.05 13.80 -28.57
C THR B 260 -7.39 12.43 -28.42
N LYS B 261 -8.06 11.39 -28.88
CA LYS B 261 -7.52 10.01 -28.79
C LYS B 261 -6.15 9.89 -29.46
N ASP B 262 -5.95 10.64 -30.55
CA ASP B 262 -4.71 10.64 -31.31
C ASP B 262 -3.54 11.19 -30.47
N CYS B 263 -3.74 12.34 -29.86
CA CYS B 263 -2.69 12.95 -29.01
C CYS B 263 -2.38 12.08 -27.79
N ILE B 264 -3.44 11.59 -27.12
CA ILE B 264 -3.29 10.75 -25.92
C ILE B 264 -2.55 9.44 -26.22
N GLU B 265 -2.92 8.76 -27.30
CA GLU B 265 -2.25 7.52 -27.71
C GLU B 265 -0.79 7.78 -28.06
N LYS B 266 -0.55 8.85 -28.82
CA LYS B 266 0.81 9.27 -29.21
C LYS B 266 1.65 9.63 -27.97
N THR B 267 1.02 10.23 -26.97
CA THR B 267 1.68 10.59 -25.73
C THR B 267 2.00 9.33 -24.90
N SER B 268 1.10 8.35 -24.93
CA SER B 268 1.28 7.10 -24.18
C SER B 268 2.45 6.27 -24.69
N TYR B 269 2.75 6.38 -26.00
CA TYR B 269 3.88 5.65 -26.58
C TYR B 269 5.24 6.23 -26.09
N ARG B 270 5.24 7.49 -25.62
CA ARG B 270 6.43 8.11 -25.02
C ARG B 270 6.50 7.71 -23.54
N LEU B 271 5.34 7.69 -22.87
CA LEU B 271 5.25 7.27 -21.47
C LEU B 271 5.86 5.89 -21.33
N THR B 272 5.48 4.98 -22.24
CA THR B 272 5.99 3.63 -22.29
C THR B 272 6.81 3.45 -23.60
N VAL B 273 6.29 2.69 -24.59
CA VAL B 273 6.98 2.47 -25.86
C VAL B 273 5.94 2.28 -26.95
N PRO B 274 6.32 2.52 -28.22
CA PRO B 274 5.36 2.28 -29.31
C PRO B 274 4.99 0.79 -29.37
N GLY B 275 3.70 0.51 -29.55
CA GLY B 275 3.21 -0.87 -29.60
C GLY B 275 2.52 -1.32 -28.32
N ILE B 276 2.82 -0.63 -27.21
CA ILE B 276 2.21 -0.93 -25.92
C ILE B 276 1.38 0.27 -25.47
N GLY B 277 2.02 1.42 -25.32
CA GLY B 277 1.33 2.63 -24.89
C GLY B 277 0.82 2.47 -23.47
N GLY B 278 -0.49 2.67 -23.29
CA GLY B 278 -1.14 2.53 -21.97
C GLY B 278 -1.88 1.21 -21.78
N GLU B 279 -1.55 0.20 -22.58
CA GLU B 279 -2.21 -1.10 -22.47
C GLU B 279 -1.69 -1.83 -21.20
N CYS B 280 -0.47 -1.45 -20.75
CA CYS B 280 0.14 -1.98 -19.54
C CYS B 280 0.41 -0.82 -18.57
N GLY B 281 0.57 -1.16 -17.29
CA GLY B 281 0.84 -0.18 -16.24
C GLY B 281 -0.05 -0.40 -15.04
N SER B 282 0.46 -1.10 -14.04
CA SER B 282 -0.29 -1.37 -12.82
CA SER B 282 -0.27 -1.36 -12.80
C SER B 282 -0.40 -0.07 -12.00
N THR B 283 -1.49 0.07 -11.24
CA THR B 283 -1.73 1.28 -10.44
C THR B 283 -1.28 1.19 -8.96
N PHE B 284 -0.55 0.13 -8.59
CA PHE B 284 0.00 -0.04 -7.22
C PHE B 284 -1.04 0.10 -6.08
N GLY B 285 -2.31 -0.14 -6.37
CA GLY B 285 -3.37 0.01 -5.37
C GLY B 285 -3.55 1.46 -4.86
N VAL B 286 -3.18 2.45 -5.67
CA VAL B 286 -3.32 3.86 -5.29
C VAL B 286 -4.39 4.56 -6.14
N VAL B 287 -5.15 3.78 -6.91
CA VAL B 287 -6.19 4.32 -7.78
C VAL B 287 -7.36 4.95 -7.00
N ARG B 288 -7.69 4.39 -5.83
CA ARG B 288 -8.76 4.94 -4.99
C ARG B 288 -8.47 6.39 -4.60
N SER B 289 -7.25 6.63 -4.12
CA SER B 289 -6.81 7.97 -3.70
C SER B 289 -6.85 8.97 -4.85
N MSE B 290 -6.66 8.50 -6.08
CA MSE B 290 -6.73 9.35 -7.27
C MSE B 290 -8.19 9.70 -7.60
O MSE B 290 -8.49 10.82 -8.02
CB MSE B 290 -6.03 8.69 -8.46
CG MSE B 290 -4.53 8.52 -8.25
SE MSE B 290 -3.66 7.42 -9.61
CE MSE B 290 -4.04 8.51 -11.16
N TYR B 291 -9.11 8.73 -7.43
CA TYR B 291 -10.55 8.97 -7.63
C TYR B 291 -11.06 9.96 -6.60
N GLN B 292 -10.80 9.65 -5.32
CA GLN B 292 -11.23 10.49 -4.21
C GLN B 292 -10.58 11.88 -4.29
N GLY B 293 -9.32 11.90 -4.74
CA GLY B 293 -8.60 13.14 -4.91
C GLY B 293 -9.26 14.03 -5.94
N LEU B 294 -9.69 13.44 -7.05
CA LEU B 294 -10.38 14.17 -8.10
C LEU B 294 -11.68 14.71 -7.55
N PHE B 295 -12.44 13.85 -6.87
CA PHE B 295 -13.72 14.24 -6.29
C PHE B 295 -13.60 15.44 -5.31
N LEU B 296 -12.50 15.49 -4.55
CA LEU B 296 -12.24 16.60 -3.61
C LEU B 296 -11.55 17.81 -4.28
N ALA B 297 -11.01 17.62 -5.49
CA ALA B 297 -10.26 18.67 -6.21
C ALA B 297 -10.97 20.03 -6.33
N PRO B 298 -12.20 20.06 -6.87
CA PRO B 298 -12.91 21.34 -6.99
C PRO B 298 -13.03 22.10 -5.66
N HIS B 299 -13.20 21.38 -4.56
CA HIS B 299 -13.33 21.99 -3.25
C HIS B 299 -11.98 22.47 -2.73
N ILE B 300 -11.00 21.57 -2.67
CA ILE B 300 -9.66 21.89 -2.15
C ILE B 300 -8.95 22.99 -2.95
N SER B 301 -9.17 23.02 -4.26
CA SER B 301 -8.58 24.06 -5.12
C SER B 301 -8.98 25.47 -4.68
N MSE B 302 -10.27 25.66 -4.40
CA MSE B 302 -10.77 26.96 -3.95
C MSE B 302 -10.38 27.32 -2.51
O MSE B 302 -10.46 28.48 -2.13
CB MSE B 302 -12.29 27.05 -4.10
CG MSE B 302 -12.79 26.93 -5.55
SE MSE B 302 -12.06 28.27 -6.79
CE MSE B 302 -13.22 27.93 -8.32
N GLU B 303 -9.99 26.33 -1.70
CA GLU B 303 -9.50 26.61 -0.34
C GLU B 303 -8.14 27.30 -0.49
N ALA B 304 -7.34 26.82 -1.45
CA ALA B 304 -6.05 27.41 -1.74
C ALA B 304 -6.21 28.79 -2.39
N LEU B 305 -7.17 28.89 -3.33
CA LEU B 305 -7.44 30.15 -4.01
C LEU B 305 -7.90 31.21 -3.01
N LYS B 306 -8.85 30.85 -2.15
CA LYS B 306 -9.34 31.74 -1.08
C LYS B 306 -8.17 32.23 -0.22
N GLY B 307 -7.23 31.33 0.08
CA GLY B 307 -6.02 31.67 0.85
C GLY B 307 -5.16 32.69 0.11
N ALA B 308 -5.05 32.52 -1.22
CA ALA B 308 -4.26 33.44 -2.07
C ALA B 308 -4.93 34.81 -2.17
N ILE B 309 -6.27 34.84 -2.24
CA ILE B 309 -7.04 36.09 -2.30
C ILE B 309 -6.87 36.85 -1.00
N LEU B 310 -6.94 36.13 0.13
CA LEU B 310 -6.73 36.74 1.45
C LEU B 310 -5.31 37.28 1.55
N CYS B 311 -4.36 36.49 1.06
CA CYS B 311 -2.95 36.87 1.08
C CYS B 311 -2.71 38.15 0.26
N SER B 312 -3.35 38.22 -0.91
CA SER B 312 -3.21 39.38 -1.80
C SER B 312 -3.67 40.67 -1.15
N ARG B 313 -4.85 40.62 -0.54
CA ARG B 313 -5.44 41.81 0.06
C ARG B 313 -4.76 42.23 1.35
N ILE B 314 -4.56 41.29 2.26
CA ILE B 314 -3.95 41.60 3.56
C ILE B 314 -2.52 42.15 3.40
N MSE B 315 -1.80 41.65 2.39
CA MSE B 315 -0.43 42.09 2.13
C MSE B 315 -0.45 43.46 1.43
O MSE B 315 0.48 44.27 1.59
CB MSE B 315 0.30 41.05 1.28
CG MSE B 315 1.72 40.80 1.69
SE MSE B 315 1.83 39.90 3.43
CE MSE B 315 0.81 38.30 3.06
N GLU B 316 -1.52 43.72 0.64
CA GLU B 316 -1.70 45.01 -0.04
C GLU B 316 -2.01 46.11 0.99
N LEU B 317 -2.86 45.78 1.96
CA LEU B 317 -3.17 46.71 3.05
C LEU B 317 -1.94 46.93 3.96
N ALA B 318 -1.02 45.97 3.94
CA ALA B 318 0.24 46.04 4.69
C ALA B 318 1.30 46.92 4.00
N GLY B 319 1.05 47.29 2.74
CA GLY B 319 1.95 48.18 1.98
C GLY B 319 2.85 47.54 0.93
N PHE B 320 2.59 46.27 0.60
CA PHE B 320 3.40 45.55 -0.40
C PHE B 320 2.63 45.39 -1.71
N GLU B 321 3.33 45.50 -2.84
CA GLU B 321 2.71 45.32 -4.15
C GLU B 321 2.40 43.84 -4.31
N VAL B 322 1.23 43.55 -4.87
CA VAL B 322 0.75 42.18 -5.04
C VAL B 322 0.31 41.90 -6.46
N MSE B 323 0.37 40.63 -6.86
CA MSE B 323 0.01 40.21 -8.20
C MSE B 323 -0.42 38.72 -8.17
O MSE B 323 0.40 37.87 -7.83
CB MSE B 323 1.21 40.39 -9.14
CG MSE B 323 0.94 40.14 -10.61
SE MSE B 323 -0.37 41.37 -11.38
CE MSE B 323 0.53 43.09 -11.01
N PRO B 324 -1.69 38.41 -8.52
CA PRO B 324 -2.77 39.33 -8.91
C PRO B 324 -3.37 40.03 -7.72
N LYS B 325 -4.21 41.04 -8.00
CA LYS B 325 -4.91 41.76 -6.96
C LYS B 325 -6.06 40.87 -6.47
N TYR B 326 -6.60 41.20 -5.29
CA TYR B 326 -7.65 40.37 -4.66
C TYR B 326 -8.94 40.18 -5.49
N ASP B 327 -9.26 41.14 -6.38
CA ASP B 327 -10.51 41.10 -7.17
C ASP B 327 -10.34 40.93 -8.70
N GLU B 328 -9.25 40.29 -9.12
CA GLU B 328 -9.02 40.01 -10.56
C GLU B 328 -9.37 38.56 -10.86
N LYS B 329 -9.81 38.28 -12.09
CA LYS B 329 -10.13 36.91 -12.50
C LYS B 329 -8.84 36.12 -12.51
N ARG B 330 -8.87 34.90 -11.97
CA ARG B 330 -7.63 34.11 -11.85
C ARG B 330 -7.50 32.86 -12.73
N SER B 331 -6.24 32.57 -13.09
CA SER B 331 -5.87 31.41 -13.90
C SER B 331 -5.21 30.31 -13.07
N ASP B 332 -4.65 30.68 -11.91
CA ASP B 332 -3.95 29.73 -11.04
C ASP B 332 -4.12 30.06 -9.54
N ILE B 333 -3.60 29.18 -8.69
CA ILE B 333 -3.67 29.33 -7.24
C ILE B 333 -2.48 30.10 -6.64
N ILE B 334 -1.59 30.61 -7.50
CA ILE B 334 -0.38 31.33 -7.04
C ILE B 334 -0.69 32.80 -6.74
N GLN B 335 0.06 33.36 -5.78
CA GLN B 335 -0.05 34.76 -5.39
C GLN B 335 1.37 35.31 -5.19
N SER B 336 1.71 36.38 -5.93
CA SER B 336 3.04 37.01 -5.84
C SER B 336 3.02 38.16 -4.86
N ILE B 337 4.13 38.34 -4.13
CA ILE B 337 4.26 39.41 -3.15
C ILE B 337 5.62 40.10 -3.27
N LYS B 338 5.62 41.35 -3.75
CA LYS B 338 6.86 42.12 -3.93
C LYS B 338 7.21 42.90 -2.67
N PHE B 339 8.24 42.43 -1.96
CA PHE B 339 8.67 43.05 -0.70
C PHE B 339 9.69 44.19 -0.85
N ASN B 340 10.47 44.19 -1.94
CA ASN B 340 11.56 45.19 -2.15
C ASN B 340 12.60 45.15 -1.01
N ASP B 341 12.86 43.93 -0.52
CA ASP B 341 13.81 43.73 0.57
C ASP B 341 14.10 42.23 0.72
N LYS B 342 15.36 41.90 0.99
CA LYS B 342 15.78 40.52 1.16
C LYS B 342 15.29 39.95 2.49
N ASP B 343 15.49 40.70 3.57
CA ASP B 343 15.09 40.24 4.92
C ASP B 343 13.57 40.04 5.08
N LYS B 344 12.77 40.97 4.56
CA LYS B 344 11.31 40.82 4.63
C LYS B 344 10.84 39.57 3.87
N LEU B 345 11.48 39.28 2.73
CA LEU B 345 11.18 38.07 1.95
C LEU B 345 11.56 36.80 2.71
N ILE B 346 12.75 36.80 3.32
CA ILE B 346 13.25 35.66 4.10
C ILE B 346 12.34 35.39 5.30
N GLU B 347 12.02 36.45 6.06
CA GLU B 347 11.16 36.35 7.25
C GLU B 347 9.76 35.80 6.94
N PHE B 348 9.21 36.19 5.79
CA PHE B 348 7.88 35.72 5.38
C PHE B 348 7.88 34.20 5.13
N CYS B 349 8.89 33.71 4.41
CA CYS B 349 9.01 32.27 4.12
C CYS B 349 9.17 31.47 5.40
N LYS B 350 10.06 31.93 6.28
CA LYS B 350 10.27 31.29 7.60
C LYS B 350 8.95 31.21 8.38
N GLY B 351 8.13 32.26 8.25
CA GLY B 351 6.83 32.30 8.88
C GLY B 351 5.87 31.28 8.29
N ILE B 352 5.92 31.09 6.98
CA ILE B 352 5.08 30.08 6.30
C ILE B 352 5.54 28.67 6.70
N GLN B 353 6.85 28.48 6.76
CA GLN B 353 7.42 27.20 7.15
C GLN B 353 7.03 26.87 8.57
N THR B 354 7.14 27.87 9.46
CA THR B 354 6.82 27.68 10.89
C THR B 354 5.30 27.42 11.12
N GLY B 355 4.45 27.79 10.16
CA GLY B 355 3.00 27.53 10.23
C GLY B 355 2.55 26.30 9.42
N SER B 356 3.43 25.31 9.28
CA SER B 356 3.13 24.09 8.52
C SER B 356 3.03 22.87 9.47
N PRO B 357 2.19 21.87 9.14
CA PRO B 357 2.04 20.70 10.01
C PRO B 357 3.29 19.79 10.03
N ILE B 358 3.89 19.57 8.87
CA ILE B 358 5.08 18.74 8.75
C ILE B 358 6.32 19.63 8.59
N ASP B 359 7.39 19.29 9.31
CA ASP B 359 8.69 20.03 9.25
C ASP B 359 8.60 21.52 9.62
N SER B 360 7.87 21.84 10.69
CA SER B 360 7.77 23.24 11.15
C SER B 360 9.07 23.67 11.78
N PHE B 361 9.61 22.79 12.63
CA PHE B 361 10.90 23.00 13.32
C PHE B 361 12.12 23.20 12.39
N VAL B 362 12.06 22.64 11.17
CA VAL B 362 13.16 22.73 10.20
C VAL B 362 13.63 24.17 9.89
N SER B 363 14.95 24.35 9.77
CA SER B 363 15.56 25.65 9.47
C SER B 363 15.27 26.06 8.03
N CYS B 364 14.71 27.27 7.85
CA CYS B 364 14.37 27.81 6.53
C CYS B 364 15.34 28.94 6.11
N GLU B 365 16.40 28.58 5.39
CA GLU B 365 17.40 29.52 4.91
C GLU B 365 17.51 29.38 3.39
N PRO B 366 18.20 30.34 2.72
CA PRO B 366 18.39 30.17 1.28
C PRO B 366 19.48 29.14 1.00
N TRP B 367 19.35 28.42 -0.12
CA TRP B 367 20.35 27.43 -0.53
C TRP B 367 20.60 27.55 -2.03
N ASP B 368 21.74 27.05 -2.49
CA ASP B 368 22.16 27.18 -3.89
C ASP B 368 21.67 26.04 -4.81
N MSE B 369 20.84 26.39 -5.79
CA MSE B 369 20.36 25.43 -6.79
C MSE B 369 21.58 24.90 -7.55
O MSE B 369 22.52 25.66 -7.80
CB MSE B 369 19.44 26.12 -7.79
CG MSE B 369 18.05 26.51 -7.28
SE MSE B 369 16.71 25.09 -7.49
CE MSE B 369 15.13 26.02 -6.80
N PRO B 370 21.55 23.61 -7.94
CA PRO B 370 22.71 23.02 -8.63
C PRO B 370 23.06 23.60 -10.02
N GLY B 371 22.06 24.12 -10.77
CA GLY B 371 22.29 24.68 -12.13
C GLY B 371 21.84 26.13 -12.35
N TYR B 372 21.69 26.90 -11.25
CA TYR B 372 21.25 28.32 -11.33
C TYR B 372 22.20 29.19 -10.49
N THR B 373 22.30 30.46 -10.88
CA THR B 373 23.20 31.41 -10.20
C THR B 373 22.64 31.94 -8.89
N ASP B 374 21.44 32.49 -8.94
CA ASP B 374 20.80 33.10 -7.76
C ASP B 374 20.28 32.05 -6.77
N GLN B 375 20.49 32.30 -5.47
CA GLN B 375 20.00 31.41 -4.42
C GLN B 375 18.49 31.42 -4.34
N VAL B 376 17.93 30.38 -3.71
CA VAL B 376 16.50 30.24 -3.57
C VAL B 376 16.13 29.83 -2.13
N ILE B 377 15.10 30.48 -1.58
CA ILE B 377 14.58 30.15 -0.24
C ILE B 377 13.24 29.53 -0.49
N MSE B 378 12.93 28.46 0.25
CA MSE B 378 11.68 27.73 0.05
C MSE B 378 11.04 27.30 1.35
O MSE B 378 11.73 26.88 2.29
CB MSE B 378 11.90 26.52 -0.84
CG MSE B 378 12.49 26.85 -2.22
SE MSE B 378 12.86 25.31 -3.29
CE MSE B 378 11.03 24.62 -3.49
N ALA B 379 9.71 27.43 1.41
CA ALA B 379 8.92 27.01 2.56
C ALA B 379 8.09 25.83 2.09
N ALA B 380 8.45 24.63 2.59
CA ALA B 380 7.75 23.40 2.23
C ALA B 380 7.60 22.49 3.44
N GLY B 381 6.44 21.87 3.58
CA GLY B 381 6.17 20.98 4.69
C GLY B 381 4.81 20.36 4.49
N ALA B 382 4.76 19.31 3.69
CA ALA B 382 3.50 18.66 3.32
C ALA B 382 3.47 17.18 3.67
N PHE B 383 2.28 16.60 3.56
CA PHE B 383 2.07 15.16 3.76
C PHE B 383 2.63 14.46 2.52
N ILE B 384 2.19 14.92 1.34
CA ILE B 384 2.70 14.44 0.07
C ILE B 384 3.90 15.36 -0.26
N GLN B 385 5.09 14.76 -0.45
CA GLN B 385 6.33 15.54 -0.67
C GLN B 385 6.29 16.45 -1.91
N GLY B 386 6.54 17.73 -1.70
CA GLY B 386 6.55 18.71 -2.78
C GLY B 386 5.20 18.99 -3.41
N SER B 387 4.12 18.86 -2.62
CA SER B 387 2.77 19.14 -3.10
C SER B 387 2.58 20.64 -3.10
N SER B 388 2.11 21.18 -4.22
CA SER B 388 1.88 22.62 -4.35
C SER B 388 0.47 23.01 -3.88
N ILE B 389 -0.46 22.06 -3.87
CA ILE B 389 -1.82 22.31 -3.40
C ILE B 389 -1.81 22.50 -1.87
N GLU B 390 -0.79 21.98 -1.18
CA GLU B 390 -0.63 22.19 0.26
C GLU B 390 0.13 23.50 0.42
N LEU B 391 -0.04 24.15 1.58
CA LEU B 391 0.60 25.46 1.85
C LEU B 391 2.11 25.39 1.62
N SER B 392 2.62 26.30 0.79
CA SER B 392 4.04 26.33 0.46
C SER B 392 4.41 27.68 -0.13
N ALA B 393 5.72 27.95 -0.16
CA ALA B 393 6.23 29.20 -0.71
C ALA B 393 7.63 29.01 -1.28
N ASP B 394 7.96 29.84 -2.25
CA ASP B 394 9.28 29.81 -2.89
C ASP B 394 9.57 31.15 -3.51
N ALA B 395 10.84 31.51 -3.58
CA ALA B 395 11.25 32.78 -4.14
C ALA B 395 12.75 32.79 -4.42
N PRO B 396 13.16 33.31 -5.61
CA PRO B 396 14.58 33.41 -5.88
C PRO B 396 15.12 34.66 -5.20
N ILE B 397 16.34 34.61 -4.69
CA ILE B 397 16.94 35.77 -4.05
C ILE B 397 17.49 36.73 -5.10
N ARG B 398 16.73 37.79 -5.37
CA ARG B 398 17.13 38.86 -6.31
C ARG B 398 16.13 39.99 -6.24
N GLU B 399 16.58 41.19 -6.60
CA GLU B 399 15.73 42.37 -6.59
C GLU B 399 14.60 42.14 -7.63
N PRO B 400 13.34 42.55 -7.33
CA PRO B 400 12.80 43.22 -6.13
C PRO B 400 12.27 42.26 -5.02
N TYR B 401 12.81 41.04 -4.96
CA TYR B 401 12.44 40.05 -3.94
C TYR B 401 10.94 39.75 -3.91
N ILE B 402 10.49 39.01 -4.91
CA ILE B 402 9.09 38.65 -5.06
C ILE B 402 8.87 37.21 -4.57
N ALA B 403 8.00 37.04 -3.57
CA ALA B 403 7.69 35.70 -3.02
C ALA B 403 6.47 35.15 -3.72
N TYR B 404 6.35 33.81 -3.71
CA TYR B 404 5.24 33.12 -4.37
C TYR B 404 4.56 32.12 -3.42
N LEU B 405 3.52 32.58 -2.70
CA LEU B 405 2.74 31.73 -1.79
C LEU B 405 1.70 30.98 -2.63
N GLN B 406 1.33 29.79 -2.18
CA GLN B 406 0.42 28.92 -2.92
C GLN B 406 0.00 27.68 -2.12
N GLY B 407 -1.24 27.22 -2.34
CA GLY B 407 -1.77 26.04 -1.68
C GLY B 407 -2.47 26.29 -0.35
N GLY B 408 -2.93 25.21 0.27
CA GLY B 408 -3.67 25.26 1.54
C GLY B 408 -4.86 24.32 1.45
N LEU B 409 -4.76 23.17 2.13
CA LEU B 409 -5.85 22.17 2.10
C LEU B 409 -7.17 22.75 2.60
N THR B 410 -7.07 23.56 3.66
CA THR B 410 -8.21 24.25 4.22
C THR B 410 -7.85 25.72 4.26
N PHE B 411 -8.80 26.59 3.90
CA PHE B 411 -8.57 28.05 3.94
C PHE B 411 -8.02 28.51 5.29
N ASP B 412 -8.53 27.92 6.37
CA ASP B 412 -8.07 28.23 7.73
C ASP B 412 -6.56 28.02 7.87
N HIS B 413 -6.04 26.93 7.30
CA HIS B 413 -4.61 26.65 7.35
C HIS B 413 -3.78 27.71 6.59
N ALA B 414 -4.29 28.14 5.44
CA ALA B 414 -3.64 29.20 4.66
C ALA B 414 -3.67 30.48 5.48
N LYS B 415 -4.85 30.78 6.02
CA LYS B 415 -5.07 31.96 6.88
C LYS B 415 -4.09 31.97 8.08
N ILE B 416 -3.99 30.85 8.78
CA ILE B 416 -3.07 30.74 9.93
C ILE B 416 -1.62 30.92 9.47
N GLY B 417 -1.28 30.34 8.33
CA GLY B 417 0.08 30.46 7.77
C GLY B 417 0.46 31.90 7.40
N ILE B 418 -0.50 32.62 6.80
CA ILE B 418 -0.27 34.03 6.38
C ILE B 418 -0.13 34.94 7.60
N LEU B 419 -1.03 34.79 8.57
CA LEU B 419 -0.99 35.58 9.82
C LEU B 419 0.32 35.39 10.59
N ILE B 420 0.86 34.17 10.60
CA ILE B 420 2.16 33.90 11.26
C ILE B 420 3.31 34.59 10.49
N ALA B 421 3.24 34.53 9.16
CA ALA B 421 4.25 35.14 8.29
C ALA B 421 4.24 36.67 8.34
N LEU B 422 3.06 37.27 8.15
CA LEU B 422 2.92 38.74 8.15
C LEU B 422 3.20 39.37 9.51
N SER B 423 2.90 38.65 10.59
CA SER B 423 3.18 39.15 11.96
C SER B 423 4.67 39.12 12.29
N ARG B 424 5.45 38.45 11.45
CA ARG B 424 6.88 38.35 11.62
C ARG B 424 7.58 39.59 10.99
N ILE B 425 6.89 40.22 10.02
CA ILE B 425 7.38 41.44 9.34
C ILE B 425 6.78 42.69 9.96
N VAL B 426 5.45 42.73 10.02
CA VAL B 426 4.69 43.86 10.57
C VAL B 426 4.47 43.63 12.07
N LYS B 427 5.16 44.44 12.89
CA LYS B 427 5.07 44.32 14.35
C LYS B 427 3.85 45.07 14.88
N GLY C 1 29.40 -29.58 -5.80
CA GLY C 1 30.40 -29.15 -4.77
C GLY C 1 30.65 -27.66 -4.85
N MSE C 2 31.02 -27.05 -3.72
CA MSE C 2 31.28 -25.60 -3.65
C MSE C 2 32.35 -25.17 -4.66
O MSE C 2 33.44 -25.71 -4.67
CB MSE C 2 31.71 -25.21 -2.23
CG MSE C 2 31.99 -23.70 -2.05
SE MSE C 2 32.44 -23.21 -0.20
CE MSE C 2 30.77 -23.73 0.67
N LEU C 3 32.00 -24.18 -5.49
CA LEU C 3 32.92 -23.67 -6.51
C LEU C 3 34.13 -22.98 -5.89
N GLU C 4 35.25 -22.98 -6.62
CA GLU C 4 36.47 -22.32 -6.16
C GLU C 4 36.24 -20.82 -5.96
N SER C 5 35.42 -20.24 -6.85
CA SER C 5 35.07 -18.83 -6.75
C SER C 5 34.28 -18.53 -5.48
N THR C 6 33.44 -19.47 -5.04
CA THR C 6 32.62 -19.31 -3.82
C THR C 6 33.47 -19.26 -2.56
N LYS C 7 34.32 -20.28 -2.38
CA LYS C 7 35.20 -20.32 -1.19
C LYS C 7 36.24 -19.20 -1.18
N GLN C 8 36.60 -18.69 -2.36
CA GLN C 8 37.51 -17.56 -2.46
C GLN C 8 36.73 -16.29 -2.04
N PHE C 9 35.43 -16.24 -2.38
CA PHE C 9 34.55 -15.12 -2.01
C PHE C 9 34.36 -15.14 -0.48
N LEU C 10 34.07 -16.34 0.06
CA LEU C 10 33.87 -16.52 1.50
C LEU C 10 35.08 -16.12 2.37
N LYS C 11 36.29 -16.14 1.79
CA LYS C 11 37.51 -15.71 2.50
C LYS C 11 37.37 -14.26 3.00
N LYS C 12 36.61 -13.43 2.27
CA LYS C 12 36.34 -12.04 2.67
C LYS C 12 35.63 -11.97 4.03
N TYR C 13 34.84 -13.01 4.37
CA TYR C 13 34.16 -13.10 5.67
C TYR C 13 34.98 -13.91 6.70
N ASN C 14 36.31 -13.99 6.50
CA ASN C 14 37.23 -14.69 7.41
C ASN C 14 36.94 -16.21 7.56
N ILE C 15 36.33 -16.82 6.55
CA ILE C 15 36.01 -18.25 6.58
C ILE C 15 37.26 -19.06 6.23
N ASN C 16 37.76 -19.82 7.20
CA ASN C 16 38.97 -20.64 7.03
C ASN C 16 38.66 -22.07 6.53
N ASP C 17 39.72 -22.84 6.24
CA ASP C 17 39.57 -24.22 5.77
C ASP C 17 39.20 -25.20 6.90
N ARG C 18 39.38 -24.79 8.17
CA ARG C 18 39.01 -25.66 9.29
C ARG C 18 37.49 -25.82 9.21
N VAL C 19 36.80 -24.69 9.20
CA VAL C 19 35.33 -24.64 9.11
C VAL C 19 34.81 -25.19 7.80
N LEU C 20 35.50 -24.85 6.71
CA LEU C 20 35.07 -25.26 5.38
C LEU C 20 35.19 -26.79 5.21
N LYS C 21 36.28 -27.38 5.72
CA LYS C 21 36.48 -28.84 5.68
C LYS C 21 35.48 -29.53 6.62
N LEU C 22 35.18 -28.86 7.74
CA LEU C 22 34.22 -29.37 8.72
C LEU C 22 32.81 -29.36 8.11
N TYR C 23 32.53 -28.31 7.32
CA TYR C 23 31.23 -28.18 6.61
C TYR C 23 30.98 -29.29 5.60
N GLU C 24 31.98 -29.58 4.76
CA GLU C 24 31.88 -30.64 3.73
C GLU C 24 31.45 -31.98 4.36
N THR C 25 32.07 -32.32 5.48
CA THR C 25 31.73 -33.54 6.22
C THR C 25 30.28 -33.46 6.72
N ALA C 26 29.96 -32.33 7.36
CA ALA C 26 28.60 -32.09 7.90
C ALA C 26 27.52 -32.13 6.83
N MSE C 27 27.87 -31.67 5.63
CA MSE C 27 26.94 -31.63 4.51
C MSE C 27 26.66 -33.03 3.98
O MSE C 27 25.51 -33.39 3.76
CB MSE C 27 27.53 -30.74 3.40
CG MSE C 27 26.56 -30.30 2.29
SE MSE C 27 25.08 -29.17 2.93
CE MSE C 27 23.85 -30.55 3.54
N ASN C 28 27.72 -33.81 3.82
CA ASN C 28 27.62 -35.18 3.31
C ASN C 28 26.82 -36.10 4.25
N ASP C 29 26.99 -35.91 5.55
CA ASP C 29 26.31 -36.74 6.56
C ASP C 29 24.80 -36.54 6.61
N ILE C 30 24.35 -35.29 6.46
CA ILE C 30 22.90 -34.95 6.57
C ILE C 30 22.05 -35.09 5.28
N GLN C 31 22.63 -35.60 4.19
CA GLN C 31 21.89 -35.71 2.90
C GLN C 31 20.63 -36.60 2.96
N ASN C 32 20.72 -37.73 3.65
CA ASN C 32 19.56 -38.63 3.81
C ASN C 32 18.41 -37.98 4.59
N GLN C 33 18.75 -37.17 5.60
CA GLN C 33 17.75 -36.47 6.41
C GLN C 33 17.06 -35.38 5.56
N PHE C 34 17.84 -34.73 4.69
CA PHE C 34 17.31 -33.71 3.77
C PHE C 34 16.31 -34.30 2.77
N LYS C 35 16.54 -35.55 2.36
CA LYS C 35 15.65 -36.23 1.41
C LYS C 35 14.27 -36.54 2.04
N ILE C 36 14.27 -36.83 3.35
CA ILE C 36 13.02 -37.08 4.09
C ILE C 36 12.19 -35.78 4.16
N LEU C 37 12.86 -34.65 4.37
CA LEU C 37 12.18 -33.34 4.40
C LEU C 37 11.60 -32.96 3.02
N ASP C 38 12.32 -33.30 1.95
CA ASP C 38 11.88 -32.99 0.56
C ASP C 38 10.54 -33.61 0.16
N ASP C 39 10.31 -34.87 0.55
CA ASP C 39 9.04 -35.54 0.22
C ASP C 39 7.90 -35.18 1.20
N ILE C 40 8.26 -34.70 2.41
CA ILE C 40 7.27 -34.18 3.38
C ILE C 40 6.80 -32.82 2.87
N ARG C 41 7.76 -32.06 2.31
CA ARG C 41 7.50 -30.76 1.70
C ARG C 41 6.64 -30.91 0.44
N GLU C 42 6.89 -31.98 -0.31
CA GLU C 42 6.16 -32.29 -1.56
C GLU C 42 4.66 -32.41 -1.32
N PHE C 43 4.28 -33.08 -0.23
CA PHE C 43 2.88 -33.25 0.14
C PHE C 43 2.26 -31.91 0.59
N ASN C 44 2.97 -31.18 1.45
CA ASN C 44 2.49 -29.89 1.96
C ASN C 44 2.29 -28.84 0.87
N GLN C 45 3.16 -28.83 -0.13
CA GLN C 45 3.00 -27.89 -1.26
C GLN C 45 1.72 -28.25 -2.03
N LEU C 46 1.46 -29.56 -2.17
CA LEU C 46 0.25 -30.03 -2.85
C LEU C 46 -0.99 -29.74 -1.99
N LYS C 47 -0.84 -29.89 -0.68
CA LYS C 47 -1.93 -29.66 0.26
C LYS C 47 -2.38 -28.19 0.20
N VAL C 48 -1.41 -27.28 0.17
CA VAL C 48 -1.70 -25.84 0.10
C VAL C 48 -2.29 -25.47 -1.26
N LEU C 49 -1.70 -26.00 -2.34
CA LEU C 49 -2.20 -25.76 -3.71
C LEU C 49 -3.68 -26.16 -3.86
N ASN C 50 -4.03 -27.35 -3.35
CA ASN C 50 -5.42 -27.83 -3.41
C ASN C 50 -6.38 -26.91 -2.63
N ALA C 51 -5.90 -26.38 -1.49
CA ALA C 51 -6.69 -25.47 -0.66
C ALA C 51 -7.08 -24.20 -1.43
N PHE C 52 -6.14 -23.67 -2.21
CA PHE C 52 -6.40 -22.47 -3.06
C PHE C 52 -7.41 -22.76 -4.17
N GLN C 53 -7.18 -23.88 -4.87
CA GLN C 53 -8.02 -24.28 -6.01
C GLN C 53 -9.46 -24.57 -5.61
N GLU C 54 -9.65 -25.32 -4.53
CA GLU C 54 -10.99 -25.64 -4.04
C GLU C 54 -11.77 -24.37 -3.64
N GLU C 55 -11.04 -23.37 -3.13
CA GLU C 55 -11.64 -22.09 -2.76
C GLU C 55 -11.73 -21.07 -3.94
N ARG C 56 -11.30 -21.48 -5.14
CA ARG C 56 -11.38 -20.65 -6.34
C ARG C 56 -10.75 -19.26 -6.16
N ILE C 57 -9.53 -19.22 -5.65
CA ILE C 57 -8.84 -17.96 -5.43
C ILE C 57 -8.48 -17.36 -6.80
N SER C 58 -8.66 -16.05 -6.93
CA SER C 58 -8.46 -15.33 -8.18
C SER C 58 -7.80 -13.98 -7.92
N GLU C 59 -7.49 -13.25 -8.99
CA GLU C 59 -6.93 -11.91 -8.87
C GLU C 59 -7.89 -10.99 -8.11
N ALA C 60 -9.21 -11.24 -8.26
CA ALA C 60 -10.26 -10.47 -7.59
C ALA C 60 -10.15 -10.49 -6.06
N HIS C 61 -9.58 -11.56 -5.50
CA HIS C 61 -9.40 -11.67 -4.03
C HIS C 61 -8.36 -10.70 -3.45
N PHE C 62 -7.51 -10.12 -4.31
CA PHE C 62 -6.48 -9.17 -3.86
C PHE C 62 -6.90 -7.69 -4.03
N THR C 63 -8.20 -7.44 -4.23
CA THR C 63 -8.70 -6.06 -4.44
C THR C 63 -8.69 -5.20 -3.16
N ASN C 64 -9.04 -3.92 -3.31
CA ASN C 64 -9.11 -2.95 -2.21
C ASN C 64 -9.95 -3.44 -1.02
N SER C 65 -9.50 -3.09 0.18
CA SER C 65 -10.20 -3.41 1.41
C SER C 65 -10.05 -2.23 2.39
N SER C 66 -11.13 -1.46 2.56
CA SER C 66 -11.14 -0.28 3.45
C SER C 66 -12.29 -0.34 4.44
N GLY C 67 -12.33 0.64 5.35
CA GLY C 67 -13.39 0.79 6.35
C GLY C 67 -13.68 -0.45 7.19
N TYR C 68 -14.97 -0.76 7.35
CA TYR C 68 -15.39 -1.93 8.11
C TYR C 68 -14.86 -3.19 7.46
N GLY C 69 -15.00 -3.24 6.13
CA GLY C 69 -14.60 -4.41 5.37
C GLY C 69 -15.69 -5.47 5.44
N TYR C 70 -16.95 -5.07 5.27
CA TYR C 70 -18.07 -6.01 5.28
C TYR C 70 -18.06 -6.82 4.00
N GLY C 71 -18.18 -8.15 4.15
CA GLY C 71 -18.19 -9.06 3.01
C GLY C 71 -16.89 -9.05 2.22
N ASP C 72 -15.77 -8.88 2.92
CA ASP C 72 -14.47 -8.85 2.27
C ASP C 72 -14.15 -10.25 1.80
N ILE C 73 -14.23 -10.46 0.49
CA ILE C 73 -13.98 -11.79 -0.10
C ILE C 73 -12.54 -12.27 0.12
N GLY C 74 -11.57 -11.34 0.06
CA GLY C 74 -10.16 -11.68 0.25
C GLY C 74 -9.86 -12.22 1.63
N ARG C 75 -10.46 -11.59 2.64
CA ARG C 75 -10.30 -12.00 4.03
C ARG C 75 -11.00 -13.33 4.34
N ASP C 76 -12.29 -13.41 3.99
CA ASP C 76 -13.10 -14.62 4.26
C ASP C 76 -12.58 -15.86 3.55
N SER C 77 -12.16 -15.70 2.30
CA SER C 77 -11.62 -16.84 1.53
C SER C 77 -10.26 -17.29 2.10
N LEU C 78 -9.46 -16.34 2.62
CA LEU C 78 -8.17 -16.69 3.23
C LEU C 78 -8.40 -17.57 4.48
N ASP C 79 -9.46 -17.27 5.23
CA ASP C 79 -9.83 -18.08 6.39
C ASP C 79 -10.26 -19.47 5.91
N ALA C 80 -11.02 -19.50 4.82
CA ALA C 80 -11.50 -20.75 4.23
C ALA C 80 -10.35 -21.61 3.70
N VAL C 81 -9.33 -20.96 3.10
CA VAL C 81 -8.15 -21.68 2.58
C VAL C 81 -7.34 -22.29 3.74
N TYR C 82 -7.17 -21.53 4.81
CA TYR C 82 -6.48 -22.04 6.03
C TYR C 82 -7.23 -23.23 6.65
N ALA C 83 -8.56 -23.11 6.76
CA ALA C 83 -9.41 -24.18 7.31
C ALA C 83 -9.23 -25.48 6.53
N ARG C 84 -9.11 -25.37 5.21
CA ARG C 84 -8.88 -26.53 4.35
C ARG C 84 -7.48 -27.10 4.55
N VAL C 85 -6.47 -26.23 4.63
CA VAL C 85 -5.08 -26.67 4.83
C VAL C 85 -4.92 -27.44 6.16
N PHE C 86 -5.54 -26.91 7.22
CA PHE C 86 -5.51 -27.54 8.55
C PHE C 86 -6.67 -28.54 8.79
N ASN C 87 -7.52 -28.76 7.77
CA ASN C 87 -8.69 -29.68 7.86
C ASN C 87 -9.62 -29.41 9.04
N THR C 88 -9.83 -28.12 9.32
CA THR C 88 -10.69 -27.69 10.42
C THR C 88 -11.98 -27.11 9.85
N GLU C 89 -12.93 -26.83 10.74
CA GLU C 89 -14.23 -26.27 10.32
C GLU C 89 -14.08 -24.83 9.89
N SER C 90 -13.52 -24.01 10.79
CA SER C 90 -13.33 -22.59 10.53
C SER C 90 -11.90 -22.17 10.84
N ALA C 91 -11.60 -20.90 10.57
CA ALA C 91 -10.28 -20.34 10.83
C ALA C 91 -10.41 -18.83 10.97
N LEU C 92 -9.40 -18.21 11.59
CA LEU C 92 -9.38 -16.76 11.81
C LEU C 92 -8.00 -16.23 11.51
N VAL C 93 -7.77 -15.86 10.24
CA VAL C 93 -6.51 -15.31 9.78
C VAL C 93 -6.67 -13.81 9.58
N ARG C 94 -6.14 -13.03 10.54
CA ARG C 94 -6.25 -11.57 10.51
C ARG C 94 -4.89 -10.90 10.64
N PRO C 95 -4.67 -9.79 9.91
CA PRO C 95 -3.41 -9.07 10.07
C PRO C 95 -3.43 -8.17 11.34
N HIS C 96 -4.55 -8.16 12.07
CA HIS C 96 -4.73 -7.32 13.25
C HIS C 96 -4.00 -7.85 14.49
N PHE C 97 -3.68 -9.16 14.50
CA PHE C 97 -2.93 -9.74 15.62
C PHE C 97 -1.54 -9.14 15.61
N VAL C 98 -1.18 -8.42 16.67
CA VAL C 98 0.16 -7.79 16.77
C VAL C 98 1.31 -8.80 16.72
N ASN C 99 1.05 -10.03 17.23
CA ASN C 99 2.05 -11.10 17.24
C ASN C 99 1.41 -12.46 17.63
N GLY C 100 2.24 -13.49 17.82
CA GLY C 100 1.75 -14.81 18.24
C GLY C 100 1.08 -14.80 19.61
N THR C 101 1.66 -14.06 20.56
CA THR C 101 1.12 -13.93 21.93
C THR C 101 -0.32 -13.36 21.94
N HIS C 102 -0.61 -12.46 21.00
CA HIS C 102 -1.96 -11.89 20.85
C HIS C 102 -2.89 -13.04 20.45
N ALA C 103 -2.52 -13.76 19.38
CA ALA C 103 -3.30 -14.89 18.88
C ALA C 103 -3.55 -15.96 19.93
N LEU C 104 -2.50 -16.38 20.63
CA LEU C 104 -2.60 -17.39 21.67
C LEU C 104 -3.49 -16.90 22.82
N GLY C 105 -3.24 -15.67 23.27
CA GLY C 105 -4.03 -15.05 24.33
C GLY C 105 -5.48 -14.83 23.93
N ALA C 106 -5.70 -14.47 22.66
CA ALA C 106 -7.06 -14.26 22.14
C ALA C 106 -7.89 -15.56 22.23
N ALA C 107 -7.24 -16.70 22.02
CA ALA C 107 -7.89 -18.00 22.12
C ALA C 107 -8.26 -18.33 23.56
N LEU C 108 -7.34 -18.03 24.49
CA LEU C 108 -7.56 -18.32 25.91
C LEU C 108 -8.69 -17.47 26.51
N PHE C 109 -8.60 -16.15 26.36
CA PHE C 109 -9.68 -15.24 26.85
C PHE C 109 -11.02 -15.55 26.16
N GLY C 110 -10.97 -15.98 24.90
CA GLY C 110 -12.16 -16.31 24.14
C GLY C 110 -12.86 -17.58 24.59
N ASN C 111 -12.09 -18.61 24.97
CA ASN C 111 -12.67 -19.90 25.38
C ASN C 111 -12.64 -20.18 26.91
N LEU C 112 -12.45 -19.13 27.73
CA LEU C 112 -12.43 -19.29 29.18
C LEU C 112 -13.32 -18.26 29.88
N ARG C 113 -14.25 -18.77 30.69
CA ARG C 113 -15.18 -17.94 31.46
C ARG C 113 -14.82 -18.08 32.94
N PRO C 114 -15.25 -17.11 33.79
CA PRO C 114 -14.93 -17.17 35.23
C PRO C 114 -15.29 -18.52 35.84
N GLY C 115 -14.39 -19.08 36.65
CA GLY C 115 -14.59 -20.38 37.28
C GLY C 115 -13.81 -21.50 36.62
N ASN C 116 -13.61 -21.41 35.30
CA ASN C 116 -12.89 -22.45 34.54
C ASN C 116 -11.39 -22.48 34.84
N THR C 117 -10.83 -23.68 34.88
CA THR C 117 -9.41 -23.87 35.14
C THR C 117 -8.69 -24.22 33.83
N MSE C 118 -7.44 -23.78 33.72
CA MSE C 118 -6.61 -24.03 32.55
C MSE C 118 -5.53 -25.02 32.95
O MSE C 118 -5.15 -25.08 34.12
CB MSE C 118 -6.01 -22.72 32.09
CG MSE C 118 -5.15 -22.78 30.87
SE MSE C 118 -4.45 -21.04 30.51
CE MSE C 118 -3.30 -21.49 29.01
N LEU C 119 -5.03 -25.81 31.99
CA LEU C 119 -4.00 -26.82 32.28
C LEU C 119 -2.93 -26.95 31.19
N SER C 120 -1.73 -26.45 31.48
CA SER C 120 -0.59 -26.59 30.56
C SER C 120 0.06 -27.92 30.85
N VAL C 121 -0.01 -28.83 29.86
CA VAL C 121 0.54 -30.17 30.00
C VAL C 121 2.04 -30.29 29.61
N CYS C 122 2.64 -29.20 29.12
CA CYS C 122 4.07 -29.20 28.74
C CYS C 122 4.86 -28.22 29.60
N GLY C 123 4.66 -28.31 30.91
CA GLY C 123 5.35 -27.45 31.86
C GLY C 123 4.87 -26.01 31.77
N GLU C 124 5.75 -25.08 32.16
CA GLU C 124 5.43 -23.66 32.09
C GLU C 124 5.42 -23.25 30.62
N PRO C 125 4.36 -22.53 30.16
CA PRO C 125 4.28 -22.12 28.75
C PRO C 125 5.29 -21.00 28.37
N TYR C 126 5.23 -20.57 27.11
CA TYR C 126 6.15 -19.53 26.56
C TYR C 126 6.25 -18.31 27.50
N ASP C 127 7.49 -17.87 27.77
CA ASP C 127 7.79 -16.74 28.72
C ASP C 127 6.87 -15.49 28.64
N THR C 128 6.50 -15.09 27.43
CA THR C 128 5.64 -13.90 27.24
C THR C 128 4.15 -14.13 27.58
N LEU C 129 3.76 -15.39 27.73
CA LEU C 129 2.38 -15.77 28.00
C LEU C 129 2.06 -15.83 29.53
N HIS C 130 3.05 -15.57 30.39
CA HIS C 130 2.86 -15.60 31.87
C HIS C 130 1.91 -14.51 32.40
N ASP C 131 2.11 -13.26 31.96
CA ASP C 131 1.25 -12.14 32.38
C ASP C 131 -0.16 -12.24 31.77
N VAL C 132 -0.26 -12.84 30.58
CA VAL C 132 -1.57 -13.06 29.94
C VAL C 132 -2.43 -13.94 30.83
N ILE C 133 -1.83 -15.03 31.33
CA ILE C 133 -2.51 -15.95 32.23
C ILE C 133 -2.56 -15.37 33.66
N GLY C 134 -1.51 -14.66 34.04
CA GLY C 134 -1.42 -14.08 35.38
C GLY C 134 -1.05 -15.16 36.37
N ILE C 135 0.02 -15.89 36.04
CA ILE C 135 0.49 -16.98 36.89
C ILE C 135 1.01 -16.42 38.20
N THR C 136 1.93 -15.46 38.11
CA THR C 136 2.51 -14.81 39.29
C THR C 136 2.80 -13.33 39.03
N GLU C 137 2.85 -12.53 40.10
CA GLU C 137 3.12 -11.07 40.02
C GLU C 137 2.11 -10.36 39.10
N ASN C 138 0.89 -10.17 39.61
CA ASN C 138 -0.20 -9.54 38.82
C ASN C 138 -0.49 -8.07 39.16
N SER C 139 -0.32 -7.20 38.17
CA SER C 139 -0.70 -5.81 38.27
C SER C 139 -2.07 -5.78 37.60
N ASN C 140 -2.85 -4.73 37.84
CA ASN C 140 -4.22 -4.67 37.27
C ASN C 140 -4.27 -4.44 35.73
N MSE C 141 -3.81 -5.44 34.96
CA MSE C 141 -3.79 -5.37 33.47
C MSE C 141 -4.95 -6.14 32.83
O MSE C 141 -5.29 -5.90 31.67
CB MSE C 141 -2.46 -5.90 32.90
CG MSE C 141 -1.25 -5.02 33.17
SE MSE C 141 0.41 -5.64 32.28
CE MSE C 141 1.62 -4.23 32.84
N GLY C 142 -5.52 -7.09 33.57
CA GLY C 142 -6.64 -7.89 33.09
C GLY C 142 -6.25 -9.28 32.66
N SER C 143 -5.49 -9.97 33.51
CA SER C 143 -5.03 -11.34 33.25
C SER C 143 -6.15 -12.36 33.49
N LEU C 144 -5.91 -13.60 33.08
CA LEU C 144 -6.91 -14.68 33.26
C LEU C 144 -7.30 -14.87 34.75
N LYS C 145 -6.33 -14.76 35.65
CA LYS C 145 -6.60 -14.88 37.10
C LYS C 145 -7.47 -13.71 37.59
N GLU C 146 -7.23 -12.52 37.03
CA GLU C 146 -7.99 -11.31 37.39
C GLU C 146 -9.44 -11.32 36.89
N PHE C 147 -9.72 -12.14 35.87
CA PHE C 147 -11.10 -12.32 35.37
C PHE C 147 -11.74 -13.63 35.91
N GLY C 148 -11.12 -14.21 36.97
CA GLY C 148 -11.64 -15.41 37.60
C GLY C 148 -11.36 -16.72 36.90
N ILE C 149 -10.42 -16.73 35.94
CA ILE C 149 -10.04 -17.96 35.21
C ILE C 149 -8.78 -18.53 35.85
N ASN C 150 -8.89 -19.73 36.43
CA ASN C 150 -7.78 -20.36 37.14
C ASN C 150 -6.77 -21.04 36.21
N TYR C 151 -5.59 -21.35 36.76
CA TYR C 151 -4.49 -22.01 36.02
C TYR C 151 -3.83 -23.13 36.82
N LYS C 152 -3.58 -24.25 36.14
CA LYS C 152 -2.89 -25.41 36.73
C LYS C 152 -1.77 -25.79 35.77
N GLN C 153 -0.81 -26.60 36.25
CA GLN C 153 0.35 -27.00 35.43
C GLN C 153 0.79 -28.44 35.69
N VAL C 154 1.29 -29.09 34.64
CA VAL C 154 1.80 -30.45 34.71
C VAL C 154 3.05 -30.49 33.83
N ASP C 155 4.20 -30.78 34.43
CA ASP C 155 5.47 -30.81 33.68
C ASP C 155 5.63 -32.11 32.89
N LEU C 156 6.47 -32.05 31.85
CA LEU C 156 6.76 -33.24 31.02
C LEU C 156 7.61 -34.22 31.81
N LYS C 157 7.63 -35.46 31.35
CA LYS C 157 8.44 -36.49 32.01
C LYS C 157 9.92 -36.18 31.77
N GLU C 158 10.78 -36.82 32.55
CA GLU C 158 12.24 -36.60 32.43
C GLU C 158 12.76 -36.87 31.01
N ASP C 159 12.20 -37.88 30.34
CA ASP C 159 12.62 -38.24 28.97
C ASP C 159 12.22 -37.22 27.88
N GLY C 160 11.23 -36.36 28.16
CA GLY C 160 10.75 -35.36 27.20
C GLY C 160 9.30 -35.57 26.79
N LYS C 161 8.84 -36.83 26.79
CA LYS C 161 7.46 -37.17 26.45
C LYS C 161 6.49 -36.66 27.53
N PRO C 162 5.19 -36.48 27.15
CA PRO C 162 4.20 -35.99 28.13
C PRO C 162 3.80 -37.01 29.19
N ASN C 163 3.58 -36.54 30.42
CA ASN C 163 3.20 -37.40 31.55
C ASN C 163 1.69 -37.63 31.52
N LEU C 164 1.27 -38.67 30.79
CA LEU C 164 -0.17 -38.98 30.65
C LEU C 164 -0.84 -39.47 31.95
N GLU C 165 -0.05 -40.03 32.87
CA GLU C 165 -0.58 -40.50 34.14
C GLU C 165 -0.98 -39.33 35.03
N GLU C 166 -0.13 -38.30 35.06
CA GLU C 166 -0.39 -37.10 35.89
C GLU C 166 -1.49 -36.23 35.30
N ILE C 167 -1.61 -36.21 33.97
CA ILE C 167 -2.67 -35.47 33.27
C ILE C 167 -4.05 -36.01 33.67
N GLU C 168 -4.17 -37.34 33.73
CA GLU C 168 -5.42 -37.98 34.12
C GLU C 168 -5.80 -37.68 35.57
N LYS C 169 -4.83 -37.78 36.47
CA LYS C 169 -5.06 -37.50 37.90
C LYS C 169 -5.55 -36.06 38.12
N VAL C 170 -4.94 -35.11 37.41
CA VAL C 170 -5.32 -33.70 37.53
C VAL C 170 -6.72 -33.41 36.98
N LEU C 171 -7.01 -33.93 35.77
CA LEU C 171 -8.34 -33.74 35.15
C LEU C 171 -9.46 -34.43 35.94
N LYS C 172 -9.19 -35.62 36.44
CA LYS C 172 -10.17 -36.38 37.22
C LYS C 172 -10.44 -35.71 38.57
N GLU C 173 -9.39 -35.24 39.23
CA GLU C 173 -9.50 -34.57 40.55
C GLU C 173 -9.90 -33.07 40.49
N ASP C 174 -10.17 -32.55 39.29
CA ASP C 174 -10.56 -31.15 39.11
C ASP C 174 -11.46 -31.01 37.87
N GLU C 175 -12.78 -31.06 38.09
CA GLU C 175 -13.76 -30.95 36.98
C GLU C 175 -13.91 -29.55 36.38
N SER C 176 -13.30 -28.55 37.02
CA SER C 176 -13.33 -27.18 36.53
C SER C 176 -12.47 -26.96 35.26
N ILE C 177 -11.54 -27.88 35.00
CA ILE C 177 -10.65 -27.78 33.82
C ILE C 177 -11.43 -28.00 32.53
N THR C 178 -11.61 -26.92 31.76
CA THR C 178 -12.34 -26.97 30.49
C THR C 178 -11.42 -26.86 29.24
N LEU C 179 -10.14 -26.54 29.45
CA LEU C 179 -9.16 -26.35 28.35
C LEU C 179 -7.78 -26.95 28.69
N VAL C 180 -7.14 -27.56 27.69
CA VAL C 180 -5.78 -28.12 27.83
C VAL C 180 -4.84 -27.40 26.86
N HIS C 181 -3.78 -26.79 27.42
CA HIS C 181 -2.79 -26.03 26.63
C HIS C 181 -1.60 -26.93 26.28
N ILE C 182 -1.32 -27.07 24.98
CA ILE C 182 -0.24 -27.95 24.49
C ILE C 182 0.77 -27.19 23.62
N GLN C 183 1.89 -26.81 24.20
CA GLN C 183 2.92 -26.09 23.45
C GLN C 183 3.76 -27.11 22.65
N ARG C 184 3.83 -26.91 21.33
CA ARG C 184 4.55 -27.80 20.43
C ARG C 184 6.04 -27.50 20.37
N SER C 185 6.38 -26.22 20.21
CA SER C 185 7.78 -25.80 20.11
C SER C 185 8.55 -26.04 21.42
N THR C 186 9.84 -26.33 21.29
CA THR C 186 10.73 -26.61 22.42
C THR C 186 11.58 -25.39 22.76
N TRP C 190 15.92 -26.75 26.21
CA TRP C 190 16.83 -27.87 26.00
C TRP C 190 16.13 -29.20 26.29
N ARG C 191 15.55 -29.79 25.25
CA ARG C 191 14.85 -31.08 25.36
C ARG C 191 14.35 -31.52 23.99
N ARG C 192 13.87 -32.76 23.90
CA ARG C 192 13.32 -33.30 22.65
C ARG C 192 12.01 -32.58 22.33
N ALA C 193 11.81 -32.20 21.07
CA ALA C 193 10.60 -31.49 20.64
C ALA C 193 9.37 -32.43 20.63
N LEU C 194 8.20 -31.85 20.94
CA LEU C 194 6.95 -32.62 20.99
C LEU C 194 6.40 -32.86 19.57
N LEU C 195 6.43 -34.12 19.13
CA LEU C 195 5.99 -34.49 17.77
C LEU C 195 4.47 -34.64 17.64
N ILE C 196 4.00 -34.77 16.40
CA ILE C 196 2.55 -34.91 16.08
C ILE C 196 1.91 -36.12 16.75
N GLU C 197 2.64 -37.25 16.74
CA GLU C 197 2.15 -38.49 17.37
C GLU C 197 2.01 -38.32 18.88
N ASP C 198 2.94 -37.56 19.48
CA ASP C 198 2.89 -37.29 20.93
C ASP C 198 1.68 -36.40 21.26
N ILE C 199 1.41 -35.42 20.40
CA ILE C 199 0.24 -34.51 20.57
C ILE C 199 -1.05 -35.32 20.58
N LYS C 200 -1.13 -36.33 19.69
CA LYS C 200 -2.30 -37.22 19.63
C LYS C 200 -2.43 -37.99 20.93
N SER C 201 -1.29 -38.44 21.48
CA SER C 201 -1.26 -39.16 22.76
C SER C 201 -1.83 -38.31 23.90
N ILE C 202 -1.60 -36.99 23.84
CA ILE C 202 -2.12 -36.04 24.85
C ILE C 202 -3.61 -35.79 24.65
N VAL C 203 -4.03 -35.64 23.38
CA VAL C 203 -5.44 -35.38 23.07
C VAL C 203 -6.32 -36.57 23.47
N ASP C 204 -5.96 -37.77 23.01
CA ASP C 204 -6.75 -38.98 23.35
C ASP C 204 -6.79 -39.23 24.86
N CYS C 205 -5.70 -38.92 25.56
CA CYS C 205 -5.62 -39.06 27.02
C CYS C 205 -6.61 -38.13 27.75
N VAL C 206 -6.70 -36.88 27.30
CA VAL C 206 -7.60 -35.89 27.91
C VAL C 206 -9.06 -35.98 27.41
N LYS C 207 -9.24 -36.29 26.12
CA LYS C 207 -10.58 -36.38 25.52
C LYS C 207 -11.34 -37.60 26.06
N ASN C 208 -10.60 -38.65 26.45
CA ASN C 208 -11.17 -39.88 26.99
C ASN C 208 -11.81 -39.68 28.37
N ILE C 209 -11.17 -38.88 29.22
CA ILE C 209 -11.68 -38.59 30.57
C ILE C 209 -12.95 -37.73 30.52
N ARG C 210 -12.91 -36.68 29.70
CA ARG C 210 -14.05 -35.77 29.57
C ARG C 210 -13.99 -35.06 28.20
N LYS C 211 -14.80 -35.55 27.25
CA LYS C 211 -14.85 -35.05 25.85
C LYS C 211 -15.08 -33.54 25.66
N ASP C 212 -15.77 -32.88 26.60
CA ASP C 212 -16.03 -31.43 26.50
CA ASP C 212 -16.04 -31.43 26.50
C ASP C 212 -14.78 -30.55 26.66
N ILE C 213 -13.67 -31.14 27.13
CA ILE C 213 -12.41 -30.39 27.32
C ILE C 213 -11.82 -30.03 25.95
N ILE C 214 -11.49 -28.74 25.79
CA ILE C 214 -10.97 -28.21 24.52
C ILE C 214 -9.45 -28.28 24.46
N CYS C 215 -8.92 -29.01 23.48
CA CYS C 215 -7.49 -29.15 23.32
C CYS C 215 -6.90 -28.06 22.43
N PHE C 216 -6.29 -27.07 23.08
CA PHE C 216 -5.66 -25.95 22.38
C PHE C 216 -4.17 -26.23 22.23
N VAL C 217 -3.64 -26.05 21.00
CA VAL C 217 -2.23 -26.32 20.72
C VAL C 217 -1.50 -25.11 20.14
N ASP C 218 -0.53 -24.58 20.89
CA ASP C 218 0.30 -23.46 20.43
C ASP C 218 1.19 -24.04 19.32
N ASN C 219 0.77 -23.80 18.07
CA ASN C 219 1.45 -24.37 16.89
C ASN C 219 2.61 -23.52 16.29
N CYS C 220 3.23 -22.63 17.08
CA CYS C 220 4.34 -21.80 16.56
C CYS C 220 5.54 -22.65 16.17
N TYR C 221 6.17 -22.28 15.05
CA TYR C 221 7.34 -23.01 14.46
C TYR C 221 7.05 -24.44 13.92
N GLY C 222 5.89 -25.02 14.26
CA GLY C 222 5.56 -26.37 13.85
C GLY C 222 4.82 -26.48 12.53
N GLU C 223 4.63 -25.36 11.83
CA GLU C 223 3.87 -25.36 10.59
C GLU C 223 4.66 -26.03 9.46
N PHE C 224 4.03 -27.03 8.84
CA PHE C 224 4.60 -27.79 7.73
C PHE C 224 5.93 -28.50 8.06
N MSE C 225 6.05 -28.97 9.32
CA MSE C 225 7.21 -29.76 9.75
C MSE C 225 6.94 -31.22 9.44
O MSE C 225 7.87 -32.00 9.21
CB MSE C 225 7.45 -29.60 11.25
CG MSE C 225 7.86 -28.21 11.70
SE MSE C 225 9.58 -27.62 11.06
CE MSE C 225 9.09 -27.04 9.27
N ASP C 226 5.68 -31.60 9.51
CA ASP C 226 5.22 -32.95 9.21
C ASP C 226 4.04 -32.78 8.25
N THR C 227 3.64 -33.85 7.58
CA THR C 227 2.50 -33.79 6.66
C THR C 227 1.19 -33.50 7.41
N LYS C 228 1.16 -33.86 8.70
CA LYS C 228 0.00 -33.60 9.57
C LYS C 228 0.22 -32.36 10.44
N GLU C 229 -0.87 -31.89 11.04
CA GLU C 229 -0.88 -30.74 11.94
C GLU C 229 -1.59 -31.17 13.24
N PRO C 230 -1.55 -30.33 14.29
CA PRO C 230 -2.28 -30.70 15.51
C PRO C 230 -3.80 -30.91 15.28
N THR C 231 -4.36 -30.15 14.35
CA THR C 231 -5.78 -30.24 14.00
C THR C 231 -6.14 -31.57 13.28
N ASP C 232 -5.13 -32.25 12.70
CA ASP C 232 -5.32 -33.56 12.05
C ASP C 232 -5.35 -34.70 13.06
N VAL C 233 -4.96 -34.43 14.31
CA VAL C 233 -4.95 -35.44 15.38
C VAL C 233 -5.93 -35.08 16.52
N GLY C 234 -7.06 -34.45 16.16
CA GLY C 234 -8.11 -34.12 17.13
C GLY C 234 -7.98 -32.88 17.99
N ALA C 235 -7.15 -31.92 17.58
CA ALA C 235 -7.01 -30.66 18.34
C ALA C 235 -8.24 -29.81 18.06
N ASP C 236 -8.80 -29.19 19.10
CA ASP C 236 -10.00 -28.35 18.94
C ASP C 236 -9.68 -26.96 18.41
N LEU C 237 -8.44 -26.49 18.64
CA LEU C 237 -8.02 -25.17 18.18
C LEU C 237 -6.49 -25.04 18.23
N ILE C 238 -5.93 -24.21 17.34
CA ILE C 238 -4.48 -23.93 17.32
C ILE C 238 -4.25 -22.44 17.04
N ALA C 239 -3.04 -21.97 17.33
CA ALA C 239 -2.67 -20.56 17.08
C ALA C 239 -1.21 -20.45 16.70
N GLY C 240 -0.87 -19.36 16.01
CA GLY C 240 0.50 -19.11 15.60
C GLY C 240 0.70 -17.74 14.98
N SER C 241 1.97 -17.31 14.89
CA SER C 241 2.35 -16.01 14.35
C SER C 241 2.61 -16.09 12.84
N LEU C 242 2.11 -15.10 12.07
CA LEU C 242 2.32 -15.06 10.62
C LEU C 242 3.74 -14.62 10.22
N ILE C 243 4.50 -13.99 11.13
CA ILE C 243 5.90 -13.63 10.81
C ILE C 243 6.88 -14.81 11.10
N1 LLP C 244 4.69 -19.46 21.74
C2 LLP C 244 5.77 -20.10 21.17
C2' LLP C 244 6.09 -21.51 21.55
C3 LLP C 244 6.58 -19.43 20.25
O3 LLP C 244 7.54 -20.02 19.76
C4 LLP C 244 6.29 -18.09 19.90
C4' LLP C 244 7.15 -17.36 18.86
C5 LLP C 244 5.17 -17.47 20.47
C6 LLP C 244 4.39 -18.15 21.40
C5' LLP C 244 4.80 -16.06 20.12
OP4 LLP C 244 5.75 -15.00 20.34
P LLP C 244 5.55 -13.62 19.55
OP1 LLP C 244 4.47 -12.99 20.31
OP2 LLP C 244 5.20 -14.01 18.16
OP3 LLP C 244 6.86 -12.96 19.69
N LLP C 244 6.33 -16.03 11.21
CA LLP C 244 7.11 -17.24 11.38
CB LLP C 244 6.78 -17.90 12.72
CG LLP C 244 7.04 -17.02 13.93
CD LLP C 244 6.86 -17.81 15.21
CE LLP C 244 7.16 -16.99 16.50
NZ LLP C 244 6.87 -17.88 17.66
C LLP C 244 6.76 -18.16 10.19
O LLP C 244 6.17 -17.70 9.20
N ASN C 245 7.15 -19.44 10.29
CA ASN C 245 6.92 -20.49 9.24
C ASN C 245 5.78 -20.28 8.21
N ILE C 246 4.55 -20.11 8.69
CA ILE C 246 3.36 -20.03 7.80
C ILE C 246 3.28 -18.78 6.89
N GLY C 247 4.00 -17.72 7.25
CA GLY C 247 4.03 -16.52 6.43
C GLY C 247 4.98 -16.64 5.24
N GLY C 248 5.83 -17.68 5.26
CA GLY C 248 6.81 -17.93 4.19
C GLY C 248 7.79 -16.79 3.96
N GLY C 249 8.02 -15.98 5.00
CA GLY C 249 8.92 -14.82 4.90
C GLY C 249 8.32 -13.54 4.28
N ILE C 250 7.14 -13.67 3.65
CA ILE C 250 6.48 -12.53 2.98
C ILE C 250 5.43 -11.80 3.85
N ALA C 251 4.64 -12.56 4.63
CA ALA C 251 3.61 -11.98 5.50
C ALA C 251 4.21 -10.90 6.43
N PRO C 252 3.77 -9.62 6.28
CA PRO C 252 4.35 -8.51 7.04
C PRO C 252 4.02 -8.51 8.54
N THR C 253 2.86 -9.07 8.91
CA THR C 253 2.44 -9.12 10.31
C THR C 253 1.23 -10.05 10.43
N GLY C 254 0.62 -10.10 11.62
CA GLY C 254 -0.57 -10.91 11.85
C GLY C 254 -0.32 -12.21 12.58
N GLY C 255 -1.40 -12.95 12.77
CA GLY C 255 -1.41 -14.25 13.43
C GLY C 255 -2.57 -15.03 12.86
N TYR C 256 -2.68 -16.31 13.22
CA TYR C 256 -3.76 -17.15 12.72
C TYR C 256 -4.32 -18.04 13.79
N LEU C 257 -5.49 -18.59 13.51
CA LEU C 257 -6.18 -19.52 14.38
C LEU C 257 -6.99 -20.44 13.48
N ALA C 258 -7.00 -21.73 13.82
CA ALA C 258 -7.73 -22.74 13.03
C ALA C 258 -8.26 -23.81 13.96
N GLY C 259 -9.54 -24.12 13.82
CA GLY C 259 -10.17 -25.12 14.67
C GLY C 259 -11.66 -25.20 14.39
N THR C 260 -12.41 -25.66 15.38
CA THR C 260 -13.86 -25.79 15.23
C THR C 260 -14.51 -24.41 15.18
N LYS C 261 -15.68 -24.35 14.54
CA LYS C 261 -16.44 -23.10 14.37
C LYS C 261 -16.75 -22.41 15.71
N ASP C 262 -17.02 -23.20 16.76
CA ASP C 262 -17.32 -22.64 18.09
C ASP C 262 -16.10 -21.95 18.71
N CYS C 263 -14.93 -22.62 18.64
CA CYS C 263 -13.69 -22.06 19.20
C CYS C 263 -13.19 -20.83 18.45
N ILE C 264 -13.31 -20.85 17.12
CA ILE C 264 -12.86 -19.72 16.28
C ILE C 264 -13.75 -18.49 16.46
N GLU C 265 -15.07 -18.71 16.54
CA GLU C 265 -16.01 -17.61 16.75
C GLU C 265 -15.82 -17.00 18.13
N LYS C 266 -15.69 -17.85 19.15
CA LYS C 266 -15.44 -17.39 20.54
C LYS C 266 -14.12 -16.59 20.65
N THR C 267 -13.13 -16.96 19.85
CA THR C 267 -11.84 -16.24 19.85
C THR C 267 -11.96 -14.88 19.16
N SER C 268 -12.76 -14.81 18.09
CA SER C 268 -12.93 -13.55 17.35
C SER C 268 -13.59 -12.45 18.20
N TYR C 269 -14.42 -12.83 19.17
CA TYR C 269 -15.09 -11.85 20.04
C TYR C 269 -14.11 -11.19 21.02
N ARG C 270 -13.00 -11.87 21.33
CA ARG C 270 -11.93 -11.29 22.14
C ARG C 270 -11.14 -10.33 21.24
N LEU C 271 -10.72 -10.84 20.07
CA LEU C 271 -9.99 -10.04 19.07
C LEU C 271 -10.74 -8.75 18.76
N THR C 272 -12.07 -8.86 18.63
CA THR C 272 -12.93 -7.72 18.36
C THR C 272 -13.81 -7.49 19.62
N VAL C 273 -15.14 -7.65 19.51
CA VAL C 273 -16.05 -7.50 20.64
C VAL C 273 -17.23 -8.42 20.39
N PRO C 274 -17.90 -8.90 21.47
CA PRO C 274 -19.07 -9.74 21.25
C PRO C 274 -20.13 -9.02 20.42
N GLY C 275 -20.68 -9.71 19.41
CA GLY C 275 -21.71 -9.13 18.52
C GLY C 275 -21.19 -8.84 17.13
N ILE C 276 -19.91 -8.48 17.04
CA ILE C 276 -19.24 -8.20 15.76
C ILE C 276 -18.31 -9.36 15.39
N GLY C 277 -17.33 -9.61 16.27
CA GLY C 277 -16.36 -10.69 16.05
C GLY C 277 -15.55 -10.48 14.78
N GLY C 278 -15.51 -11.49 13.93
CA GLY C 278 -14.79 -11.41 12.67
C GLY C 278 -15.53 -10.75 11.51
N GLU C 279 -16.79 -10.31 11.75
CA GLU C 279 -17.62 -9.66 10.72
C GLU C 279 -16.99 -8.39 10.12
N CYS C 280 -16.21 -7.67 10.94
CA CYS C 280 -15.50 -6.46 10.49
C CYS C 280 -13.99 -6.64 10.58
N GLY C 281 -13.25 -5.81 9.83
CA GLY C 281 -11.79 -5.84 9.82
C GLY C 281 -11.25 -5.86 8.40
N SER C 282 -10.86 -4.70 7.88
CA SER C 282 -10.28 -4.60 6.53
C SER C 282 -8.84 -5.11 6.55
N THR C 283 -8.38 -5.64 5.41
CA THR C 283 -7.03 -6.26 5.31
C THR C 283 -5.83 -5.30 5.03
N PHE C 284 -6.08 -3.98 5.02
CA PHE C 284 -5.02 -2.95 4.85
C PHE C 284 -4.23 -2.98 3.52
N GLY C 285 -4.72 -3.73 2.53
CA GLY C 285 -4.03 -3.87 1.25
C GLY C 285 -2.76 -4.72 1.32
N VAL C 286 -2.73 -5.69 2.24
CA VAL C 286 -1.59 -6.61 2.37
C VAL C 286 -2.06 -8.07 2.45
N VAL C 287 -3.18 -8.38 1.79
CA VAL C 287 -3.74 -9.74 1.82
C VAL C 287 -3.03 -10.65 0.82
N ARG C 288 -2.58 -10.11 -0.30
CA ARG C 288 -1.89 -10.90 -1.30
C ARG C 288 -0.62 -11.54 -0.70
N SER C 289 0.10 -10.77 0.12
CA SER C 289 1.32 -11.26 0.78
C SER C 289 1.02 -12.40 1.78
N MSE C 290 -0.19 -12.40 2.35
CA MSE C 290 -0.61 -13.45 3.29
C MSE C 290 -0.94 -14.75 2.53
O MSE C 290 -0.69 -15.85 3.03
CB MSE C 290 -1.80 -12.97 4.13
CG MSE C 290 -1.46 -11.76 5.01
SE MSE C 290 -2.99 -11.01 5.97
CE MSE C 290 -3.47 -12.58 6.99
N TYR C 291 -1.55 -14.61 1.35
CA TYR C 291 -1.83 -15.76 0.46
C TYR C 291 -0.52 -16.30 -0.08
N GLN C 292 0.26 -15.41 -0.68
CA GLN C 292 1.55 -15.76 -1.29
C GLN C 292 2.51 -16.37 -0.27
N GLY C 293 2.44 -15.89 0.97
CA GLY C 293 3.25 -16.39 2.06
C GLY C 293 2.89 -17.82 2.45
N LEU C 294 1.59 -18.11 2.48
CA LEU C 294 1.08 -19.44 2.78
C LEU C 294 1.48 -20.44 1.68
N PHE C 295 1.51 -19.97 0.43
CA PHE C 295 1.87 -20.84 -0.70
C PHE C 295 3.36 -21.21 -0.67
N LEU C 296 4.20 -20.25 -0.27
CA LEU C 296 5.64 -20.47 -0.15
C LEU C 296 6.03 -21.06 1.23
N ALA C 297 5.08 -21.07 2.18
CA ALA C 297 5.34 -21.57 3.55
C ALA C 297 5.95 -23.00 3.62
N PRO C 298 5.34 -23.99 2.92
CA PRO C 298 5.90 -25.35 2.94
C PRO C 298 7.35 -25.43 2.45
N HIS C 299 7.69 -24.62 1.46
CA HIS C 299 9.04 -24.60 0.91
C HIS C 299 10.00 -23.83 1.82
N ILE C 300 9.65 -22.58 2.13
CA ILE C 300 10.49 -21.70 2.98
C ILE C 300 10.72 -22.28 4.39
N SER C 301 9.71 -22.95 4.95
CA SER C 301 9.84 -23.58 6.28
C SER C 301 10.97 -24.60 6.29
N MSE C 302 11.04 -25.43 5.25
CA MSE C 302 12.08 -26.47 5.14
C MSE C 302 13.48 -25.90 4.87
O MSE C 302 14.47 -26.58 5.13
CB MSE C 302 11.71 -27.52 4.09
CG MSE C 302 10.47 -28.37 4.42
SE MSE C 302 10.56 -29.31 6.14
CE MSE C 302 8.98 -30.42 5.96
N GLU C 303 13.58 -24.68 4.31
CA GLU C 303 14.89 -24.06 4.11
C GLU C 303 15.49 -23.77 5.49
N ALA C 304 14.65 -23.23 6.38
CA ALA C 304 15.06 -22.95 7.75
C ALA C 304 15.40 -24.25 8.49
N LEU C 305 14.57 -25.28 8.28
CA LEU C 305 14.78 -26.58 8.92
C LEU C 305 16.10 -27.18 8.45
N LYS C 306 16.33 -27.16 7.12
CA LYS C 306 17.60 -27.64 6.55
C LYS C 306 18.80 -26.90 7.16
N GLY C 307 18.66 -25.59 7.34
CA GLY C 307 19.71 -24.78 7.97
C GLY C 307 19.94 -25.20 9.42
N ALA C 308 18.86 -25.56 10.11
CA ALA C 308 18.94 -26.03 11.49
C ALA C 308 19.62 -27.41 11.57
N ILE C 309 19.37 -28.27 10.57
CA ILE C 309 20.00 -29.60 10.51
C ILE C 309 21.50 -29.48 10.24
N LEU C 310 21.88 -28.56 9.34
CA LEU C 310 23.29 -28.30 9.05
C LEU C 310 23.96 -27.73 10.29
N CYS C 311 23.26 -26.81 10.94
CA CYS C 311 23.75 -26.17 12.16
C CYS C 311 23.99 -27.18 13.29
N SER C 312 23.10 -28.17 13.40
CA SER C 312 23.23 -29.22 14.43
C SER C 312 24.46 -30.09 14.21
N ARG C 313 24.66 -30.55 12.97
CA ARG C 313 25.76 -31.45 12.66
C ARG C 313 27.14 -30.78 12.65
N ILE C 314 27.24 -29.62 12.03
CA ILE C 314 28.53 -28.90 11.92
C ILE C 314 29.10 -28.50 13.30
N MSE C 315 28.22 -28.19 14.25
CA MSE C 315 28.63 -27.81 15.61
C MSE C 315 28.99 -29.03 16.46
O MSE C 315 29.82 -28.92 17.38
CB MSE C 315 27.54 -26.98 16.29
CG MSE C 315 27.25 -25.65 15.58
SE MSE C 315 28.70 -24.37 15.56
CE MSE C 315 28.03 -23.21 14.19
N GLU C 316 28.37 -30.18 16.18
CA GLU C 316 28.71 -31.42 16.90
C GLU C 316 30.12 -31.82 16.49
N LEU C 317 30.38 -31.76 15.18
CA LEU C 317 31.71 -32.06 14.64
C LEU C 317 32.75 -31.02 15.10
N ALA C 318 32.29 -29.77 15.31
CA ALA C 318 33.16 -28.69 15.81
C ALA C 318 33.53 -28.89 17.29
N GLY C 319 32.71 -29.66 18.04
CA GLY C 319 32.96 -29.99 19.46
C GLY C 319 32.00 -29.37 20.47
N PHE C 320 30.72 -29.30 20.11
CA PHE C 320 29.69 -28.71 20.99
C PHE C 320 28.49 -29.64 21.19
N GLU C 321 27.77 -29.46 22.29
CA GLU C 321 26.56 -30.21 22.57
C GLU C 321 25.43 -29.54 21.80
N VAL C 322 24.76 -30.30 20.92
CA VAL C 322 23.67 -29.77 20.09
C VAL C 322 22.33 -30.43 20.44
N MSE C 323 21.25 -29.69 20.25
CA MSE C 323 19.90 -30.18 20.53
C MSE C 323 18.87 -29.35 19.74
O MSE C 323 18.81 -28.13 19.89
CB MSE C 323 19.61 -30.08 22.04
CG MSE C 323 18.26 -30.70 22.50
SE MSE C 323 18.15 -32.65 22.19
CE MSE C 323 19.71 -33.22 23.23
N PRO C 324 18.07 -30.00 18.86
CA PRO C 324 18.07 -31.42 18.50
C PRO C 324 19.28 -31.84 17.68
N LYS C 325 19.53 -33.14 17.61
CA LYS C 325 20.62 -33.68 16.82
C LYS C 325 20.19 -33.68 15.35
N TYR C 326 21.16 -33.79 14.46
CA TYR C 326 20.89 -33.73 13.01
C TYR C 326 19.90 -34.79 12.49
N ASP C 327 19.97 -36.01 13.06
CA ASP C 327 19.12 -37.14 12.61
C ASP C 327 17.93 -37.47 13.54
N GLU C 328 17.28 -36.43 14.08
CA GLU C 328 16.11 -36.60 14.95
C GLU C 328 14.91 -35.96 14.28
N LYS C 329 13.73 -36.58 14.47
CA LYS C 329 12.48 -36.03 13.92
C LYS C 329 12.23 -34.71 14.65
N ARG C 330 11.83 -33.68 13.90
CA ARG C 330 11.65 -32.33 14.46
C ARG C 330 10.21 -31.83 14.47
N SER C 331 9.87 -31.11 15.54
CA SER C 331 8.56 -30.48 15.71
C SER C 331 8.64 -28.96 15.51
N ASP C 332 9.85 -28.46 15.24
CA ASP C 332 10.06 -27.02 15.04
C ASP C 332 11.38 -26.77 14.32
N ILE C 333 11.55 -25.54 13.83
CA ILE C 333 12.75 -25.13 13.12
C ILE C 333 13.92 -24.65 14.03
N ILE C 334 13.69 -24.63 15.35
CA ILE C 334 14.69 -24.12 16.30
C ILE C 334 15.84 -25.12 16.49
N GLN C 335 17.06 -24.57 16.57
CA GLN C 335 18.27 -25.36 16.79
C GLN C 335 19.07 -24.72 17.92
N SER C 336 19.37 -25.49 18.97
CA SER C 336 20.13 -24.98 20.13
C SER C 336 21.57 -25.51 20.17
N ILE C 337 22.48 -24.69 20.70
CA ILE C 337 23.92 -25.03 20.75
C ILE C 337 24.55 -24.68 22.11
N LYS C 338 24.97 -25.69 22.87
CA LYS C 338 25.64 -25.47 24.16
C LYS C 338 27.11 -25.16 23.89
N PHE C 339 27.58 -24.00 24.36
CA PHE C 339 28.97 -23.54 24.14
C PHE C 339 29.93 -23.71 25.33
N ASN C 340 29.40 -23.59 26.56
CA ASN C 340 30.24 -23.65 27.80
C ASN C 340 31.29 -22.51 27.86
N ASP C 341 30.98 -21.38 27.22
CA ASP C 341 31.87 -20.24 27.20
C ASP C 341 31.06 -19.01 26.78
N LYS C 342 31.30 -17.90 27.47
CA LYS C 342 30.59 -16.65 27.21
C LYS C 342 31.05 -16.02 25.87
N ASP C 343 32.36 -16.01 25.63
CA ASP C 343 32.93 -15.43 24.39
C ASP C 343 32.47 -16.17 23.13
N LYS C 344 32.47 -17.51 23.16
CA LYS C 344 32.05 -18.32 22.03
C LYS C 344 30.58 -18.06 21.65
N LEU C 345 29.74 -17.87 22.67
CA LEU C 345 28.30 -17.58 22.46
C LEU C 345 28.13 -16.21 21.81
N ILE C 346 28.78 -15.20 22.38
CA ILE C 346 28.70 -13.83 21.86
C ILE C 346 29.23 -13.78 20.45
N GLU C 347 30.44 -14.32 20.24
CA GLU C 347 31.08 -14.36 18.90
C GLU C 347 30.22 -15.05 17.84
N PHE C 348 29.46 -16.08 18.25
CA PHE C 348 28.58 -16.81 17.32
C PHE C 348 27.45 -15.92 16.83
N CYS C 349 26.77 -15.24 17.76
CA CYS C 349 25.68 -14.31 17.42
C CYS C 349 26.23 -13.11 16.66
N LYS C 350 27.39 -12.63 17.11
CA LYS C 350 28.11 -11.52 16.49
C LYS C 350 28.21 -11.83 14.98
N GLY C 351 28.59 -13.07 14.67
CA GLY C 351 28.75 -13.56 13.29
C GLY C 351 27.45 -13.71 12.52
N ILE C 352 26.39 -14.21 13.17
CA ILE C 352 25.07 -14.35 12.52
C ILE C 352 24.52 -12.98 12.11
N GLN C 353 24.75 -11.98 12.96
CA GLN C 353 24.34 -10.60 12.66
C GLN C 353 25.08 -10.10 11.42
N THR C 354 26.36 -10.47 11.29
CA THR C 354 27.17 -10.09 10.12
C THR C 354 26.67 -10.76 8.83
N GLY C 355 26.16 -11.99 8.97
CA GLY C 355 25.61 -12.73 7.82
C GLY C 355 24.19 -12.31 7.43
N SER C 356 23.62 -11.33 8.16
CA SER C 356 22.27 -10.84 7.88
C SER C 356 22.28 -9.81 6.75
N PRO C 357 21.22 -9.83 5.88
CA PRO C 357 21.14 -8.85 4.78
C PRO C 357 20.85 -7.43 5.27
N ILE C 358 19.99 -7.32 6.29
CA ILE C 358 19.64 -6.04 6.88
C ILE C 358 20.43 -5.89 8.17
N ASP C 359 20.85 -4.65 8.47
CA ASP C 359 21.59 -4.34 9.70
C ASP C 359 22.83 -5.25 9.94
N SER C 360 23.59 -5.51 8.88
CA SER C 360 24.82 -6.32 8.98
C SER C 360 25.84 -5.58 9.82
N PHE C 361 26.02 -4.31 9.47
CA PHE C 361 26.92 -3.38 10.18
C PHE C 361 26.60 -3.17 11.68
N VAL C 362 25.31 -3.27 12.05
CA VAL C 362 24.85 -3.04 13.45
C VAL C 362 25.56 -3.91 14.50
N SER C 363 25.89 -3.29 15.65
CA SER C 363 26.57 -3.97 16.75
C SER C 363 25.65 -4.99 17.40
N CYS C 364 26.21 -6.16 17.73
CA CYS C 364 25.46 -7.25 18.35
C CYS C 364 26.03 -7.58 19.73
N GLU C 365 25.64 -6.79 20.73
CA GLU C 365 26.09 -7.01 22.11
C GLU C 365 24.88 -7.21 23.05
N PRO C 366 25.12 -7.83 24.24
CA PRO C 366 24.02 -8.12 25.17
C PRO C 366 23.19 -6.91 25.64
N TRP C 367 21.87 -6.99 25.46
CA TRP C 367 20.94 -5.96 25.90
C TRP C 367 20.67 -6.13 27.41
N ASP C 368 19.58 -5.53 27.93
CA ASP C 368 19.25 -5.65 29.34
C ASP C 368 17.76 -5.33 29.57
N ASP C 374 17.84 -11.21 34.03
CA ASP C 374 19.25 -11.55 33.96
C ASP C 374 19.92 -10.74 32.78
N GLN C 375 20.32 -11.38 31.67
CA GLN C 375 20.94 -10.64 30.52
C GLN C 375 20.90 -11.48 29.22
N VAL C 376 20.60 -10.84 28.09
CA VAL C 376 20.43 -11.54 26.79
C VAL C 376 20.95 -10.76 25.57
N ILE C 377 21.49 -11.52 24.59
CA ILE C 377 22.03 -10.97 23.31
C ILE C 377 21.23 -11.55 22.15
N MSE C 378 21.05 -10.76 21.08
CA MSE C 378 20.25 -11.19 19.90
C MSE C 378 20.83 -10.74 18.56
O MSE C 378 21.42 -9.67 18.45
CB MSE C 378 18.83 -10.65 20.02
CG MSE C 378 18.09 -11.03 21.29
SE MSE C 378 16.31 -10.29 21.34
CE MSE C 378 15.52 -11.26 19.81
N ALA C 379 20.63 -11.58 17.53
CA ALA C 379 21.10 -11.29 16.17
C ALA C 379 19.88 -11.21 15.26
N ALA C 380 19.48 -9.99 14.92
CA ALA C 380 18.31 -9.76 14.07
C ALA C 380 18.65 -8.84 12.89
N GLY C 381 18.24 -9.26 11.70
CA GLY C 381 18.48 -8.50 10.48
C GLY C 381 17.59 -9.03 9.39
N ALA C 382 16.28 -8.79 9.52
CA ALA C 382 15.28 -9.29 8.59
C ALA C 382 14.53 -8.17 7.86
N PHE C 383 13.86 -8.54 6.75
CA PHE C 383 13.05 -7.59 5.98
C PHE C 383 11.79 -7.23 6.79
N ILE C 384 11.19 -8.24 7.41
CA ILE C 384 10.04 -8.05 8.30
C ILE C 384 10.64 -8.05 9.70
N GLN C 385 10.33 -7.02 10.48
CA GLN C 385 10.92 -6.87 11.82
C GLN C 385 10.57 -7.99 12.78
N GLY C 386 11.60 -8.62 13.35
CA GLY C 386 11.42 -9.69 14.33
C GLY C 386 10.85 -11.00 13.81
N SER C 387 10.89 -11.20 12.49
CA SER C 387 10.40 -12.43 11.89
C SER C 387 11.43 -13.50 12.12
N SER C 388 11.08 -14.51 12.91
CA SER C 388 12.00 -15.61 13.20
C SER C 388 12.10 -16.65 12.06
N ILE C 389 11.28 -16.50 11.01
CA ILE C 389 11.37 -17.37 9.82
C ILE C 389 12.64 -17.01 9.04
N GLU C 390 13.07 -15.75 9.15
CA GLU C 390 14.32 -15.28 8.52
C GLU C 390 15.47 -15.56 9.51
N LEU C 391 16.69 -15.75 9.00
CA LEU C 391 17.84 -16.10 9.85
C LEU C 391 18.02 -15.14 11.03
N SER C 392 17.91 -15.72 12.23
CA SER C 392 18.03 -14.97 13.46
C SER C 392 18.59 -15.88 14.53
N ALA C 393 18.92 -15.28 15.67
CA ALA C 393 19.47 -16.03 16.79
C ALA C 393 19.37 -15.20 18.07
N ASP C 394 19.11 -15.88 19.18
CA ASP C 394 19.02 -15.22 20.50
C ASP C 394 19.52 -16.19 21.56
N ALA C 395 20.03 -15.65 22.66
CA ALA C 395 20.55 -16.48 23.75
C ALA C 395 20.74 -15.69 25.06
N PRO C 396 20.22 -16.22 26.19
CA PRO C 396 20.43 -15.57 27.47
C PRO C 396 21.83 -15.93 27.98
N ILE C 397 22.58 -14.95 28.48
CA ILE C 397 23.94 -15.20 28.96
C ILE C 397 23.95 -15.82 30.38
N ARG C 398 24.02 -17.15 30.42
CA ARG C 398 24.07 -17.91 31.68
C ARG C 398 24.49 -19.34 31.36
N GLU C 399 25.25 -19.96 32.27
CA GLU C 399 25.75 -21.33 32.08
C GLU C 399 24.61 -22.31 31.74
N PRO C 400 24.84 -23.26 30.80
CA PRO C 400 26.06 -23.54 30.01
C PRO C 400 26.24 -22.66 28.73
N TYR C 401 25.58 -21.49 28.70
CA TYR C 401 25.64 -20.54 27.58
C TYR C 401 25.09 -21.17 26.28
N ILE C 402 23.79 -21.47 26.31
CA ILE C 402 23.08 -22.08 25.18
C ILE C 402 22.60 -21.02 24.20
N ALA C 403 22.78 -21.28 22.90
CA ALA C 403 22.32 -20.37 21.84
C ALA C 403 21.11 -20.99 21.18
N TYR C 404 20.29 -20.17 20.52
CA TYR C 404 19.08 -20.64 19.84
C TYR C 404 18.98 -19.99 18.45
N LEU C 405 19.29 -20.76 17.40
CA LEU C 405 19.25 -20.27 16.02
C LEU C 405 17.98 -20.73 15.33
N GLN C 406 17.36 -19.84 14.54
CA GLN C 406 16.13 -20.15 13.80
C GLN C 406 16.12 -19.39 12.49
N GLY C 407 15.40 -19.95 11.52
CA GLY C 407 15.17 -19.28 10.24
C GLY C 407 16.20 -19.41 9.13
N GLY C 408 15.93 -18.64 8.06
CA GLY C 408 16.74 -18.63 6.83
C GLY C 408 15.80 -18.82 5.65
N LEU C 409 15.50 -17.72 4.94
CA LEU C 409 14.58 -17.77 3.76
C LEU C 409 15.01 -18.80 2.71
N THR C 410 16.33 -18.94 2.54
CA THR C 410 16.91 -19.93 1.66
C THR C 410 17.98 -20.66 2.46
N PHE C 411 18.16 -21.95 2.17
CA PHE C 411 19.19 -22.75 2.86
C PHE C 411 20.59 -22.18 2.63
N ASP C 412 20.82 -21.63 1.43
CA ASP C 412 22.11 -21.01 1.12
C ASP C 412 22.40 -19.81 2.03
N HIS C 413 21.37 -19.04 2.37
CA HIS C 413 21.56 -17.91 3.28
C HIS C 413 21.82 -18.39 4.70
N ALA C 414 21.04 -19.39 5.15
CA ALA C 414 21.22 -19.98 6.49
C ALA C 414 22.63 -20.56 6.59
N LYS C 415 23.01 -21.32 5.56
CA LYS C 415 24.33 -21.93 5.46
C LYS C 415 25.45 -20.89 5.63
N ILE C 416 25.37 -19.80 4.87
CA ILE C 416 26.38 -18.72 4.94
C ILE C 416 26.51 -18.12 6.35
N GLY C 417 25.38 -17.69 6.93
CA GLY C 417 25.37 -17.11 8.27
C GLY C 417 25.93 -18.05 9.33
N ILE C 418 25.55 -19.33 9.22
CA ILE C 418 26.03 -20.37 10.14
C ILE C 418 27.53 -20.62 9.95
N LEU C 419 27.97 -20.53 8.69
CA LEU C 419 29.38 -20.75 8.34
C LEU C 419 30.26 -19.59 8.84
N ILE C 420 29.76 -18.36 8.69
CA ILE C 420 30.46 -17.14 9.15
C ILE C 420 30.62 -17.11 10.68
N ALA C 421 29.58 -17.55 11.39
CA ALA C 421 29.58 -17.58 12.86
C ALA C 421 30.61 -18.55 13.43
N LEU C 422 30.65 -19.78 12.90
CA LEU C 422 31.61 -20.79 13.34
C LEU C 422 33.05 -20.38 13.01
N SER C 423 33.22 -19.59 11.95
CA SER C 423 34.55 -19.10 11.53
C SER C 423 35.20 -18.14 12.55
N ARG C 424 34.40 -17.63 13.50
CA ARG C 424 34.93 -16.79 14.58
C ARG C 424 35.43 -17.64 15.76
N ILE C 425 34.85 -18.84 15.93
CA ILE C 425 35.26 -19.76 16.99
C ILE C 425 36.62 -20.40 16.66
N VAL C 426 36.71 -21.02 15.48
CA VAL C 426 37.94 -21.67 15.02
C VAL C 426 38.97 -20.64 14.56
N GLY D 1 11.51 -41.37 -1.18
CA GLY D 1 10.81 -40.87 -2.40
C GLY D 1 9.45 -40.27 -2.08
N MSE D 2 8.63 -40.10 -3.12
CA MSE D 2 7.28 -39.54 -2.96
C MSE D 2 6.43 -40.41 -2.02
O MSE D 2 6.38 -41.63 -2.19
CB MSE D 2 6.59 -39.45 -4.35
CG MSE D 2 5.15 -38.89 -4.33
SE MSE D 2 4.32 -38.79 -6.12
CE MSE D 2 5.43 -37.42 -6.93
N LEU D 3 5.81 -39.77 -1.03
CA LEU D 3 4.97 -40.48 -0.05
C LEU D 3 3.71 -41.06 -0.69
N GLU D 4 3.17 -42.11 -0.06
CA GLU D 4 1.94 -42.78 -0.54
C GLU D 4 0.74 -41.82 -0.45
N SER D 5 0.78 -40.90 0.52
CA SER D 5 -0.26 -39.89 0.69
C SER D 5 -0.26 -38.96 -0.52
N THR D 6 0.94 -38.59 -0.98
CA THR D 6 1.10 -37.72 -2.14
C THR D 6 0.55 -38.41 -3.40
N LYS D 7 0.92 -39.69 -3.62
CA LYS D 7 0.39 -40.48 -4.76
C LYS D 7 -1.12 -40.46 -4.78
N GLN D 8 -1.71 -40.79 -3.63
CA GLN D 8 -3.16 -40.87 -3.50
C GLN D 8 -3.85 -39.50 -3.71
N PHE D 9 -3.18 -38.42 -3.29
CA PHE D 9 -3.72 -37.06 -3.44
C PHE D 9 -3.74 -36.68 -4.94
N LEU D 10 -2.65 -37.00 -5.65
CA LEU D 10 -2.53 -36.72 -7.08
C LEU D 10 -3.61 -37.42 -7.93
N LYS D 11 -4.12 -38.56 -7.45
CA LYS D 11 -5.20 -39.30 -8.15
C LYS D 11 -6.47 -38.43 -8.31
N LYS D 12 -6.68 -37.47 -7.40
CA LYS D 12 -7.82 -36.53 -7.48
C LYS D 12 -7.76 -35.65 -8.73
N TYR D 13 -6.54 -35.39 -9.22
CA TYR D 13 -6.31 -34.59 -10.44
C TYR D 13 -6.24 -35.46 -11.72
N ASN D 14 -6.54 -36.76 -11.60
CA ASN D 14 -6.44 -37.73 -12.72
C ASN D 14 -5.01 -37.87 -13.24
N ILE D 15 -4.07 -38.02 -12.32
CA ILE D 15 -2.66 -38.21 -12.65
C ILE D 15 -2.39 -39.71 -12.71
N ASN D 16 -2.55 -40.29 -13.90
CA ASN D 16 -2.39 -41.74 -14.12
C ASN D 16 -1.01 -42.31 -13.75
N ASP D 17 -0.95 -43.64 -13.67
CA ASP D 17 0.30 -44.36 -13.36
C ASP D 17 1.37 -44.18 -14.44
N ARG D 18 0.94 -44.08 -15.71
CA ARG D 18 1.86 -43.86 -16.83
C ARG D 18 2.66 -42.58 -16.60
N VAL D 19 1.97 -41.49 -16.30
CA VAL D 19 2.61 -40.20 -16.04
C VAL D 19 3.45 -40.21 -14.75
N LEU D 20 2.94 -40.86 -13.70
CA LEU D 20 3.64 -40.93 -12.41
C LEU D 20 4.93 -41.78 -12.53
N LYS D 21 4.85 -42.91 -13.26
CA LYS D 21 6.02 -43.77 -13.50
C LYS D 21 7.00 -43.06 -14.44
N LEU D 22 6.44 -42.35 -15.43
CA LEU D 22 7.24 -41.58 -16.38
C LEU D 22 7.94 -40.41 -15.64
N TYR D 23 7.27 -39.85 -14.63
CA TYR D 23 7.86 -38.79 -13.81
C TYR D 23 9.04 -39.31 -12.97
N GLU D 24 8.83 -40.44 -12.29
CA GLU D 24 9.88 -41.03 -11.45
CA GLU D 24 9.87 -41.06 -11.45
C GLU D 24 11.14 -41.38 -12.26
N THR D 25 10.96 -41.83 -13.50
CA THR D 25 12.07 -42.16 -14.39
C THR D 25 12.86 -40.89 -14.75
N ALA D 26 12.13 -39.80 -15.02
CA ALA D 26 12.72 -38.51 -15.35
C ALA D 26 13.47 -37.93 -14.15
N MSE D 27 12.84 -38.00 -12.98
CA MSE D 27 13.39 -37.47 -11.73
C MSE D 27 14.74 -38.15 -11.39
O MSE D 27 15.62 -37.51 -10.81
CB MSE D 27 12.38 -37.66 -10.59
CG MSE D 27 12.66 -36.89 -9.30
SE MSE D 27 12.53 -34.94 -9.47
CE MSE D 27 14.31 -34.54 -10.19
N ASN D 28 14.89 -39.43 -11.73
CA ASN D 28 16.15 -40.18 -11.52
C ASN D 28 17.23 -39.73 -12.49
N ASP D 29 16.86 -39.62 -13.77
CA ASP D 29 17.79 -39.23 -14.84
C ASP D 29 18.35 -37.81 -14.74
N ILE D 30 17.61 -36.90 -14.09
CA ILE D 30 18.03 -35.48 -14.00
C ILE D 30 18.68 -35.06 -12.66
N GLN D 31 18.85 -35.98 -11.71
CA GLN D 31 19.43 -35.65 -10.39
C GLN D 31 20.86 -35.04 -10.44
N ASN D 32 21.70 -35.50 -11.36
CA ASN D 32 23.06 -34.97 -11.48
C ASN D 32 23.10 -33.52 -11.93
N GLN D 33 22.15 -33.13 -12.77
CA GLN D 33 22.07 -31.74 -13.27
C GLN D 33 21.71 -30.76 -12.16
N PHE D 34 20.93 -31.23 -11.19
CA PHE D 34 20.46 -30.40 -10.07
C PHE D 34 21.60 -29.94 -9.15
N LYS D 35 22.54 -30.84 -8.83
CA LYS D 35 23.67 -30.47 -7.94
C LYS D 35 24.63 -29.41 -8.55
N ILE D 36 24.68 -29.33 -9.87
CA ILE D 36 25.47 -28.30 -10.55
C ILE D 36 24.79 -26.92 -10.35
N LEU D 37 23.46 -26.90 -10.35
CA LEU D 37 22.69 -25.66 -10.16
C LEU D 37 22.77 -25.14 -8.72
N ASP D 38 22.85 -26.05 -7.76
CA ASP D 38 22.90 -25.67 -6.34
C ASP D 38 24.20 -24.97 -5.96
N ASP D 39 25.33 -25.45 -6.48
CA ASP D 39 26.62 -24.79 -6.19
C ASP D 39 26.77 -23.45 -6.99
N ILE D 40 26.00 -23.31 -8.08
CA ILE D 40 25.93 -22.03 -8.83
C ILE D 40 25.09 -21.05 -8.00
N ARG D 41 23.93 -21.54 -7.54
CA ARG D 41 23.00 -20.77 -6.71
C ARG D 41 23.66 -20.26 -5.44
N GLU D 42 24.49 -21.12 -4.85
CA GLU D 42 25.23 -20.80 -3.63
C GLU D 42 26.02 -19.51 -3.79
N PHE D 43 26.77 -19.43 -4.90
CA PHE D 43 27.58 -18.24 -5.20
C PHE D 43 26.68 -17.01 -5.38
N ASN D 44 25.62 -17.17 -6.16
CA ASN D 44 24.69 -16.07 -6.43
C ASN D 44 24.01 -15.54 -5.16
N GLN D 45 23.71 -16.43 -4.21
CA GLN D 45 23.10 -16.01 -2.94
C GLN D 45 24.11 -15.15 -2.18
N LEU D 46 25.37 -15.61 -2.14
CA LEU D 46 26.44 -14.86 -1.49
C LEU D 46 26.75 -13.57 -2.27
N LYS D 47 26.56 -13.61 -3.60
CA LYS D 47 26.79 -12.45 -4.45
C LYS D 47 25.78 -11.34 -4.12
N VAL D 48 24.51 -11.72 -3.95
CA VAL D 48 23.46 -10.76 -3.61
C VAL D 48 23.64 -10.30 -2.15
N LEU D 49 23.84 -11.26 -1.24
CA LEU D 49 24.07 -10.97 0.18
C LEU D 49 25.14 -9.91 0.38
N ASN D 50 26.27 -10.09 -0.31
CA ASN D 50 27.38 -9.15 -0.25
C ASN D 50 26.96 -7.75 -0.71
N ALA D 51 26.15 -7.70 -1.77
CA ALA D 51 25.66 -6.43 -2.32
C ALA D 51 24.85 -5.64 -1.29
N PHE D 52 23.99 -6.33 -0.53
CA PHE D 52 23.22 -5.69 0.55
C PHE D 52 24.14 -5.15 1.65
N GLN D 53 25.03 -6.02 2.12
CA GLN D 53 25.95 -5.70 3.21
C GLN D 53 26.91 -4.54 2.91
N GLU D 54 27.31 -4.39 1.65
CA GLU D 54 28.20 -3.28 1.25
C GLU D 54 27.44 -1.95 1.23
N GLU D 55 26.23 -1.95 0.68
CA GLU D 55 25.40 -0.75 0.65
C GLU D 55 24.79 -0.36 2.01
N ARG D 56 25.06 -1.18 3.04
CA ARG D 56 24.69 -0.88 4.41
C ARG D 56 23.15 -0.74 4.57
N ILE D 57 22.44 -1.69 3.97
CA ILE D 57 20.96 -1.69 3.97
C ILE D 57 20.40 -1.89 5.39
N SER D 58 19.25 -1.26 5.65
CA SER D 58 18.62 -1.28 6.96
C SER D 58 17.09 -1.11 6.84
N GLU D 59 16.40 -1.09 7.98
CA GLU D 59 14.94 -0.90 8.01
C GLU D 59 14.55 0.46 7.41
N ALA D 60 15.43 1.46 7.58
CA ALA D 60 15.21 2.81 7.03
C ALA D 60 15.12 2.84 5.49
N HIS D 61 15.72 1.85 4.82
CA HIS D 61 15.68 1.76 3.35
C HIS D 61 14.34 1.29 2.77
N PHE D 62 13.42 0.81 3.62
CA PHE D 62 12.09 0.38 3.14
C PHE D 62 11.15 1.59 3.22
N THR D 63 11.43 2.55 2.33
CA THR D 63 10.73 3.81 2.29
C THR D 63 9.36 3.77 1.64
N ASN D 64 8.52 4.71 2.07
CA ASN D 64 7.21 4.92 1.52
C ASN D 64 7.19 6.38 1.05
N SER D 65 7.91 6.62 -0.03
CA SER D 65 8.03 7.95 -0.61
C SER D 65 6.74 8.37 -1.32
N SER D 66 6.52 9.69 -1.36
CA SER D 66 5.36 10.27 -2.02
C SER D 66 5.82 11.47 -2.83
N GLY D 67 4.97 11.94 -3.74
CA GLY D 67 5.29 13.09 -4.57
C GLY D 67 6.52 12.90 -5.45
N TYR D 68 7.44 13.87 -5.42
CA TYR D 68 8.67 13.80 -6.22
C TYR D 68 9.56 12.66 -5.75
N GLY D 69 9.72 12.57 -4.44
CA GLY D 69 10.57 11.56 -3.84
C GLY D 69 12.03 11.97 -3.86
N TYR D 70 12.31 13.26 -3.62
CA TYR D 70 13.70 13.74 -3.57
C TYR D 70 14.39 13.15 -2.36
N GLY D 71 15.58 12.59 -2.58
CA GLY D 71 16.36 11.98 -1.51
C GLY D 71 15.75 10.70 -0.99
N ASP D 72 15.29 9.83 -1.90
CA ASP D 72 14.72 8.54 -1.51
C ASP D 72 15.88 7.56 -1.35
N ILE D 73 16.25 7.30 -0.08
CA ILE D 73 17.37 6.42 0.23
C ILE D 73 17.14 4.97 -0.21
N GLY D 74 15.89 4.50 -0.11
CA GLY D 74 15.54 3.13 -0.52
C GLY D 74 15.69 2.89 -2.01
N ARG D 75 15.21 3.83 -2.80
CA ARG D 75 15.29 3.78 -4.25
C ARG D 75 16.75 3.86 -4.75
N ASP D 76 17.50 4.80 -4.19
CA ASP D 76 18.89 5.00 -4.59
C ASP D 76 19.81 3.84 -4.14
N SER D 77 19.60 3.35 -2.92
CA SER D 77 20.38 2.21 -2.42
C SER D 77 20.04 0.91 -3.15
N LEU D 78 18.81 0.81 -3.67
CA LEU D 78 18.40 -0.36 -4.45
C LEU D 78 19.14 -0.37 -5.80
N ASP D 79 19.30 0.81 -6.39
CA ASP D 79 20.06 0.95 -7.64
C ASP D 79 21.53 0.60 -7.39
N ALA D 80 22.05 1.06 -6.26
CA ALA D 80 23.42 0.79 -5.89
C ALA D 80 23.65 -0.71 -5.66
N VAL D 81 22.67 -1.40 -5.04
CA VAL D 81 22.76 -2.85 -4.79
C VAL D 81 22.82 -3.61 -6.11
N TYR D 82 21.94 -3.26 -7.04
CA TYR D 82 21.94 -3.86 -8.39
C TYR D 82 23.27 -3.63 -9.10
N ALA D 83 23.82 -2.42 -8.98
CA ALA D 83 25.11 -2.07 -9.58
C ALA D 83 26.24 -2.98 -9.07
N ARG D 84 26.20 -3.29 -7.77
CA ARG D 84 27.19 -4.18 -7.15
C ARG D 84 26.99 -5.64 -7.53
N VAL D 85 25.73 -6.07 -7.67
CA VAL D 85 25.41 -7.46 -8.05
C VAL D 85 25.87 -7.72 -9.49
N PHE D 86 25.49 -6.82 -10.40
CA PHE D 86 25.88 -6.94 -11.82
C PHE D 86 27.31 -6.40 -12.11
N ASN D 87 27.99 -5.87 -11.09
CA ASN D 87 29.35 -5.32 -11.23
C ASN D 87 29.41 -4.23 -12.30
N THR D 88 28.49 -3.29 -12.22
CA THR D 88 28.41 -2.15 -13.15
C THR D 88 28.50 -0.85 -12.37
N GLU D 89 28.79 0.25 -13.07
CA GLU D 89 28.94 1.56 -12.45
C GLU D 89 27.64 2.05 -11.82
N SER D 90 26.57 2.04 -12.60
CA SER D 90 25.25 2.49 -12.16
C SER D 90 24.18 1.44 -12.49
N ALA D 91 22.94 1.74 -12.09
CA ALA D 91 21.80 0.84 -12.33
C ALA D 91 20.50 1.62 -12.18
N LEU D 92 19.47 1.24 -12.93
CA LEU D 92 18.17 1.91 -12.89
C LEU D 92 17.04 0.91 -12.60
N VAL D 93 16.81 0.68 -11.30
CA VAL D 93 15.76 -0.23 -10.84
C VAL D 93 14.53 0.59 -10.48
N ARG D 94 13.47 0.48 -11.28
CA ARG D 94 12.24 1.27 -11.05
C ARG D 94 10.96 0.48 -11.26
N PRO D 95 9.92 0.79 -10.45
CA PRO D 95 8.63 0.18 -10.61
C PRO D 95 7.81 0.86 -11.72
N HIS D 96 8.28 2.04 -12.14
CA HIS D 96 7.61 2.85 -13.16
C HIS D 96 7.61 2.20 -14.55
N PHE D 97 8.53 1.27 -14.79
CA PHE D 97 8.57 0.52 -16.04
C PHE D 97 7.36 -0.41 -16.07
N VAL D 98 6.47 -0.23 -17.04
CA VAL D 98 5.25 -1.07 -17.12
C VAL D 98 5.54 -2.56 -17.36
N ASN D 99 6.66 -2.85 -18.03
CA ASN D 99 7.07 -4.23 -18.32
C ASN D 99 8.53 -4.29 -18.79
N GLY D 100 9.00 -5.47 -19.18
CA GLY D 100 10.37 -5.63 -19.68
C GLY D 100 10.64 -4.88 -20.97
N THR D 101 9.63 -4.77 -21.83
CA THR D 101 9.75 -4.07 -23.12
C THR D 101 10.03 -2.58 -22.93
N HIS D 102 9.42 -1.98 -21.91
CA HIS D 102 9.62 -0.56 -21.62
C HIS D 102 11.05 -0.31 -21.19
N ALA D 103 11.59 -1.21 -20.37
CA ALA D 103 12.98 -1.12 -19.93
C ALA D 103 13.95 -1.21 -21.12
N LEU D 104 13.67 -2.15 -22.03
CA LEU D 104 14.48 -2.34 -23.24
C LEU D 104 14.34 -1.16 -24.19
N GLY D 105 13.09 -0.71 -24.39
CA GLY D 105 12.80 0.45 -25.23
C GLY D 105 13.43 1.72 -24.68
N ALA D 106 13.47 1.84 -23.35
CA ALA D 106 14.07 3.01 -22.68
C ALA D 106 15.58 3.11 -22.98
N ALA D 107 16.26 1.97 -22.99
CA ALA D 107 17.69 1.92 -23.25
C ALA D 107 18.01 2.34 -24.69
N LEU D 108 17.19 1.88 -25.64
CA LEU D 108 17.38 2.20 -27.07
C LEU D 108 17.16 3.70 -27.35
N PHE D 109 15.95 4.20 -27.03
CA PHE D 109 15.65 5.64 -27.24
C PHE D 109 16.58 6.56 -26.43
N GLY D 110 17.10 6.05 -25.32
CA GLY D 110 18.04 6.78 -24.49
C GLY D 110 19.43 6.86 -25.14
N ASN D 111 19.90 5.73 -25.68
CA ASN D 111 21.26 5.66 -26.26
C ASN D 111 21.36 5.81 -27.81
N LEU D 112 20.24 6.07 -28.48
CA LEU D 112 20.23 6.25 -29.95
C LEU D 112 19.73 7.64 -30.32
N ARG D 113 20.39 8.26 -31.29
CA ARG D 113 20.08 9.61 -31.75
C ARG D 113 19.83 9.57 -33.28
N PRO D 114 19.22 10.63 -33.86
CA PRO D 114 18.98 10.61 -35.32
C PRO D 114 20.29 10.49 -36.08
N GLY D 115 20.36 9.50 -36.98
CA GLY D 115 21.57 9.22 -37.76
C GLY D 115 22.24 7.92 -37.32
N ASN D 116 22.13 7.60 -36.03
CA ASN D 116 22.72 6.36 -35.49
C ASN D 116 21.99 5.13 -36.02
N THR D 117 22.73 4.03 -36.17
CA THR D 117 22.17 2.77 -36.66
C THR D 117 22.28 1.71 -35.56
N MSE D 118 21.31 0.80 -35.55
CA MSE D 118 21.20 -0.27 -34.56
C MSE D 118 21.57 -1.58 -35.26
O MSE D 118 21.50 -1.67 -36.48
CB MSE D 118 19.76 -0.30 -34.06
CG MSE D 118 19.47 -1.29 -32.98
SE MSE D 118 17.64 -1.03 -32.41
CE MSE D 118 17.53 -2.53 -31.18
N LEU D 119 21.97 -2.58 -34.48
CA LEU D 119 22.34 -3.89 -35.04
C LEU D 119 22.04 -5.04 -34.09
N SER D 120 20.99 -5.80 -34.40
CA SER D 120 20.64 -7.00 -33.62
C SER D 120 21.43 -8.19 -34.17
N VAL D 121 22.37 -8.69 -33.37
CA VAL D 121 23.27 -9.80 -33.78
C VAL D 121 22.67 -11.21 -33.61
N CYS D 122 21.51 -11.32 -32.99
CA CYS D 122 20.86 -12.62 -32.76
C CYS D 122 19.60 -12.78 -33.62
N GLY D 123 19.60 -12.16 -34.80
CA GLY D 123 18.46 -12.24 -35.71
C GLY D 123 17.30 -11.36 -35.28
N GLU D 124 16.09 -11.74 -35.69
CA GLU D 124 14.88 -10.98 -35.36
C GLU D 124 14.69 -10.97 -33.83
N PRO D 125 14.70 -9.77 -33.21
CA PRO D 125 14.54 -9.68 -31.75
C PRO D 125 13.13 -10.06 -31.25
N TYR D 126 12.94 -9.98 -29.93
CA TYR D 126 11.66 -10.34 -29.29
C TYR D 126 10.51 -9.61 -30.01
N ASP D 127 9.51 -10.40 -30.44
CA ASP D 127 8.36 -9.89 -31.21
CA ASP D 127 8.36 -9.91 -31.23
C ASP D 127 7.71 -8.57 -30.71
N THR D 128 7.70 -8.34 -29.38
CA THR D 128 7.11 -7.07 -28.82
C THR D 128 8.00 -5.83 -28.98
N LEU D 129 9.22 -6.03 -29.48
CA LEU D 129 10.16 -4.94 -29.67
C LEU D 129 10.11 -4.42 -31.13
N HIS D 130 9.38 -5.11 -32.01
CA HIS D 130 9.28 -4.71 -33.45
C HIS D 130 8.73 -3.31 -33.69
N ASP D 131 7.62 -2.97 -33.05
CA ASP D 131 7.01 -1.63 -33.20
C ASP D 131 7.84 -0.51 -32.56
N VAL D 132 8.63 -0.86 -31.54
CA VAL D 132 9.51 0.11 -30.87
C VAL D 132 10.62 0.52 -31.83
N ILE D 133 11.21 -0.47 -32.50
CA ILE D 133 12.29 -0.25 -33.47
C ILE D 133 11.69 0.25 -34.80
N GLY D 134 10.52 -0.25 -35.16
CA GLY D 134 9.85 0.12 -36.40
C GLY D 134 10.42 -0.67 -37.55
N ILE D 135 10.59 -1.98 -37.32
CA ILE D 135 11.16 -2.89 -38.32
C ILE D 135 10.20 -3.17 -39.46
N THR D 136 8.95 -3.48 -39.12
CA THR D 136 7.92 -3.83 -40.13
C THR D 136 6.80 -2.75 -40.27
N GLU D 137 5.55 -3.05 -39.84
CA GLU D 137 4.42 -2.10 -39.96
C GLU D 137 4.65 -0.85 -39.10
N ASN D 138 5.34 0.12 -39.70
CA ASN D 138 5.70 1.35 -39.02
C ASN D 138 4.60 2.44 -39.04
N SER D 139 3.72 2.41 -38.04
CA SER D 139 2.65 3.41 -37.88
C SER D 139 3.23 4.62 -37.19
N ASN D 140 2.49 5.74 -37.22
CA ASN D 140 2.98 7.00 -36.61
C ASN D 140 2.84 7.01 -35.07
N MSE D 141 3.49 6.04 -34.42
CA MSE D 141 3.47 5.89 -32.97
C MSE D 141 4.70 6.49 -32.29
O MSE D 141 4.66 6.75 -31.08
CB MSE D 141 3.37 4.42 -32.59
CG MSE D 141 2.13 3.73 -33.10
SE MSE D 141 1.89 1.95 -32.36
CE MSE D 141 0.32 1.41 -33.43
N GLY D 142 5.78 6.68 -33.05
CA GLY D 142 7.02 7.28 -32.54
C GLY D 142 8.12 6.24 -32.34
N SER D 143 8.34 5.41 -33.35
CA SER D 143 9.35 4.36 -33.30
C SER D 143 10.73 4.92 -33.55
N LEU D 144 11.76 4.08 -33.34
CA LEU D 144 13.15 4.47 -33.58
C LEU D 144 13.35 4.96 -35.03
N LYS D 145 12.81 4.19 -36.00
CA LYS D 145 12.91 4.56 -37.42
C LYS D 145 12.31 5.94 -37.70
N GLU D 146 11.21 6.25 -37.02
CA GLU D 146 10.53 7.54 -37.21
C GLU D 146 11.29 8.75 -36.63
N PHE D 147 12.24 8.48 -35.74
CA PHE D 147 13.12 9.54 -35.17
C PHE D 147 14.53 9.51 -35.82
N GLY D 148 14.62 9.01 -37.06
CA GLY D 148 15.89 8.94 -37.79
C GLY D 148 16.89 7.90 -37.30
N ILE D 149 16.45 6.95 -36.47
CA ILE D 149 17.33 5.90 -35.94
C ILE D 149 17.17 4.64 -36.81
N ASN D 150 18.24 4.28 -37.52
CA ASN D 150 18.23 3.12 -38.43
C ASN D 150 18.40 1.77 -37.72
N TYR D 151 18.06 0.70 -38.43
CA TYR D 151 18.14 -0.68 -37.91
C TYR D 151 18.62 -1.69 -38.94
N LYS D 152 19.72 -2.37 -38.64
CA LYS D 152 20.24 -3.46 -39.48
C LYS D 152 20.15 -4.72 -38.63
N GLN D 153 20.37 -5.87 -39.26
CA GLN D 153 20.25 -7.15 -38.57
C GLN D 153 21.14 -8.22 -39.19
N VAL D 154 21.67 -9.09 -38.33
CA VAL D 154 22.46 -10.23 -38.74
C VAL D 154 21.92 -11.42 -37.95
N ASP D 155 21.58 -12.50 -38.66
CA ASP D 155 21.03 -13.69 -38.03
C ASP D 155 22.14 -14.59 -37.47
N LEU D 156 21.75 -15.48 -36.56
CA LEU D 156 22.67 -16.46 -35.99
C LEU D 156 22.93 -17.52 -37.06
N LYS D 157 24.02 -18.29 -36.89
CA LYS D 157 24.35 -19.38 -37.81
C LYS D 157 23.31 -20.49 -37.69
N GLU D 158 23.33 -21.43 -38.64
CA GLU D 158 22.38 -22.57 -38.66
C GLU D 158 22.43 -23.36 -37.34
N ASP D 159 23.63 -23.55 -36.78
CA ASP D 159 23.80 -24.28 -35.51
C ASP D 159 23.26 -23.51 -34.27
N GLY D 160 23.16 -22.18 -34.37
CA GLY D 160 22.66 -21.35 -33.26
C GLY D 160 23.69 -20.37 -32.68
N LYS D 161 24.97 -20.61 -32.94
CA LYS D 161 26.04 -19.74 -32.44
C LYS D 161 26.04 -18.42 -33.21
N PRO D 162 26.57 -17.34 -32.60
CA PRO D 162 26.58 -16.03 -33.27
C PRO D 162 27.54 -15.97 -34.46
N ASN D 163 27.08 -15.44 -35.58
CA ASN D 163 27.88 -15.32 -36.79
C ASN D 163 28.84 -14.13 -36.68
N LEU D 164 29.97 -14.36 -36.01
CA LEU D 164 30.98 -13.30 -35.77
C LEU D 164 31.58 -12.76 -37.06
N GLU D 165 31.89 -13.63 -38.01
CA GLU D 165 32.45 -13.20 -39.29
C GLU D 165 31.56 -12.13 -39.93
N GLU D 166 30.25 -12.40 -39.96
CA GLU D 166 29.26 -11.49 -40.56
C GLU D 166 29.09 -10.20 -39.73
N ILE D 167 29.20 -10.31 -38.40
CA ILE D 167 29.10 -9.12 -37.52
C ILE D 167 30.22 -8.12 -37.83
N GLU D 168 31.43 -8.63 -38.07
CA GLU D 168 32.56 -7.76 -38.39
C GLU D 168 32.38 -7.04 -39.73
N LYS D 169 31.91 -7.76 -40.75
CA LYS D 169 31.66 -7.15 -42.05
C LYS D 169 30.67 -6.00 -41.94
N VAL D 170 29.54 -6.25 -41.30
CA VAL D 170 28.48 -5.25 -41.14
C VAL D 170 28.95 -3.99 -40.40
N LEU D 171 29.69 -4.18 -39.30
CA LEU D 171 30.22 -3.05 -38.52
C LEU D 171 31.25 -2.26 -39.33
N LYS D 172 32.21 -2.97 -39.95
CA LYS D 172 33.24 -2.34 -40.78
C LYS D 172 32.62 -1.58 -41.97
N GLU D 173 31.62 -2.19 -42.60
CA GLU D 173 30.94 -1.63 -43.77
C GLU D 173 29.87 -0.55 -43.43
N ASP D 174 29.59 -0.34 -42.14
CA ASP D 174 28.63 0.68 -41.70
C ASP D 174 29.12 1.33 -40.38
N GLU D 175 29.85 2.44 -40.53
CA GLU D 175 30.42 3.17 -39.38
C GLU D 175 29.40 3.96 -38.54
N SER D 176 28.17 4.12 -39.05
CA SER D 176 27.10 4.82 -38.31
C SER D 176 26.54 3.99 -37.15
N ILE D 177 26.81 2.67 -37.15
CA ILE D 177 26.32 1.77 -36.09
C ILE D 177 27.01 2.06 -34.74
N THR D 178 26.26 2.65 -33.80
CA THR D 178 26.79 3.00 -32.48
C THR D 178 26.32 2.06 -31.34
N LEU D 179 25.32 1.20 -31.62
CA LEU D 179 24.79 0.26 -30.61
C LEU D 179 24.56 -1.14 -31.21
N VAL D 180 24.95 -2.17 -30.44
CA VAL D 180 24.76 -3.58 -30.84
C VAL D 180 23.83 -4.25 -29.85
N HIS D 181 22.73 -4.79 -30.35
CA HIS D 181 21.70 -5.45 -29.53
C HIS D 181 21.95 -6.96 -29.46
N ILE D 182 21.95 -7.51 -28.24
CA ILE D 182 22.20 -8.92 -28.00
C ILE D 182 21.08 -9.57 -27.18
N GLN D 183 20.19 -10.31 -27.83
CA GLN D 183 19.12 -11.00 -27.13
C GLN D 183 19.64 -12.32 -26.52
N ARG D 184 19.52 -12.44 -25.19
CA ARG D 184 19.99 -13.62 -24.48
C ARG D 184 19.03 -14.80 -24.59
N SER D 185 17.78 -14.60 -24.16
CA SER D 185 16.76 -15.66 -24.20
C SER D 185 16.31 -15.90 -25.65
N THR D 186 16.08 -17.17 -25.99
CA THR D 186 15.67 -17.56 -27.35
C THR D 186 14.38 -16.87 -27.80
N GLY D 187 13.45 -16.65 -26.87
CA GLY D 187 12.17 -16.06 -27.20
C GLY D 187 11.31 -17.12 -27.86
N TYR D 188 10.41 -16.68 -28.74
CA TYR D 188 9.52 -17.62 -29.43
C TYR D 188 10.17 -18.18 -30.68
N GLY D 189 11.10 -19.12 -30.46
CA GLY D 189 11.83 -19.78 -31.53
C GLY D 189 12.10 -21.21 -31.17
N TRP D 190 13.16 -21.77 -31.78
CA TRP D 190 13.55 -23.14 -31.54
C TRP D 190 15.08 -23.25 -31.70
N ARG D 191 15.77 -22.76 -30.68
CA ARG D 191 17.22 -22.81 -30.61
C ARG D 191 17.59 -22.71 -29.15
N ARG D 192 18.85 -22.95 -28.82
CA ARG D 192 19.29 -22.88 -27.43
C ARG D 192 19.66 -21.44 -27.09
N ALA D 193 19.42 -21.04 -25.84
CA ALA D 193 19.71 -19.67 -25.39
C ALA D 193 21.23 -19.43 -25.28
N LEU D 194 21.66 -18.21 -25.61
CA LEU D 194 23.09 -17.84 -25.58
C LEU D 194 23.70 -17.82 -24.18
N LEU D 195 24.79 -18.57 -23.99
CA LEU D 195 25.49 -18.62 -22.71
C LEU D 195 26.32 -17.36 -22.52
N ILE D 196 26.83 -17.17 -21.30
CA ILE D 196 27.70 -16.02 -21.00
C ILE D 196 28.95 -16.10 -21.90
N GLU D 197 29.41 -17.33 -22.14
CA GLU D 197 30.55 -17.62 -23.01
C GLU D 197 30.29 -17.17 -24.45
N ASP D 198 29.05 -17.31 -24.92
CA ASP D 198 28.65 -16.88 -26.26
C ASP D 198 28.55 -15.36 -26.34
N ILE D 199 28.09 -14.71 -25.26
CA ILE D 199 27.99 -13.24 -25.22
C ILE D 199 29.38 -12.60 -25.24
N LYS D 200 30.34 -13.18 -24.52
CA LYS D 200 31.71 -12.65 -24.48
C LYS D 200 32.33 -12.58 -25.89
N SER D 201 32.03 -13.57 -26.73
CA SER D 201 32.53 -13.60 -28.11
C SER D 201 31.96 -12.45 -28.94
N ILE D 202 30.67 -12.18 -28.77
CA ILE D 202 30.00 -11.10 -29.48
C ILE D 202 30.52 -9.75 -29.01
N VAL D 203 30.73 -9.61 -27.70
CA VAL D 203 31.25 -8.36 -27.13
C VAL D 203 32.71 -8.11 -27.52
N ASP D 204 33.56 -9.13 -27.37
CA ASP D 204 34.99 -8.99 -27.75
C ASP D 204 35.13 -8.66 -29.24
N CYS D 205 34.33 -9.33 -30.08
CA CYS D 205 34.34 -9.12 -31.52
C CYS D 205 33.98 -7.70 -31.96
N VAL D 206 32.84 -7.20 -31.48
CA VAL D 206 32.36 -5.86 -31.83
C VAL D 206 33.20 -4.74 -31.19
N LYS D 207 33.67 -4.96 -29.96
CA LYS D 207 34.47 -3.96 -29.22
C LYS D 207 35.86 -3.80 -29.89
N ASN D 208 36.39 -4.90 -30.47
CA ASN D 208 37.68 -4.89 -31.17
C ASN D 208 37.68 -3.98 -32.41
N ILE D 209 36.57 -3.99 -33.16
CA ILE D 209 36.42 -3.15 -34.37
C ILE D 209 36.31 -1.66 -34.00
N ARG D 210 35.48 -1.36 -33.00
CA ARG D 210 35.34 0.00 -32.47
C ARG D 210 34.99 -0.09 -31.00
N LYS D 211 35.90 0.40 -30.14
CA LYS D 211 35.70 0.36 -28.68
C LYS D 211 34.53 1.22 -28.17
N ASP D 212 34.17 2.29 -28.88
CA ASP D 212 33.05 3.16 -28.45
C ASP D 212 31.62 2.60 -28.74
N ILE D 213 31.52 1.43 -29.39
CA ILE D 213 30.22 0.81 -29.69
C ILE D 213 29.57 0.29 -28.39
N ILE D 214 28.29 0.59 -28.21
CA ILE D 214 27.55 0.19 -27.04
C ILE D 214 27.00 -1.23 -27.20
N CYS D 215 27.35 -2.11 -26.27
CA CYS D 215 26.85 -3.49 -26.27
C CYS D 215 25.68 -3.63 -25.32
N PHE D 216 24.46 -3.63 -25.87
CA PHE D 216 23.24 -3.74 -25.08
C PHE D 216 22.71 -5.17 -25.12
N VAL D 217 22.55 -5.78 -23.94
CA VAL D 217 22.08 -7.17 -23.83
C VAL D 217 20.69 -7.30 -23.18
N ASP D 218 19.75 -7.89 -23.94
CA ASP D 218 18.39 -8.18 -23.46
C ASP D 218 18.56 -9.37 -22.51
N ASN D 219 18.56 -9.08 -21.21
CA ASN D 219 18.87 -10.08 -20.18
C ASN D 219 17.64 -10.78 -19.51
N CYS D 220 16.47 -10.73 -20.14
CA CYS D 220 15.28 -11.37 -19.56
C CYS D 220 15.41 -12.89 -19.47
N TYR D 221 14.99 -13.44 -18.32
CA TYR D 221 15.05 -14.91 -18.00
C TYR D 221 16.45 -15.48 -17.66
N GLY D 222 17.53 -14.75 -17.97
CA GLY D 222 18.89 -15.23 -17.72
C GLY D 222 19.51 -14.79 -16.40
N GLU D 223 18.73 -14.19 -15.51
CA GLU D 223 19.26 -13.71 -14.25
C GLU D 223 19.60 -14.88 -13.32
N PHE D 224 20.84 -14.87 -12.83
CA PHE D 224 21.35 -15.89 -11.90
C PHE D 224 21.39 -17.32 -12.48
N MSE D 225 21.46 -17.43 -13.81
CA MSE D 225 21.57 -18.73 -14.47
C MSE D 225 22.99 -19.23 -14.43
O MSE D 225 23.25 -20.42 -14.60
CB MSE D 225 21.08 -18.66 -15.92
CG MSE D 225 19.58 -18.45 -16.10
SE MSE D 225 18.47 -19.87 -15.35
CE MSE D 225 18.39 -19.30 -13.51
N ASP D 226 23.93 -18.30 -14.24
CA ASP D 226 25.35 -18.62 -14.15
C ASP D 226 25.92 -17.67 -13.08
N THR D 227 27.12 -17.98 -12.58
CA THR D 227 27.76 -17.14 -11.55
C THR D 227 28.04 -15.72 -12.06
N LYS D 228 28.33 -15.62 -13.36
CA LYS D 228 28.57 -14.33 -14.00
C LYS D 228 27.33 -13.89 -14.79
N GLU D 229 27.27 -12.60 -15.09
CA GLU D 229 26.18 -11.99 -15.86
C GLU D 229 26.81 -11.36 -17.10
N PRO D 230 25.99 -10.88 -18.08
CA PRO D 230 26.58 -10.27 -19.28
C PRO D 230 27.51 -9.08 -18.96
N THR D 231 27.20 -8.34 -17.90
CA THR D 231 28.01 -7.20 -17.48
C THR D 231 29.44 -7.61 -17.02
N ASP D 232 29.63 -8.89 -16.68
CA ASP D 232 30.94 -9.42 -16.30
C ASP D 232 31.78 -9.90 -17.51
N VAL D 233 31.24 -9.75 -18.72
CA VAL D 233 31.95 -10.12 -19.94
C VAL D 233 31.93 -8.95 -20.97
N GLY D 234 32.07 -7.72 -20.45
CA GLY D 234 32.14 -6.51 -21.28
C GLY D 234 30.84 -5.88 -21.78
N ALA D 235 29.69 -6.26 -21.20
CA ALA D 235 28.40 -5.67 -21.62
C ALA D 235 28.28 -4.28 -21.06
N ASP D 236 28.04 -3.30 -21.92
CA ASP D 236 27.93 -1.90 -21.50
C ASP D 236 26.58 -1.58 -20.85
N LEU D 237 25.54 -2.35 -21.17
CA LEU D 237 24.22 -2.12 -20.60
C LEU D 237 23.31 -3.34 -20.77
N ILE D 238 22.58 -3.69 -19.70
CA ILE D 238 21.60 -4.79 -19.78
C ILE D 238 20.22 -4.27 -19.40
N ALA D 239 19.20 -5.12 -19.55
CA ALA D 239 17.82 -4.74 -19.24
C ALA D 239 16.94 -5.96 -19.01
N GLY D 240 15.94 -5.82 -18.13
CA GLY D 240 15.02 -6.92 -17.84
C GLY D 240 13.73 -6.52 -17.14
N SER D 241 12.93 -7.54 -16.77
CA SER D 241 11.61 -7.37 -16.15
C SER D 241 11.58 -7.86 -14.69
N LEU D 242 11.04 -7.03 -13.79
CA LEU D 242 10.94 -7.40 -12.37
C LEU D 242 9.89 -8.49 -12.06
N ILE D 243 8.91 -8.71 -12.95
CA ILE D 243 7.93 -9.79 -12.73
C ILE D 243 8.51 -11.17 -13.09
N1 LLP D 244 12.76 -9.85 -24.37
C2 LLP D 244 12.79 -11.19 -24.05
C2' LLP D 244 13.78 -12.09 -24.72
C3 LLP D 244 11.90 -11.70 -23.11
O3 LLP D 244 11.94 -12.90 -22.85
C4 LLP D 244 10.95 -10.86 -22.49
C4' LLP D 244 9.97 -11.39 -21.45
C5 LLP D 244 10.95 -9.49 -22.84
C6 LLP D 244 11.84 -9.00 -23.77
C5' LLP D 244 9.99 -8.54 -22.20
OP4 LLP D 244 8.58 -8.72 -22.36
P LLP D 244 7.58 -8.04 -21.30
OP1 LLP D 244 7.57 -6.62 -21.71
OP2 LLP D 244 8.19 -8.31 -19.97
OP3 LLP D 244 6.30 -8.76 -21.55
N LLP D 244 9.71 -11.16 -13.71
CA LLP D 244 10.44 -12.38 -14.07
CB LLP D 244 11.03 -12.25 -15.47
CG LLP D 244 10.03 -11.92 -16.56
CD LLP D 244 10.72 -11.90 -17.91
CE LLP D 244 9.78 -11.60 -19.08
NZ LLP D 244 10.63 -11.45 -20.30
C LLP D 244 11.55 -12.65 -13.02
O LLP D 244 11.59 -11.97 -11.99
N ASN D 245 12.40 -13.65 -13.29
CA ASN D 245 13.54 -14.08 -12.40
C ASN D 245 13.99 -13.18 -11.24
N ILE D 246 14.59 -12.03 -11.58
CA ILE D 246 15.21 -11.13 -10.58
C ILE D 246 14.29 -10.60 -9.47
N GLY D 247 12.99 -10.54 -9.75
CA GLY D 247 12.01 -10.11 -8.75
C GLY D 247 11.68 -11.18 -7.71
N GLY D 248 12.10 -12.42 -7.98
CA GLY D 248 11.87 -13.56 -7.06
C GLY D 248 10.41 -13.84 -6.73
N GLY D 249 9.49 -13.46 -7.61
CA GLY D 249 8.05 -13.64 -7.37
C GLY D 249 7.40 -12.60 -6.45
N ILE D 250 8.22 -11.83 -5.71
CA ILE D 250 7.71 -10.83 -4.77
C ILE D 250 7.46 -9.48 -5.46
N ALA D 251 8.41 -9.07 -6.32
CA ALA D 251 8.33 -7.79 -7.04
C ALA D 251 6.97 -7.67 -7.76
N PRO D 252 6.16 -6.66 -7.40
CA PRO D 252 4.83 -6.51 -7.99
C PRO D 252 4.82 -6.14 -9.46
N THR D 253 5.77 -5.30 -9.87
CA THR D 253 5.90 -4.88 -11.27
C THR D 253 7.27 -4.20 -11.44
N GLY D 254 7.48 -3.53 -12.57
CA GLY D 254 8.74 -2.79 -12.82
C GLY D 254 9.71 -3.47 -13.76
N GLY D 255 10.89 -2.86 -13.87
CA GLY D 255 11.96 -3.36 -14.71
C GLY D 255 13.28 -2.83 -14.19
N TYR D 256 14.38 -3.36 -14.68
CA TYR D 256 15.70 -2.92 -14.25
C TYR D 256 16.64 -2.72 -15.43
N LEU D 257 17.70 -1.97 -15.18
CA LEU D 257 18.74 -1.71 -16.16
C LEU D 257 20.05 -1.56 -15.37
N ALA D 258 21.13 -2.15 -15.88
CA ALA D 258 22.45 -2.06 -15.23
C ALA D 258 23.52 -1.87 -16.29
N GLY D 259 24.43 -0.93 -16.08
CA GLY D 259 25.49 -0.66 -17.04
C GLY D 259 26.36 0.52 -16.63
N THR D 260 27.01 1.14 -17.61
CA THR D 260 27.88 2.30 -17.35
C THR D 260 27.02 3.48 -16.92
N LYS D 261 27.60 4.40 -16.14
CA LYS D 261 26.87 5.59 -15.65
C LYS D 261 26.19 6.37 -16.78
N ASP D 262 26.91 6.54 -17.90
CA ASP D 262 26.39 7.28 -19.06
C ASP D 262 25.18 6.56 -19.70
N CYS D 263 25.29 5.25 -19.90
CA CYS D 263 24.19 4.46 -20.49
C CYS D 263 22.93 4.47 -19.63
N ILE D 264 23.10 4.34 -18.32
CA ILE D 264 21.97 4.34 -17.38
C ILE D 264 21.29 5.71 -17.31
N GLU D 265 22.10 6.78 -17.26
CA GLU D 265 21.55 8.16 -17.22
C GLU D 265 20.78 8.47 -18.50
N LYS D 266 21.37 8.15 -19.65
CA LYS D 266 20.70 8.34 -20.94
C LYS D 266 19.35 7.60 -20.99
N THR D 267 19.31 6.41 -20.38
CA THR D 267 18.08 5.62 -20.33
C THR D 267 17.04 6.27 -19.42
N SER D 268 17.50 6.82 -18.28
CA SER D 268 16.61 7.47 -17.32
C SER D 268 15.90 8.69 -17.92
N TYR D 269 16.59 9.42 -18.82
CA TYR D 269 15.99 10.58 -19.47
C TYR D 269 14.86 10.20 -20.46
N ARG D 270 14.84 8.93 -20.89
CA ARG D 270 13.74 8.42 -21.74
C ARG D 270 12.60 7.98 -20.84
N LEU D 271 12.94 7.34 -19.71
CA LEU D 271 11.94 6.90 -18.74
C LEU D 271 11.14 8.10 -18.24
N THR D 272 11.86 9.18 -17.94
CA THR D 272 11.24 10.44 -17.51
C THR D 272 11.44 11.47 -18.66
N VAL D 273 12.32 12.47 -18.47
CA VAL D 273 12.58 13.49 -19.47
C VAL D 273 13.96 14.08 -19.18
N PRO D 274 14.59 14.73 -20.19
CA PRO D 274 15.88 15.37 -19.94
C PRO D 274 15.78 16.44 -18.82
N GLY D 275 16.76 16.45 -17.92
CA GLY D 275 16.79 17.39 -16.79
C GLY D 275 16.35 16.73 -15.50
N ILE D 276 15.40 15.80 -15.59
CA ILE D 276 14.90 15.06 -14.43
C ILE D 276 15.58 13.70 -14.34
N GLY D 277 15.40 12.87 -15.37
CA GLY D 277 16.00 11.54 -15.40
C GLY D 277 15.50 10.69 -14.24
N GLY D 278 16.44 10.20 -13.42
CA GLY D 278 16.10 9.41 -12.24
C GLY D 278 16.02 10.22 -10.94
N GLU D 279 16.20 11.54 -11.03
CA GLU D 279 16.16 12.42 -9.85
C GLU D 279 14.82 12.35 -9.08
N CYS D 280 13.71 12.27 -9.83
CA CYS D 280 12.34 12.14 -9.25
C CYS D 280 11.80 10.73 -9.47
N GLY D 281 10.77 10.38 -8.69
CA GLY D 281 10.11 9.08 -8.79
C GLY D 281 9.92 8.39 -7.45
N SER D 282 8.69 8.46 -6.91
CA SER D 282 8.37 7.80 -5.64
C SER D 282 8.24 6.29 -5.88
N THR D 283 8.58 5.49 -4.87
CA THR D 283 8.56 4.02 -5.01
C THR D 283 7.18 3.32 -4.78
N PHE D 284 6.14 4.10 -4.47
CA PHE D 284 4.75 3.55 -4.24
C PHE D 284 4.68 2.54 -3.08
N GLY D 285 5.55 2.69 -2.07
CA GLY D 285 5.59 1.80 -0.91
C GLY D 285 5.81 0.32 -1.20
N VAL D 286 6.49 0.02 -2.31
CA VAL D 286 6.79 -1.38 -2.70
C VAL D 286 8.27 -1.63 -2.81
N VAL D 287 9.09 -0.75 -2.22
CA VAL D 287 10.55 -0.90 -2.29
C VAL D 287 11.04 -2.17 -1.55
N ARG D 288 10.41 -2.50 -0.41
CA ARG D 288 10.80 -3.70 0.36
C ARG D 288 10.59 -4.99 -0.45
N SER D 289 9.45 -5.07 -1.15
CA SER D 289 9.15 -6.24 -1.97
C SER D 289 10.21 -6.42 -3.09
N MSE D 290 10.80 -5.32 -3.54
CA MSE D 290 11.84 -5.35 -4.57
C MSE D 290 13.20 -5.79 -3.97
O MSE D 290 13.93 -6.54 -4.59
CB MSE D 290 11.96 -4.00 -5.28
CG MSE D 290 10.68 -3.62 -6.03
SE MSE D 290 10.70 -1.82 -6.74
CE MSE D 290 12.25 -1.96 -7.90
N TYR D 291 13.50 -5.30 -2.75
CA TYR D 291 14.73 -5.73 -2.04
C TYR D 291 14.68 -7.20 -1.71
N GLN D 292 13.63 -7.60 -1.01
CA GLN D 292 13.44 -8.98 -0.62
C GLN D 292 13.34 -9.91 -1.85
N GLY D 293 12.80 -9.38 -2.95
CA GLY D 293 12.70 -10.12 -4.20
C GLY D 293 14.06 -10.44 -4.80
N LEU D 294 14.95 -9.45 -4.76
CA LEU D 294 16.31 -9.61 -5.26
C LEU D 294 17.08 -10.62 -4.43
N PHE D 295 16.82 -10.62 -3.13
CA PHE D 295 17.48 -11.53 -2.21
C PHE D 295 17.08 -12.99 -2.45
N LEU D 296 15.82 -13.20 -2.83
CA LEU D 296 15.28 -14.55 -3.12
C LEU D 296 15.45 -14.96 -4.58
N ALA D 297 15.80 -13.99 -5.45
CA ALA D 297 15.95 -14.25 -6.90
C ALA D 297 16.86 -15.46 -7.23
N PRO D 298 18.07 -15.52 -6.63
CA PRO D 298 18.97 -16.66 -6.93
C PRO D 298 18.36 -18.02 -6.61
N HIS D 299 17.54 -18.06 -5.55
CA HIS D 299 16.88 -19.29 -5.13
C HIS D 299 15.71 -19.62 -6.04
N ILE D 300 14.77 -18.68 -6.15
CA ILE D 300 13.56 -18.86 -6.96
C ILE D 300 13.87 -19.14 -8.44
N SER D 301 14.89 -18.46 -8.97
CA SER D 301 15.31 -18.67 -10.36
C SER D 301 15.69 -20.13 -10.64
N MSE D 302 16.39 -20.75 -9.70
CA MSE D 302 16.79 -22.16 -9.85
C MSE D 302 15.65 -23.15 -9.63
O MSE D 302 15.72 -24.28 -10.13
CB MSE D 302 17.96 -22.49 -8.92
CG MSE D 302 19.23 -21.81 -9.32
SE MSE D 302 19.77 -22.24 -11.14
CE MSE D 302 21.52 -21.37 -11.16
N GLU D 303 14.62 -22.76 -8.87
CA GLU D 303 13.45 -23.63 -8.68
C GLU D 303 12.73 -23.75 -10.02
N ALA D 304 12.59 -22.63 -10.73
CA ALA D 304 11.97 -22.61 -12.05
C ALA D 304 12.82 -23.36 -13.08
N LEU D 305 14.15 -23.24 -12.96
CA LEU D 305 15.08 -23.92 -13.87
C LEU D 305 15.02 -25.43 -13.64
N LYS D 306 14.93 -25.85 -12.37
CA LYS D 306 14.78 -27.28 -12.02
C LYS D 306 13.49 -27.85 -12.62
N GLY D 307 12.42 -27.07 -12.56
CA GLY D 307 11.15 -27.45 -13.16
C GLY D 307 11.30 -27.54 -14.67
N ALA D 308 12.08 -26.63 -15.24
CA ALA D 308 12.36 -26.61 -16.69
C ALA D 308 13.12 -27.88 -17.13
N ILE D 309 14.10 -28.30 -16.31
CA ILE D 309 14.86 -29.53 -16.56
C ILE D 309 13.96 -30.77 -16.46
N LEU D 310 13.11 -30.80 -15.44
CA LEU D 310 12.17 -31.90 -15.23
C LEU D 310 11.22 -31.99 -16.41
N CYS D 311 10.67 -30.84 -16.81
CA CYS D 311 9.75 -30.77 -17.93
C CYS D 311 10.41 -31.35 -19.17
N SER D 312 11.65 -30.93 -19.45
CA SER D 312 12.39 -31.38 -20.61
C SER D 312 12.52 -32.91 -20.68
N ARG D 313 12.95 -33.52 -19.58
CA ARG D 313 13.17 -34.96 -19.55
C ARG D 313 11.88 -35.77 -19.60
N ILE D 314 10.92 -35.42 -18.74
CA ILE D 314 9.64 -36.14 -18.67
C ILE D 314 8.88 -36.10 -20.01
N MSE D 315 8.95 -34.95 -20.70
CA MSE D 315 8.25 -34.76 -21.97
C MSE D 315 8.97 -35.53 -23.08
O MSE D 315 8.34 -36.05 -23.99
CB MSE D 315 8.17 -33.27 -22.31
CG MSE D 315 6.88 -32.86 -22.93
SE MSE D 315 5.41 -32.94 -21.61
CE MSE D 315 6.07 -31.66 -20.32
N GLU D 316 10.32 -35.56 -23.01
CA GLU D 316 11.13 -36.30 -23.99
C GLU D 316 10.81 -37.78 -23.88
N LEU D 317 10.83 -38.30 -22.65
CA LEU D 317 10.51 -39.71 -22.39
C LEU D 317 9.10 -40.05 -22.88
N ALA D 318 8.18 -39.09 -22.76
CA ALA D 318 6.80 -39.24 -23.23
C ALA D 318 6.72 -39.39 -24.76
N GLY D 319 7.66 -38.78 -25.47
CA GLY D 319 7.75 -38.87 -26.95
C GLY D 319 7.62 -37.57 -27.73
N PHE D 320 7.79 -36.42 -27.07
CA PHE D 320 7.71 -35.12 -27.73
C PHE D 320 9.11 -34.52 -27.89
N GLU D 321 9.32 -33.75 -28.96
CA GLU D 321 10.61 -33.10 -29.16
C GLU D 321 10.74 -32.00 -28.11
N VAL D 322 11.94 -31.84 -27.55
CA VAL D 322 12.18 -30.83 -26.52
C VAL D 322 13.39 -29.98 -26.87
N MSE D 323 13.37 -28.73 -26.42
CA MSE D 323 14.43 -27.77 -26.70
C MSE D 323 14.43 -26.72 -25.59
O MSE D 323 13.41 -26.07 -25.36
CB MSE D 323 14.13 -27.11 -28.06
CG MSE D 323 15.03 -25.90 -28.46
SE MSE D 323 16.90 -26.32 -28.76
CE MSE D 323 16.70 -27.67 -30.15
N PRO D 324 15.53 -26.63 -24.82
CA PRO D 324 16.75 -27.46 -24.80
C PRO D 324 16.52 -28.84 -24.20
N LYS D 325 17.56 -29.68 -24.21
CA LYS D 325 17.50 -31.02 -23.61
C LYS D 325 17.76 -30.90 -22.11
N TYR D 326 17.57 -31.99 -21.37
CA TYR D 326 17.74 -31.96 -19.90
C TYR D 326 19.19 -31.77 -19.45
N ASP D 327 20.13 -32.24 -20.26
CA ASP D 327 21.59 -32.22 -19.92
C ASP D 327 22.42 -31.07 -20.51
N GLU D 328 21.78 -30.13 -21.23
CA GLU D 328 22.49 -28.99 -21.82
C GLU D 328 22.59 -27.80 -20.86
N LYS D 329 23.65 -27.00 -21.00
CA LYS D 329 23.83 -25.81 -20.18
C LYS D 329 22.75 -24.81 -20.60
N ARG D 330 22.00 -24.31 -19.62
CA ARG D 330 20.87 -23.40 -19.87
C ARG D 330 21.18 -21.97 -19.48
N SER D 331 20.86 -21.05 -20.38
CA SER D 331 21.08 -19.62 -20.12
C SER D 331 19.75 -18.91 -19.78
N ASP D 332 18.69 -19.69 -19.54
CA ASP D 332 17.39 -19.13 -19.17
C ASP D 332 16.47 -20.20 -18.55
N ILE D 333 15.34 -19.77 -18.03
CA ILE D 333 14.36 -20.68 -17.41
C ILE D 333 13.32 -21.26 -18.40
N ILE D 334 13.40 -20.87 -19.68
CA ILE D 334 12.41 -21.32 -20.67
C ILE D 334 12.64 -22.76 -21.16
N GLN D 335 11.54 -23.53 -21.25
CA GLN D 335 11.57 -24.89 -21.73
C GLN D 335 10.55 -25.02 -22.85
N SER D 336 11.02 -25.09 -24.09
CA SER D 336 10.13 -25.20 -25.23
C SER D 336 9.88 -26.67 -25.60
N ILE D 337 8.66 -26.96 -26.05
CA ILE D 337 8.24 -28.30 -26.41
C ILE D 337 7.47 -28.22 -27.74
N LYS D 338 7.85 -29.07 -28.71
CA LYS D 338 7.18 -29.11 -30.02
C LYS D 338 6.22 -30.29 -30.06
N PHE D 339 4.92 -30.00 -30.12
CA PHE D 339 3.89 -31.05 -30.13
C PHE D 339 3.53 -31.56 -31.52
N ASN D 340 3.55 -30.68 -32.52
CA ASN D 340 3.16 -31.03 -33.90
C ASN D 340 1.67 -31.49 -33.93
N ASP D 341 0.87 -30.88 -33.05
CA ASP D 341 -0.55 -31.20 -32.92
C ASP D 341 -1.18 -30.03 -32.13
N LYS D 342 -2.25 -29.46 -32.68
CA LYS D 342 -2.92 -28.31 -32.06
C LYS D 342 -3.74 -28.67 -30.81
N ASP D 343 -4.38 -29.85 -30.83
CA ASP D 343 -5.18 -30.30 -29.67
C ASP D 343 -4.30 -30.43 -28.44
N LYS D 344 -3.19 -31.17 -28.59
CA LYS D 344 -2.23 -31.39 -27.50
C LYS D 344 -1.60 -30.10 -26.95
N LEU D 345 -1.38 -29.12 -27.83
CA LEU D 345 -0.79 -27.83 -27.41
C LEU D 345 -1.69 -27.05 -26.46
N ILE D 346 -2.96 -26.93 -26.81
CA ILE D 346 -3.92 -26.16 -25.99
C ILE D 346 -4.29 -26.91 -24.72
N GLU D 347 -4.46 -28.24 -24.81
CA GLU D 347 -4.77 -29.04 -23.63
C GLU D 347 -3.64 -28.91 -22.62
N PHE D 348 -2.40 -28.96 -23.10
CA PHE D 348 -1.23 -28.83 -22.23
C PHE D 348 -1.25 -27.48 -21.48
N CYS D 349 -1.55 -26.40 -22.21
CA CYS D 349 -1.63 -25.06 -21.61
C CYS D 349 -2.76 -24.94 -20.62
N LYS D 350 -3.93 -25.46 -20.99
CA LYS D 350 -5.10 -25.47 -20.09
C LYS D 350 -4.77 -26.26 -18.82
N GLY D 351 -3.96 -27.31 -18.97
CA GLY D 351 -3.52 -28.13 -17.85
C GLY D 351 -2.62 -27.39 -16.88
N ILE D 352 -1.74 -26.55 -17.42
CA ILE D 352 -0.85 -25.73 -16.57
C ILE D 352 -1.69 -24.72 -15.78
N GLN D 353 -2.67 -24.11 -16.46
CA GLN D 353 -3.57 -23.15 -15.84
C GLN D 353 -4.34 -23.83 -14.71
N THR D 354 -4.87 -25.03 -14.98
CA THR D 354 -5.66 -25.78 -13.98
C THR D 354 -4.79 -26.25 -12.78
N GLY D 355 -3.46 -26.32 -12.99
CA GLY D 355 -2.53 -26.69 -11.91
C GLY D 355 -1.87 -25.47 -11.25
N SER D 356 -2.57 -24.34 -11.23
CA SER D 356 -2.05 -23.08 -10.66
C SER D 356 -2.83 -22.67 -9.40
N PRO D 357 -2.21 -21.84 -8.52
CA PRO D 357 -2.88 -21.37 -7.31
C PRO D 357 -3.98 -20.34 -7.56
N ILE D 358 -3.76 -19.44 -8.51
CA ILE D 358 -4.74 -18.37 -8.82
C ILE D 358 -5.37 -18.60 -10.19
N ASP D 359 -6.68 -18.30 -10.30
CA ASP D 359 -7.45 -18.46 -11.56
C ASP D 359 -7.34 -19.87 -12.18
N SER D 360 -7.51 -20.90 -11.34
CA SER D 360 -7.43 -22.29 -11.80
C SER D 360 -8.61 -22.61 -12.67
N PHE D 361 -9.79 -22.27 -12.15
CA PHE D 361 -11.07 -22.44 -12.83
C PHE D 361 -11.16 -21.75 -14.22
N VAL D 362 -10.35 -20.71 -14.44
CA VAL D 362 -10.32 -20.00 -15.72
C VAL D 362 -9.71 -20.89 -16.79
N SER D 363 -10.33 -20.92 -17.97
CA SER D 363 -9.84 -21.75 -19.09
C SER D 363 -9.06 -20.90 -20.09
N CYS D 364 -7.87 -21.38 -20.47
CA CYS D 364 -7.02 -20.66 -21.43
C CYS D 364 -7.57 -20.71 -22.84
N GLU D 365 -7.58 -19.56 -23.50
CA GLU D 365 -8.03 -19.44 -24.88
C GLU D 365 -7.08 -18.47 -25.58
N PRO D 366 -6.69 -18.77 -26.85
CA PRO D 366 -5.76 -17.87 -27.58
C PRO D 366 -6.19 -16.42 -27.44
N TRP D 367 -5.29 -15.60 -26.90
CA TRP D 367 -5.58 -14.19 -26.65
C TRP D 367 -4.78 -13.28 -27.58
N ASP D 368 -5.45 -12.25 -28.10
CA ASP D 368 -4.82 -11.29 -29.01
C ASP D 368 -3.96 -10.32 -28.17
N MSE D 369 -2.79 -10.81 -27.76
CA MSE D 369 -1.90 -10.09 -26.85
C MSE D 369 -1.19 -8.89 -27.54
O MSE D 369 -0.85 -8.98 -28.73
CB MSE D 369 -0.86 -11.07 -26.30
CG MSE D 369 -0.02 -10.56 -25.16
SE MSE D 369 1.07 -11.99 -24.40
CE MSE D 369 1.97 -10.98 -22.97
N PRO D 370 -0.97 -7.77 -26.80
CA PRO D 370 -0.32 -6.59 -27.41
C PRO D 370 1.17 -6.79 -27.66
N GLY D 371 1.63 -6.34 -28.83
CA GLY D 371 3.05 -6.46 -29.21
C GLY D 371 3.37 -7.70 -30.04
N TYR D 372 2.56 -8.75 -29.87
CA TYR D 372 2.75 -10.01 -30.58
C TYR D 372 1.90 -10.02 -31.85
N THR D 373 2.50 -10.45 -32.96
CA THR D 373 1.82 -10.47 -34.26
C THR D 373 0.65 -11.47 -34.26
N ASP D 374 0.96 -12.73 -33.99
CA ASP D 374 -0.06 -13.77 -33.94
C ASP D 374 -0.76 -13.77 -32.58
N GLN D 375 -1.90 -14.46 -32.53
CA GLN D 375 -2.71 -14.56 -31.32
C GLN D 375 -2.03 -15.58 -30.38
N VAL D 376 -1.51 -15.11 -29.25
CA VAL D 376 -0.78 -15.95 -28.28
C VAL D 376 -1.57 -16.33 -27.02
N ILE D 377 -1.62 -17.63 -26.73
CA ILE D 377 -2.26 -18.15 -25.52
C ILE D 377 -1.23 -18.11 -24.39
N MSE D 378 -1.70 -17.91 -23.16
CA MSE D 378 -0.81 -17.97 -21.98
C MSE D 378 -1.57 -18.55 -20.80
O MSE D 378 -2.77 -18.36 -20.67
CB MSE D 378 -0.25 -16.58 -21.58
CG MSE D 378 0.74 -16.65 -20.33
SE MSE D 378 1.75 -15.00 -19.85
CE MSE D 378 2.98 -15.73 -18.51
N ALA D 379 -0.85 -19.33 -19.99
CA ALA D 379 -1.37 -19.88 -18.77
C ALA D 379 -0.69 -19.08 -17.69
N ALA D 380 -1.38 -18.06 -17.17
CA ALA D 380 -0.81 -17.16 -16.16
C ALA D 380 -1.62 -17.13 -14.87
N GLY D 381 -1.65 -18.27 -14.17
CA GLY D 381 -2.34 -18.36 -12.90
C GLY D 381 -1.37 -17.95 -11.82
N ALA D 382 -1.11 -16.63 -11.73
CA ALA D 382 -0.11 -16.10 -10.80
C ALA D 382 -0.65 -15.08 -9.80
N PHE D 383 0.11 -14.87 -8.71
CA PHE D 383 -0.23 -13.88 -7.69
C PHE D 383 -0.07 -12.49 -8.31
N ILE D 384 1.08 -12.29 -8.94
CA ILE D 384 1.39 -11.08 -9.67
C ILE D 384 1.01 -11.35 -11.13
N GLN D 385 0.25 -10.45 -11.73
CA GLN D 385 -0.29 -10.67 -13.08
C GLN D 385 0.78 -10.84 -14.18
N GLY D 386 0.65 -11.91 -14.96
CA GLY D 386 1.55 -12.17 -16.08
C GLY D 386 2.98 -12.54 -15.75
N SER D 387 3.25 -12.90 -14.48
CA SER D 387 4.60 -13.26 -14.09
C SER D 387 4.97 -14.58 -14.73
N SER D 388 6.17 -14.64 -15.30
CA SER D 388 6.67 -15.86 -15.90
C SER D 388 7.71 -16.56 -14.98
N ILE D 389 8.00 -15.92 -13.83
CA ILE D 389 8.87 -16.54 -12.79
C ILE D 389 8.00 -17.53 -12.01
N GLU D 390 6.70 -17.27 -11.97
CA GLU D 390 5.73 -18.15 -11.37
C GLU D 390 5.38 -19.13 -12.48
N LEU D 391 5.03 -20.36 -12.14
CA LEU D 391 4.69 -21.39 -13.14
C LEU D 391 3.73 -20.83 -14.20
N SER D 392 4.12 -20.96 -15.46
CA SER D 392 3.31 -20.46 -16.57
C SER D 392 3.71 -21.11 -17.89
N ALA D 393 2.78 -21.09 -18.85
CA ALA D 393 3.02 -21.69 -20.15
C ALA D 393 2.28 -20.90 -21.23
N ASP D 394 3.03 -20.44 -22.24
CA ASP D 394 2.46 -19.67 -23.36
C ASP D 394 2.95 -20.19 -24.70
N ALA D 395 2.23 -19.82 -25.76
CA ALA D 395 2.58 -20.29 -27.10
C ALA D 395 1.81 -19.53 -28.17
N PRO D 396 2.51 -19.03 -29.21
CA PRO D 396 1.82 -18.38 -30.30
C PRO D 396 1.17 -19.45 -31.18
N ILE D 397 -0.10 -19.25 -31.53
CA ILE D 397 -0.82 -20.25 -32.34
C ILE D 397 -0.32 -20.23 -33.79
N ARG D 398 0.71 -21.05 -34.04
CA ARG D 398 1.31 -21.16 -35.36
C ARG D 398 2.13 -22.43 -35.42
N GLU D 399 2.20 -23.04 -36.60
CA GLU D 399 3.00 -24.26 -36.79
C GLU D 399 4.50 -23.85 -36.86
N PRO D 400 5.40 -24.65 -36.23
CA PRO D 400 5.14 -25.86 -35.46
C PRO D 400 4.51 -25.48 -34.14
N TYR D 401 3.57 -26.28 -33.67
CA TYR D 401 2.84 -25.97 -32.44
C TYR D 401 3.73 -26.20 -31.22
N ILE D 402 4.54 -25.18 -30.93
CA ILE D 402 5.50 -25.20 -29.83
C ILE D 402 4.96 -24.47 -28.60
N ALA D 403 4.96 -25.16 -27.44
CA ALA D 403 4.57 -24.57 -26.16
C ALA D 403 5.84 -24.13 -25.47
N TYR D 404 5.74 -23.07 -24.67
CA TYR D 404 6.90 -22.52 -23.95
C TYR D 404 6.59 -22.42 -22.45
N LEU D 405 7.08 -23.40 -21.68
CA LEU D 405 6.86 -23.46 -20.24
C LEU D 405 8.03 -22.82 -19.47
N GLN D 406 7.70 -22.10 -18.40
CA GLN D 406 8.71 -21.46 -17.55
C GLN D 406 8.12 -21.11 -16.20
N GLY D 407 9.01 -20.91 -15.23
CA GLY D 407 8.62 -20.51 -13.89
C GLY D 407 8.36 -21.63 -12.91
N GLY D 408 8.06 -21.23 -11.69
CA GLY D 408 7.80 -22.13 -10.59
C GLY D 408 8.42 -21.56 -9.33
N LEU D 409 7.61 -20.91 -8.50
CA LEU D 409 8.08 -20.31 -7.23
C LEU D 409 8.80 -21.36 -6.36
N THR D 410 8.29 -22.59 -6.38
CA THR D 410 8.92 -23.73 -5.73
C THR D 410 8.93 -24.87 -6.74
N PHE D 411 9.96 -25.71 -6.69
CA PHE D 411 10.07 -26.85 -7.62
C PHE D 411 8.89 -27.80 -7.47
N ASP D 412 8.39 -27.96 -6.25
CA ASP D 412 7.23 -28.81 -6.00
C ASP D 412 5.99 -28.33 -6.75
N HIS D 413 5.77 -27.02 -6.80
CA HIS D 413 4.64 -26.47 -7.55
C HIS D 413 4.83 -26.65 -9.05
N ALA D 414 6.01 -26.32 -9.55
CA ALA D 414 6.33 -26.49 -10.97
C ALA D 414 6.07 -27.95 -11.39
N LYS D 415 6.59 -28.86 -10.57
CA LYS D 415 6.43 -30.31 -10.78
C LYS D 415 4.97 -30.75 -10.89
N ILE D 416 4.13 -30.28 -9.97
CA ILE D 416 2.71 -30.62 -9.95
C ILE D 416 2.00 -30.17 -11.23
N GLY D 417 2.31 -28.97 -11.69
CA GLY D 417 1.72 -28.42 -12.91
C GLY D 417 2.07 -29.24 -14.13
N ILE D 418 3.30 -29.77 -14.15
CA ILE D 418 3.78 -30.59 -15.26
C ILE D 418 3.04 -31.96 -15.30
N LEU D 419 2.85 -32.57 -14.13
CA LEU D 419 2.12 -33.83 -14.04
C LEU D 419 0.63 -33.65 -14.43
N ILE D 420 0.01 -32.57 -13.94
CA ILE D 420 -1.39 -32.24 -14.27
C ILE D 420 -1.57 -31.97 -15.77
N ALA D 421 -0.62 -31.24 -16.34
CA ALA D 421 -0.65 -30.90 -17.76
C ALA D 421 -0.42 -32.13 -18.64
N LEU D 422 0.64 -32.88 -18.35
CA LEU D 422 0.98 -34.11 -19.10
C LEU D 422 -0.15 -35.15 -19.07
N SER D 423 -0.82 -35.27 -17.92
CA SER D 423 -1.94 -36.23 -17.78
C SER D 423 -3.14 -35.86 -18.64
N ARG D 424 -3.33 -34.57 -18.85
CA ARG D 424 -4.41 -34.04 -19.66
C ARG D 424 -4.23 -34.33 -21.16
N ILE D 425 -2.99 -34.56 -21.60
CA ILE D 425 -2.70 -34.85 -23.02
C ILE D 425 -2.44 -36.33 -23.33
N VAL D 426 -1.93 -37.09 -22.33
CA VAL D 426 -1.67 -38.54 -22.52
C VAL D 426 -2.32 -39.39 -21.40
N LYS D 427 -3.30 -40.21 -21.80
CA LYS D 427 -4.03 -41.09 -20.89
C LYS D 427 -3.18 -42.31 -20.54
#